data_6YF0
# 
_entry.id   6YF0 
# 
_audit_conform.dict_name       mmcif_pdbx.dic 
_audit_conform.dict_version    5.383 
_audit_conform.dict_location   http://mmcif.pdb.org/dictionaries/ascii/mmcif_pdbx.dic 
# 
loop_
_database_2.database_id 
_database_2.database_code 
_database_2.pdbx_database_accession 
_database_2.pdbx_DOI 
PDB   6YF0         pdb_00006yf0 10.2210/pdb6yf0/pdb 
WWPDB D_1292107536 ?            ?                   
# 
loop_
_pdbx_audit_revision_history.ordinal 
_pdbx_audit_revision_history.data_content_type 
_pdbx_audit_revision_history.major_revision 
_pdbx_audit_revision_history.minor_revision 
_pdbx_audit_revision_history.revision_date 
1 'Structure model' 1 0 2021-03-10 
2 'Structure model' 1 1 2021-05-05 
3 'Structure model' 1 2 2021-09-29 
4 'Structure model' 1 3 2024-01-24 
# 
_pdbx_audit_revision_details.ordinal             1 
_pdbx_audit_revision_details.revision_ordinal    1 
_pdbx_audit_revision_details.data_content_type   'Structure model' 
_pdbx_audit_revision_details.provider            repository 
_pdbx_audit_revision_details.type                'Initial release' 
_pdbx_audit_revision_details.description         ? 
_pdbx_audit_revision_details.details             ? 
# 
loop_
_pdbx_audit_revision_group.ordinal 
_pdbx_audit_revision_group.revision_ordinal 
_pdbx_audit_revision_group.data_content_type 
_pdbx_audit_revision_group.group 
1 2 'Structure model' 'Database references'    
2 3 'Structure model' 'Database references'    
3 4 'Structure model' 'Data collection'        
4 4 'Structure model' 'Refinement description' 
# 
loop_
_pdbx_audit_revision_category.ordinal 
_pdbx_audit_revision_category.revision_ordinal 
_pdbx_audit_revision_category.data_content_type 
_pdbx_audit_revision_category.category 
1 2 'Structure model' citation                      
2 2 'Structure model' citation_author               
3 3 'Structure model' citation                      
4 3 'Structure model' database_2                    
5 4 'Structure model' chem_comp_atom                
6 4 'Structure model' chem_comp_bond                
7 4 'Structure model' pdbx_initial_refinement_model 
# 
loop_
_pdbx_audit_revision_item.ordinal 
_pdbx_audit_revision_item.revision_ordinal 
_pdbx_audit_revision_item.data_content_type 
_pdbx_audit_revision_item.item 
1 2 'Structure model' '_citation.pdbx_database_id_DOI'      
2 2 'Structure model' '_citation.pdbx_database_id_PubMed'   
3 2 'Structure model' '_citation.title'                     
4 3 'Structure model' '_citation.journal_volume'            
5 3 'Structure model' '_citation.page_first'                
6 3 'Structure model' '_database_2.pdbx_DOI'                
7 3 'Structure model' '_database_2.pdbx_database_accession' 
# 
_pdbx_database_status.status_code                     REL 
_pdbx_database_status.status_code_sf                  REL 
_pdbx_database_status.status_code_mr                  ? 
_pdbx_database_status.entry_id                        6YF0 
_pdbx_database_status.recvd_initial_deposition_date   2020-03-25 
_pdbx_database_status.SG_entry                        N 
_pdbx_database_status.deposit_site                    PDBE 
_pdbx_database_status.process_site                    PDBE 
_pdbx_database_status.status_code_cs                  ? 
_pdbx_database_status.status_code_nmr_data            ? 
_pdbx_database_status.methods_development_category    ? 
_pdbx_database_status.pdb_format_compatible           Y 
# 
_audit_author.name               'Kallen, J.' 
_audit_author.pdbx_ordinal       1 
_audit_author.identifier_ORCID   0000-0002-9389-9056 
# 
_citation.abstract                  ? 
_citation.abstract_id_CAS           ? 
_citation.book_id_ISBN              ? 
_citation.book_publisher            ? 
_citation.book_publisher_city       ? 
_citation.book_title                ? 
_citation.coordinate_linkage        ? 
_citation.country                   US 
_citation.database_id_Medline       ? 
_citation.details                   ? 
_citation.id                        primary 
_citation.journal_abbrev            'Cell Chem Biol' 
_citation.journal_id_ASTM           ? 
_citation.journal_id_CSD            ? 
_citation.journal_id_ISSN           2451-9456 
_citation.journal_full              ? 
_citation.journal_issue             ? 
_citation.journal_volume            28 
_citation.language                  ? 
_citation.page_first                1271 
_citation.page_last                 ? 
_citation.title                     
'Phenotypic screen identifies calcineurin-sparing FK506 analogs as BMP potentiators for treatment of acute kidney injury.' 
_citation.year                      2021 
_citation.database_id_CSD           ? 
_citation.pdbx_database_id_DOI      10.1016/j.chembiol.2021.04.001 
_citation.pdbx_database_id_PubMed   33894161 
_citation.unpublished_flag          ? 
# 
loop_
_citation_author.citation_id 
_citation_author.name 
_citation_author.ordinal 
_citation_author.identifier_ORCID 
primary 'Larraufie, M.H.'  1  ? 
primary 'Gao, X.'          2  ? 
primary 'Xia, X.'          3  ? 
primary 'Devine, P.J.'     4  ? 
primary 'Kallen, J.'       5  ? 
primary 'Liu, D.'          6  ? 
primary 'Michaud, G.'      7  ? 
primary 'Harsch, A.'       8  ? 
primary 'Savage, N.'       9  ? 
primary 'Ding, J.'         10 ? 
primary 'Tan, K.'          11 ? 
primary 'Mihalic, M.'      12 ? 
primary 'Roggo, S.'        13 ? 
primary 'Canham, S.M.'     14 ? 
primary 'Bushell, S.M.'    15 ? 
primary 'Krastel, P.'      16 ? 
primary 'Gao, J.'          17 ? 
primary 'Izaac, A.'        18 ? 
primary 'Altinoglu, E.'    19 ? 
primary 'Lustenberger, P.' 20 ? 
primary 'Salcius, M.'      21 ? 
primary 'Harbinski, F.'    22 ? 
primary 'Williams, E.T.'   23 ? 
primary 'Zeng, L.'         24 ? 
primary 'Loureiro, J.'     25 ? 
primary 'Cong, F.'         26 ? 
primary 'Fryer, C.J.'      27 ? 
primary 'Klickstein, L.'   28 ? 
primary 'Tallarico, J.A.'  29 ? 
primary 'Jain, R.K.'       30 ? 
primary 'Rothman, D.M.'    31 ? 
primary 'Wang, S.'         32 ? 
# 
loop_
_entity.id 
_entity.type 
_entity.src_method 
_entity.pdbx_description 
_entity.formula_weight 
_entity.pdbx_number_of_molecules 
_entity.pdbx_ec 
_entity.pdbx_mutation 
_entity.pdbx_fragment 
_entity.details 
1 polymer     man 'Peptidyl-prolyl cis-trans isomerase FKBP1A' 11990.676 1   5.2.1.8 ? ? ? 
2 non-polymer syn 18-HYDROXYASCOMYCIN                          808.007   1   ?       ? ? ? 
3 non-polymer syn 'SULFATE ION'                                96.063    1   ?       ? ? ? 
4 water       nat water                                        18.015    171 ?       ? ? ? 
# 
_entity_name_com.entity_id   1 
_entity_name_com.name        
'PPIase FKBP1A,12 kDa FK506-binding protein,FKBP-12,Calstabin-1,FK506-binding protein 1A,FKBP-1A,Immunophilin FKBP12,Rotamase' 
# 
_entity_poly.entity_id                      1 
_entity_poly.type                           'polypeptide(L)' 
_entity_poly.nstd_linkage                   no 
_entity_poly.nstd_monomer                   no 
_entity_poly.pdbx_seq_one_letter_code       
;GPGVQVETISPGDGRTFPKRGQTCVVHYTGMLEDGKKFDSSRDRNKPFKFMLGKQEVIRGWEEGVAQMSVGQRAKLTISP
DYAYGATGHPGIIPPHATLVFDVELLKLE
;
_entity_poly.pdbx_seq_one_letter_code_can   
;GPGVQVETISPGDGRTFPKRGQTCVVHYTGMLEDGKKFDSSRDRNKPFKFMLGKQEVIRGWEEGVAQMSVGQRAKLTISP
DYAYGATGHPGIIPPHATLVFDVELLKLE
;
_entity_poly.pdbx_strand_id                 A 
_entity_poly.pdbx_target_identifier         ? 
# 
loop_
_pdbx_entity_nonpoly.entity_id 
_pdbx_entity_nonpoly.name 
_pdbx_entity_nonpoly.comp_id 
2 18-HYDROXYASCOMYCIN 818 
3 'SULFATE ION'       SO4 
4 water               HOH 
# 
loop_
_entity_poly_seq.entity_id 
_entity_poly_seq.num 
_entity_poly_seq.mon_id 
_entity_poly_seq.hetero 
1 1   GLY n 
1 2   PRO n 
1 3   GLY n 
1 4   VAL n 
1 5   GLN n 
1 6   VAL n 
1 7   GLU n 
1 8   THR n 
1 9   ILE n 
1 10  SER n 
1 11  PRO n 
1 12  GLY n 
1 13  ASP n 
1 14  GLY n 
1 15  ARG n 
1 16  THR n 
1 17  PHE n 
1 18  PRO n 
1 19  LYS n 
1 20  ARG n 
1 21  GLY n 
1 22  GLN n 
1 23  THR n 
1 24  CYS n 
1 25  VAL n 
1 26  VAL n 
1 27  HIS n 
1 28  TYR n 
1 29  THR n 
1 30  GLY n 
1 31  MET n 
1 32  LEU n 
1 33  GLU n 
1 34  ASP n 
1 35  GLY n 
1 36  LYS n 
1 37  LYS n 
1 38  PHE n 
1 39  ASP n 
1 40  SER n 
1 41  SER n 
1 42  ARG n 
1 43  ASP n 
1 44  ARG n 
1 45  ASN n 
1 46  LYS n 
1 47  PRO n 
1 48  PHE n 
1 49  LYS n 
1 50  PHE n 
1 51  MET n 
1 52  LEU n 
1 53  GLY n 
1 54  LYS n 
1 55  GLN n 
1 56  GLU n 
1 57  VAL n 
1 58  ILE n 
1 59  ARG n 
1 60  GLY n 
1 61  TRP n 
1 62  GLU n 
1 63  GLU n 
1 64  GLY n 
1 65  VAL n 
1 66  ALA n 
1 67  GLN n 
1 68  MET n 
1 69  SER n 
1 70  VAL n 
1 71  GLY n 
1 72  GLN n 
1 73  ARG n 
1 74  ALA n 
1 75  LYS n 
1 76  LEU n 
1 77  THR n 
1 78  ILE n 
1 79  SER n 
1 80  PRO n 
1 81  ASP n 
1 82  TYR n 
1 83  ALA n 
1 84  TYR n 
1 85  GLY n 
1 86  ALA n 
1 87  THR n 
1 88  GLY n 
1 89  HIS n 
1 90  PRO n 
1 91  GLY n 
1 92  ILE n 
1 93  ILE n 
1 94  PRO n 
1 95  PRO n 
1 96  HIS n 
1 97  ALA n 
1 98  THR n 
1 99  LEU n 
1 100 VAL n 
1 101 PHE n 
1 102 ASP n 
1 103 VAL n 
1 104 GLU n 
1 105 LEU n 
1 106 LEU n 
1 107 LYS n 
1 108 LEU n 
1 109 GLU n 
# 
_entity_src_gen.entity_id                          1 
_entity_src_gen.pdbx_src_id                        1 
_entity_src_gen.pdbx_alt_source_flag               sample 
_entity_src_gen.pdbx_seq_type                      'Biological sequence' 
_entity_src_gen.pdbx_beg_seq_num                   1 
_entity_src_gen.pdbx_end_seq_num                   109 
_entity_src_gen.gene_src_common_name               Human 
_entity_src_gen.gene_src_genus                     ? 
_entity_src_gen.pdbx_gene_src_gene                 'FKBP1A, FKBP1, FKBP12' 
_entity_src_gen.gene_src_species                   ? 
_entity_src_gen.gene_src_strain                    ? 
_entity_src_gen.gene_src_tissue                    ? 
_entity_src_gen.gene_src_tissue_fraction           ? 
_entity_src_gen.gene_src_details                   ? 
_entity_src_gen.pdbx_gene_src_fragment             ? 
_entity_src_gen.pdbx_gene_src_scientific_name      'Homo sapiens' 
_entity_src_gen.pdbx_gene_src_ncbi_taxonomy_id     9606 
_entity_src_gen.pdbx_gene_src_variant              ? 
_entity_src_gen.pdbx_gene_src_cell_line            ? 
_entity_src_gen.pdbx_gene_src_atcc                 ? 
_entity_src_gen.pdbx_gene_src_organ                ? 
_entity_src_gen.pdbx_gene_src_organelle            ? 
_entity_src_gen.pdbx_gene_src_cell                 ? 
_entity_src_gen.pdbx_gene_src_cellular_location    ? 
_entity_src_gen.host_org_common_name               ? 
_entity_src_gen.pdbx_host_org_scientific_name      'Escherichia coli BL21' 
_entity_src_gen.pdbx_host_org_ncbi_taxonomy_id     511693 
_entity_src_gen.host_org_genus                     ? 
_entity_src_gen.pdbx_host_org_gene                 ? 
_entity_src_gen.pdbx_host_org_organ                ? 
_entity_src_gen.host_org_species                   ? 
_entity_src_gen.pdbx_host_org_tissue               ? 
_entity_src_gen.pdbx_host_org_tissue_fraction      ? 
_entity_src_gen.pdbx_host_org_strain               ? 
_entity_src_gen.pdbx_host_org_variant              ? 
_entity_src_gen.pdbx_host_org_cell_line            ? 
_entity_src_gen.pdbx_host_org_atcc                 ? 
_entity_src_gen.pdbx_host_org_culture_collection   ? 
_entity_src_gen.pdbx_host_org_cell                 ? 
_entity_src_gen.pdbx_host_org_organelle            ? 
_entity_src_gen.pdbx_host_org_cellular_location    ? 
_entity_src_gen.pdbx_host_org_vector_type          plasmid 
_entity_src_gen.pdbx_host_org_vector               ? 
_entity_src_gen.host_org_details                   ? 
_entity_src_gen.expression_system_id               ? 
_entity_src_gen.plasmid_name                       ? 
_entity_src_gen.plasmid_details                    ? 
_entity_src_gen.pdbx_description                   ? 
# 
loop_
_chem_comp.id 
_chem_comp.type 
_chem_comp.mon_nstd_flag 
_chem_comp.name 
_chem_comp.pdbx_synonyms 
_chem_comp.formula 
_chem_comp.formula_weight 
818 non-polymer         . 18-HYDROXYASCOMYCIN L-685,818 'C43 H69 N O13'  808.007 
ALA 'L-peptide linking' y ALANINE             ?         'C3 H7 N O2'     89.093  
ARG 'L-peptide linking' y ARGININE            ?         'C6 H15 N4 O2 1' 175.209 
ASN 'L-peptide linking' y ASPARAGINE          ?         'C4 H8 N2 O3'    132.118 
ASP 'L-peptide linking' y 'ASPARTIC ACID'     ?         'C4 H7 N O4'     133.103 
CYS 'L-peptide linking' y CYSTEINE            ?         'C3 H7 N O2 S'   121.158 
GLN 'L-peptide linking' y GLUTAMINE           ?         'C5 H10 N2 O3'   146.144 
GLU 'L-peptide linking' y 'GLUTAMIC ACID'     ?         'C5 H9 N O4'     147.129 
GLY 'peptide linking'   y GLYCINE             ?         'C2 H5 N O2'     75.067  
HIS 'L-peptide linking' y HISTIDINE           ?         'C6 H10 N3 O2 1' 156.162 
HOH non-polymer         . WATER               ?         'H2 O'           18.015  
ILE 'L-peptide linking' y ISOLEUCINE          ?         'C6 H13 N O2'    131.173 
LEU 'L-peptide linking' y LEUCINE             ?         'C6 H13 N O2'    131.173 
LYS 'L-peptide linking' y LYSINE              ?         'C6 H15 N2 O2 1' 147.195 
MET 'L-peptide linking' y METHIONINE          ?         'C5 H11 N O2 S'  149.211 
PHE 'L-peptide linking' y PHENYLALANINE       ?         'C9 H11 N O2'    165.189 
PRO 'L-peptide linking' y PROLINE             ?         'C5 H9 N O2'     115.130 
SER 'L-peptide linking' y SERINE              ?         'C3 H7 N O3'     105.093 
SO4 non-polymer         . 'SULFATE ION'       ?         'O4 S -2'        96.063  
THR 'L-peptide linking' y THREONINE           ?         'C4 H9 N O3'     119.119 
TRP 'L-peptide linking' y TRYPTOPHAN          ?         'C11 H12 N2 O2'  204.225 
TYR 'L-peptide linking' y TYROSINE            ?         'C9 H11 N O3'    181.189 
VAL 'L-peptide linking' y VALINE              ?         'C5 H11 N O2'    117.146 
# 
loop_
_pdbx_poly_seq_scheme.asym_id 
_pdbx_poly_seq_scheme.entity_id 
_pdbx_poly_seq_scheme.seq_id 
_pdbx_poly_seq_scheme.mon_id 
_pdbx_poly_seq_scheme.ndb_seq_num 
_pdbx_poly_seq_scheme.pdb_seq_num 
_pdbx_poly_seq_scheme.auth_seq_num 
_pdbx_poly_seq_scheme.pdb_mon_id 
_pdbx_poly_seq_scheme.auth_mon_id 
_pdbx_poly_seq_scheme.pdb_strand_id 
_pdbx_poly_seq_scheme.pdb_ins_code 
_pdbx_poly_seq_scheme.hetero 
A 1 1   GLY 1   -1  ?   ?   ?   A . n 
A 1 2   PRO 2   0   ?   ?   ?   A . n 
A 1 3   GLY 3   1   1   GLY GLY A . n 
A 1 4   VAL 4   2   2   VAL VAL A . n 
A 1 5   GLN 5   3   3   GLN GLN A . n 
A 1 6   VAL 6   4   4   VAL VAL A . n 
A 1 7   GLU 7   5   5   GLU GLU A . n 
A 1 8   THR 8   6   6   THR THR A . n 
A 1 9   ILE 9   7   7   ILE ILE A . n 
A 1 10  SER 10  8   8   SER SER A . n 
A 1 11  PRO 11  9   9   PRO PRO A . n 
A 1 12  GLY 12  10  10  GLY GLY A . n 
A 1 13  ASP 13  11  11  ASP ASP A . n 
A 1 14  GLY 14  12  12  GLY GLY A . n 
A 1 15  ARG 15  13  13  ARG ARG A . n 
A 1 16  THR 16  14  14  THR THR A . n 
A 1 17  PHE 17  15  15  PHE PHE A . n 
A 1 18  PRO 18  16  16  PRO PRO A . n 
A 1 19  LYS 19  17  17  LYS LYS A . n 
A 1 20  ARG 20  18  18  ARG ARG A . n 
A 1 21  GLY 21  19  19  GLY GLY A . n 
A 1 22  GLN 22  20  20  GLN GLN A . n 
A 1 23  THR 23  21  21  THR THR A . n 
A 1 24  CYS 24  22  22  CYS CYS A . n 
A 1 25  VAL 25  23  23  VAL VAL A . n 
A 1 26  VAL 26  24  24  VAL VAL A . n 
A 1 27  HIS 27  25  25  HIS HIS A . n 
A 1 28  TYR 28  26  26  TYR TYR A . n 
A 1 29  THR 29  27  27  THR THR A . n 
A 1 30  GLY 30  28  28  GLY GLY A . n 
A 1 31  MET 31  29  29  MET MET A . n 
A 1 32  LEU 32  30  30  LEU LEU A . n 
A 1 33  GLU 33  31  31  GLU GLU A . n 
A 1 34  ASP 34  32  32  ASP ASP A . n 
A 1 35  GLY 35  33  33  GLY GLY A . n 
A 1 36  LYS 36  34  34  LYS LYS A . n 
A 1 37  LYS 37  35  35  LYS LYS A . n 
A 1 38  PHE 38  36  36  PHE PHE A . n 
A 1 39  ASP 39  37  37  ASP ASP A . n 
A 1 40  SER 40  38  38  SER SER A . n 
A 1 41  SER 41  39  39  SER SER A . n 
A 1 42  ARG 42  40  40  ARG ARG A . n 
A 1 43  ASP 43  41  41  ASP ASP A . n 
A 1 44  ARG 44  42  42  ARG ARG A . n 
A 1 45  ASN 45  43  43  ASN ASN A . n 
A 1 46  LYS 46  44  44  LYS LYS A . n 
A 1 47  PRO 47  45  45  PRO PRO A . n 
A 1 48  PHE 48  46  46  PHE PHE A . n 
A 1 49  LYS 49  47  47  LYS LYS A . n 
A 1 50  PHE 50  48  48  PHE PHE A . n 
A 1 51  MET 51  49  49  MET MET A . n 
A 1 52  LEU 52  50  50  LEU LEU A . n 
A 1 53  GLY 53  51  51  GLY GLY A . n 
A 1 54  LYS 54  52  52  LYS LYS A . n 
A 1 55  GLN 55  53  53  GLN GLN A . n 
A 1 56  GLU 56  54  54  GLU GLU A . n 
A 1 57  VAL 57  55  55  VAL VAL A . n 
A 1 58  ILE 58  56  56  ILE ILE A . n 
A 1 59  ARG 59  57  57  ARG ARG A . n 
A 1 60  GLY 60  58  58  GLY GLY A . n 
A 1 61  TRP 61  59  59  TRP TRP A . n 
A 1 62  GLU 62  60  60  GLU GLU A . n 
A 1 63  GLU 63  61  61  GLU GLU A . n 
A 1 64  GLY 64  62  62  GLY GLY A . n 
A 1 65  VAL 65  63  63  VAL VAL A . n 
A 1 66  ALA 66  64  64  ALA ALA A . n 
A 1 67  GLN 67  65  65  GLN GLN A . n 
A 1 68  MET 68  66  66  MET MET A . n 
A 1 69  SER 69  67  67  SER SER A . n 
A 1 70  VAL 70  68  68  VAL VAL A . n 
A 1 71  GLY 71  69  69  GLY GLY A . n 
A 1 72  GLN 72  70  70  GLN GLN A . n 
A 1 73  ARG 73  71  71  ARG ARG A . n 
A 1 74  ALA 74  72  72  ALA ALA A . n 
A 1 75  LYS 75  73  73  LYS LYS A . n 
A 1 76  LEU 76  74  74  LEU LEU A . n 
A 1 77  THR 77  75  75  THR THR A . n 
A 1 78  ILE 78  76  76  ILE ILE A . n 
A 1 79  SER 79  77  77  SER SER A . n 
A 1 80  PRO 80  78  78  PRO PRO A . n 
A 1 81  ASP 81  79  79  ASP ASP A . n 
A 1 82  TYR 82  80  80  TYR TYR A . n 
A 1 83  ALA 83  81  81  ALA ALA A . n 
A 1 84  TYR 84  82  82  TYR TYR A . n 
A 1 85  GLY 85  83  83  GLY GLY A . n 
A 1 86  ALA 86  84  84  ALA ALA A . n 
A 1 87  THR 87  85  85  THR THR A . n 
A 1 88  GLY 88  86  86  GLY GLY A . n 
A 1 89  HIS 89  87  87  HIS HIS A . n 
A 1 90  PRO 90  88  88  PRO PRO A . n 
A 1 91  GLY 91  89  89  GLY GLY A . n 
A 1 92  ILE 92  90  90  ILE ILE A . n 
A 1 93  ILE 93  91  91  ILE ILE A . n 
A 1 94  PRO 94  92  92  PRO PRO A . n 
A 1 95  PRO 95  93  93  PRO PRO A . n 
A 1 96  HIS 96  94  94  HIS HIS A . n 
A 1 97  ALA 97  95  95  ALA ALA A . n 
A 1 98  THR 98  96  96  THR THR A . n 
A 1 99  LEU 99  97  97  LEU LEU A . n 
A 1 100 VAL 100 98  98  VAL VAL A . n 
A 1 101 PHE 101 99  99  PHE PHE A . n 
A 1 102 ASP 102 100 100 ASP ASP A . n 
A 1 103 VAL 103 101 101 VAL VAL A . n 
A 1 104 GLU 104 102 102 GLU GLU A . n 
A 1 105 LEU 105 103 103 LEU LEU A . n 
A 1 106 LEU 106 104 104 LEU LEU A . n 
A 1 107 LYS 107 105 105 LYS LYS A . n 
A 1 108 LEU 108 106 106 LEU LEU A . n 
A 1 109 GLU 109 107 107 GLU GLU A . n 
# 
loop_
_pdbx_nonpoly_scheme.asym_id 
_pdbx_nonpoly_scheme.entity_id 
_pdbx_nonpoly_scheme.mon_id 
_pdbx_nonpoly_scheme.ndb_seq_num 
_pdbx_nonpoly_scheme.pdb_seq_num 
_pdbx_nonpoly_scheme.auth_seq_num 
_pdbx_nonpoly_scheme.pdb_mon_id 
_pdbx_nonpoly_scheme.auth_mon_id 
_pdbx_nonpoly_scheme.pdb_strand_id 
_pdbx_nonpoly_scheme.pdb_ins_code 
B 2 818 1   201 1   818 LI1 A . 
C 3 SO4 1   202 1   SO4 SO4 A . 
D 4 HOH 1   301 27  HOH HOH A . 
D 4 HOH 2   302 108 HOH HOH A . 
D 4 HOH 3   303 90  HOH HOH A . 
D 4 HOH 4   304 71  HOH HOH A . 
D 4 HOH 5   305 129 HOH HOH A . 
D 4 HOH 6   306 107 HOH HOH A . 
D 4 HOH 7   307 58  HOH HOH A . 
D 4 HOH 8   308 96  HOH HOH A . 
D 4 HOH 9   309 93  HOH HOH A . 
D 4 HOH 10  310 99  HOH HOH A . 
D 4 HOH 11  311 155 HOH HOH A . 
D 4 HOH 12  312 141 HOH HOH A . 
D 4 HOH 13  313 37  HOH HOH A . 
D 4 HOH 14  314 74  HOH HOH A . 
D 4 HOH 15  315 8   HOH HOH A . 
D 4 HOH 16  316 156 HOH HOH A . 
D 4 HOH 17  317 102 HOH HOH A . 
D 4 HOH 18  318 10  HOH HOH A . 
D 4 HOH 19  319 165 HOH HOH A . 
D 4 HOH 20  320 12  HOH HOH A . 
D 4 HOH 21  321 97  HOH HOH A . 
D 4 HOH 22  322 35  HOH HOH A . 
D 4 HOH 23  323 17  HOH HOH A . 
D 4 HOH 24  324 26  HOH HOH A . 
D 4 HOH 25  325 34  HOH HOH A . 
D 4 HOH 26  326 78  HOH HOH A . 
D 4 HOH 27  327 38  HOH HOH A . 
D 4 HOH 28  328 22  HOH HOH A . 
D 4 HOH 29  329 51  HOH HOH A . 
D 4 HOH 30  330 75  HOH HOH A . 
D 4 HOH 31  331 56  HOH HOH A . 
D 4 HOH 32  332 94  HOH HOH A . 
D 4 HOH 33  333 18  HOH HOH A . 
D 4 HOH 34  334 117 HOH HOH A . 
D 4 HOH 35  335 7   HOH HOH A . 
D 4 HOH 36  336 60  HOH HOH A . 
D 4 HOH 37  337 50  HOH HOH A . 
D 4 HOH 38  338 134 HOH HOH A . 
D 4 HOH 39  339 4   HOH HOH A . 
D 4 HOH 40  340 53  HOH HOH A . 
D 4 HOH 41  341 49  HOH HOH A . 
D 4 HOH 42  342 64  HOH HOH A . 
D 4 HOH 43  343 140 HOH HOH A . 
D 4 HOH 44  344 164 HOH HOH A . 
D 4 HOH 45  345 2   HOH HOH A . 
D 4 HOH 46  346 163 HOH HOH A . 
D 4 HOH 47  347 65  HOH HOH A . 
D 4 HOH 48  348 36  HOH HOH A . 
D 4 HOH 49  349 106 HOH HOH A . 
D 4 HOH 50  350 13  HOH HOH A . 
D 4 HOH 51  351 45  HOH HOH A . 
D 4 HOH 52  352 139 HOH HOH A . 
D 4 HOH 53  353 41  HOH HOH A . 
D 4 HOH 54  354 160 HOH HOH A . 
D 4 HOH 55  355 14  HOH HOH A . 
D 4 HOH 56  356 77  HOH HOH A . 
D 4 HOH 57  357 29  HOH HOH A . 
D 4 HOH 58  358 6   HOH HOH A . 
D 4 HOH 59  359 144 HOH HOH A . 
D 4 HOH 60  360 86  HOH HOH A . 
D 4 HOH 61  361 142 HOH HOH A . 
D 4 HOH 62  362 149 HOH HOH A . 
D 4 HOH 63  363 100 HOH HOH A . 
D 4 HOH 64  364 154 HOH HOH A . 
D 4 HOH 65  365 31  HOH HOH A . 
D 4 HOH 66  366 114 HOH HOH A . 
D 4 HOH 67  367 33  HOH HOH A . 
D 4 HOH 68  368 84  HOH HOH A . 
D 4 HOH 69  369 32  HOH HOH A . 
D 4 HOH 70  370 3   HOH HOH A . 
D 4 HOH 71  371 83  HOH HOH A . 
D 4 HOH 72  372 131 HOH HOH A . 
D 4 HOH 73  373 85  HOH HOH A . 
D 4 HOH 74  374 158 HOH HOH A . 
D 4 HOH 75  375 168 HOH HOH A . 
D 4 HOH 76  376 98  HOH HOH A . 
D 4 HOH 77  377 48  HOH HOH A . 
D 4 HOH 78  378 89  HOH HOH A . 
D 4 HOH 79  379 20  HOH HOH A . 
D 4 HOH 80  380 91  HOH HOH A . 
D 4 HOH 81  381 113 HOH HOH A . 
D 4 HOH 82  382 159 HOH HOH A . 
D 4 HOH 83  383 124 HOH HOH A . 
D 4 HOH 84  384 23  HOH HOH A . 
D 4 HOH 85  385 30  HOH HOH A . 
D 4 HOH 86  386 55  HOH HOH A . 
D 4 HOH 87  387 5   HOH HOH A . 
D 4 HOH 88  388 21  HOH HOH A . 
D 4 HOH 89  389 151 HOH HOH A . 
D 4 HOH 90  390 11  HOH HOH A . 
D 4 HOH 91  391 145 HOH HOH A . 
D 4 HOH 92  392 1   HOH HOH A . 
D 4 HOH 93  393 138 HOH HOH A . 
D 4 HOH 94  394 119 HOH HOH A . 
D 4 HOH 95  395 126 HOH HOH A . 
D 4 HOH 96  396 88  HOH HOH A . 
D 4 HOH 97  397 123 HOH HOH A . 
D 4 HOH 98  398 25  HOH HOH A . 
D 4 HOH 99  399 115 HOH HOH A . 
D 4 HOH 100 400 120 HOH HOH A . 
D 4 HOH 101 401 127 HOH HOH A . 
D 4 HOH 102 402 109 HOH HOH A . 
D 4 HOH 103 403 125 HOH HOH A . 
D 4 HOH 104 404 15  HOH HOH A . 
D 4 HOH 105 405 80  HOH HOH A . 
D 4 HOH 106 406 130 HOH HOH A . 
D 4 HOH 107 407 169 HOH HOH A . 
D 4 HOH 108 408 57  HOH HOH A . 
D 4 HOH 109 409 39  HOH HOH A . 
D 4 HOH 110 410 66  HOH HOH A . 
D 4 HOH 111 411 166 HOH HOH A . 
D 4 HOH 112 412 118 HOH HOH A . 
D 4 HOH 113 413 150 HOH HOH A . 
D 4 HOH 114 414 122 HOH HOH A . 
D 4 HOH 115 415 137 HOH HOH A . 
D 4 HOH 116 416 28  HOH HOH A . 
D 4 HOH 117 417 152 HOH HOH A . 
D 4 HOH 118 418 110 HOH HOH A . 
D 4 HOH 119 419 105 HOH HOH A . 
D 4 HOH 120 420 44  HOH HOH A . 
D 4 HOH 121 421 95  HOH HOH A . 
D 4 HOH 122 422 47  HOH HOH A . 
D 4 HOH 123 423 153 HOH HOH A . 
D 4 HOH 124 424 9   HOH HOH A . 
D 4 HOH 125 425 61  HOH HOH A . 
D 4 HOH 126 426 128 HOH HOH A . 
D 4 HOH 127 427 104 HOH HOH A . 
D 4 HOH 128 428 79  HOH HOH A . 
D 4 HOH 129 429 112 HOH HOH A . 
D 4 HOH 130 430 171 HOH HOH A . 
D 4 HOH 131 431 40  HOH HOH A . 
D 4 HOH 132 432 132 HOH HOH A . 
D 4 HOH 133 433 143 HOH HOH A . 
D 4 HOH 134 434 157 HOH HOH A . 
D 4 HOH 135 435 133 HOH HOH A . 
D 4 HOH 136 436 101 HOH HOH A . 
D 4 HOH 137 437 54  HOH HOH A . 
D 4 HOH 138 438 62  HOH HOH A . 
D 4 HOH 139 439 103 HOH HOH A . 
D 4 HOH 140 440 24  HOH HOH A . 
D 4 HOH 141 441 121 HOH HOH A . 
D 4 HOH 142 442 167 HOH HOH A . 
D 4 HOH 143 443 135 HOH HOH A . 
D 4 HOH 144 444 73  HOH HOH A . 
D 4 HOH 145 445 116 HOH HOH A . 
D 4 HOH 146 446 70  HOH HOH A . 
D 4 HOH 147 447 42  HOH HOH A . 
D 4 HOH 148 448 59  HOH HOH A . 
D 4 HOH 149 449 161 HOH HOH A . 
D 4 HOH 150 450 170 HOH HOH A . 
D 4 HOH 151 451 76  HOH HOH A . 
D 4 HOH 152 452 148 HOH HOH A . 
D 4 HOH 153 453 111 HOH HOH A . 
D 4 HOH 154 454 72  HOH HOH A . 
D 4 HOH 155 455 19  HOH HOH A . 
D 4 HOH 156 456 81  HOH HOH A . 
D 4 HOH 157 457 147 HOH HOH A . 
D 4 HOH 158 458 92  HOH HOH A . 
D 4 HOH 159 459 16  HOH HOH A . 
D 4 HOH 160 460 162 HOH HOH A . 
D 4 HOH 161 461 43  HOH HOH A . 
D 4 HOH 162 462 52  HOH HOH A . 
D 4 HOH 163 463 87  HOH HOH A . 
D 4 HOH 164 464 136 HOH HOH A . 
D 4 HOH 165 465 68  HOH HOH A . 
D 4 HOH 166 466 69  HOH HOH A . 
D 4 HOH 167 467 146 HOH HOH A . 
D 4 HOH 168 468 82  HOH HOH A . 
D 4 HOH 169 469 46  HOH HOH A . 
D 4 HOH 170 470 67  HOH HOH A . 
D 4 HOH 171 471 63  HOH HOH A . 
# 
loop_
_software.citation_id 
_software.classification 
_software.compiler_name 
_software.compiler_version 
_software.contact_author 
_software.contact_author_email 
_software.date 
_software.description 
_software.dependencies 
_software.hardware 
_software.language 
_software.location 
_software.mods 
_software.name 
_software.os 
_software.os_version 
_software.type 
_software.version 
_software.pdbx_ordinal 
? 'data reduction'  ? ? 'Wolfgang Kabsch'    Wolfgang.Kabsch@mpimf-heidelberg.mpg.de ?              ? ? ? ?          
http://www.mpimf-heidelberg.mpg.de/~kabsch/xds/                             ? XDS         ? ? package .        1 
? 'data scaling'    ? ? 'Wolfgang Kabsch'    ?                                       ?              ? ? ? ?          
http://www.mpimf-heidelberg.mpg.de/~kabsch/xds/html_doc/xscale_program.html ? XSCALE      ? ? package .        2 
? phasing           ? ? 'Randy J. Read'      cimr-phaser@lists.cam.ac.uk             ?              ? ? ? ?          
http://www-structmed.cimr.cam.ac.uk/phaser/                                 ? PHASER      ? ? program .        3 
? refinement        ? ? 'Garib N. Murshudov' garib@ysbl.york.ac.uk                   ?              ? ? ? Fortran_77 
http://www.ccp4.ac.uk/dist/html/refmac5.html                                ? REFMAC      ? ? program 5.7.0032 4 
? 'data extraction' ? ? PDB                  deposit@deposit.rcsb.org                'Apr. 1, 2019' ? ? ? C++        
http://sw-tools.pdb.org/apps/PDB_EXTRACT/                                   ? PDB_EXTRACT ? ? package 3.25     5 
# 
_cell.angle_alpha                  90.000 
_cell.angle_alpha_esd              ? 
_cell.angle_beta                   90.000 
_cell.angle_beta_esd               ? 
_cell.angle_gamma                  120.000 
_cell.angle_gamma_esd              ? 
_cell.entry_id                     6YF0 
_cell.details                      ? 
_cell.formula_units_Z              ? 
_cell.length_a                     62.338 
_cell.length_a_esd                 ? 
_cell.length_b                     62.338 
_cell.length_b_esd                 ? 
_cell.length_c                     135.408 
_cell.length_c_esd                 ? 
_cell.volume                       ? 
_cell.volume_esd                   ? 
_cell.Z_PDB                        12 
_cell.reciprocal_angle_alpha       ? 
_cell.reciprocal_angle_beta        ? 
_cell.reciprocal_angle_gamma       ? 
_cell.reciprocal_angle_alpha_esd   ? 
_cell.reciprocal_angle_beta_esd    ? 
_cell.reciprocal_angle_gamma_esd   ? 
_cell.reciprocal_length_a          ? 
_cell.reciprocal_length_b          ? 
_cell.reciprocal_length_c          ? 
_cell.reciprocal_length_a_esd      ? 
_cell.reciprocal_length_b_esd      ? 
_cell.reciprocal_length_c_esd      ? 
_cell.pdbx_unique_axis             ? 
# 
_symmetry.entry_id                         6YF0 
_symmetry.cell_setting                     ? 
_symmetry.Int_Tables_number                178 
_symmetry.space_group_name_Hall            ? 
_symmetry.space_group_name_H-M             'P 61 2 2' 
_symmetry.pdbx_full_space_group_name_H-M   ? 
# 
_exptl.absorpt_coefficient_mu     ? 
_exptl.absorpt_correction_T_max   ? 
_exptl.absorpt_correction_T_min   ? 
_exptl.absorpt_correction_type    ? 
_exptl.absorpt_process_details    ? 
_exptl.entry_id                   6YF0 
_exptl.crystals_number            1 
_exptl.details                    ? 
_exptl.method                     'X-RAY DIFFRACTION' 
_exptl.method_details             ? 
# 
_exptl_crystal.colour                      ? 
_exptl_crystal.density_diffrn              ? 
_exptl_crystal.density_Matthews            3.17 
_exptl_crystal.density_method              ? 
_exptl_crystal.density_percent_sol         61.16 
_exptl_crystal.description                 ? 
_exptl_crystal.F_000                       ? 
_exptl_crystal.id                          1 
_exptl_crystal.preparation                 ? 
_exptl_crystal.size_max                    ? 
_exptl_crystal.size_mid                    ? 
_exptl_crystal.size_min                    ? 
_exptl_crystal.size_rad                    ? 
_exptl_crystal.colour_lustre               ? 
_exptl_crystal.colour_modifier             ? 
_exptl_crystal.colour_primary              ? 
_exptl_crystal.density_meas                ? 
_exptl_crystal.density_meas_esd            ? 
_exptl_crystal.density_meas_gt             ? 
_exptl_crystal.density_meas_lt             ? 
_exptl_crystal.density_meas_temp           ? 
_exptl_crystal.density_meas_temp_esd       ? 
_exptl_crystal.density_meas_temp_gt        ? 
_exptl_crystal.density_meas_temp_lt        ? 
_exptl_crystal.pdbx_crystal_image_url      ? 
_exptl_crystal.pdbx_crystal_image_format   ? 
_exptl_crystal.pdbx_mosaicity              ? 
_exptl_crystal.pdbx_mosaicity_esd          ? 
# 
_exptl_crystal_grow.apparatus       ? 
_exptl_crystal_grow.atmosphere      ? 
_exptl_crystal_grow.crystal_id      1 
_exptl_crystal_grow.details         ? 
_exptl_crystal_grow.method          'VAPOR DIFFUSION, HANGING DROP' 
_exptl_crystal_grow.method_ref      ? 
_exptl_crystal_grow.pH              5.6 
_exptl_crystal_grow.pressure        ? 
_exptl_crystal_grow.pressure_esd    ? 
_exptl_crystal_grow.seeding         ? 
_exptl_crystal_grow.seeding_ref     ? 
_exptl_crystal_grow.temp            298 
_exptl_crystal_grow.temp_details    ? 
_exptl_crystal_grow.temp_esd        ? 
_exptl_crystal_grow.time            ? 
_exptl_crystal_grow.pdbx_details    '2.2 M AmSO4, 0.2 M NaThiocyanate' 
_exptl_crystal_grow.pdbx_pH_range   ? 
# 
_diffrn.ambient_environment              ? 
_diffrn.ambient_temp                     100 
_diffrn.ambient_temp_details             ? 
_diffrn.ambient_temp_esd                 ? 
_diffrn.crystal_id                       1 
_diffrn.crystal_support                  ? 
_diffrn.crystal_treatment                ? 
_diffrn.details                          ? 
_diffrn.id                               1 
_diffrn.ambient_pressure                 ? 
_diffrn.ambient_pressure_esd             ? 
_diffrn.ambient_pressure_gt              ? 
_diffrn.ambient_pressure_lt              ? 
_diffrn.ambient_temp_gt                  ? 
_diffrn.ambient_temp_lt                  ? 
_diffrn.pdbx_serial_crystal_experiment   N 
# 
_diffrn_detector.details                      ? 
_diffrn_detector.detector                     PIXEL 
_diffrn_detector.diffrn_id                    1 
_diffrn_detector.type                         'PSI PILATUS 6M' 
_diffrn_detector.area_resol_mean              ? 
_diffrn_detector.dtime                        ? 
_diffrn_detector.pdbx_frames_total            ? 
_diffrn_detector.pdbx_collection_time_total   ? 
_diffrn_detector.pdbx_collection_date         2017-02-04 
_diffrn_detector.pdbx_frequency               ? 
# 
_diffrn_radiation.collimation                      ? 
_diffrn_radiation.diffrn_id                        1 
_diffrn_radiation.filter_edge                      ? 
_diffrn_radiation.inhomogeneity                    ? 
_diffrn_radiation.monochromator                    'SI 111 channel' 
_diffrn_radiation.polarisn_norm                    ? 
_diffrn_radiation.polarisn_ratio                   ? 
_diffrn_radiation.probe                            ? 
_diffrn_radiation.type                             ? 
_diffrn_radiation.xray_symbol                      ? 
_diffrn_radiation.wavelength_id                    1 
_diffrn_radiation.pdbx_monochromatic_or_laue_m_l   M 
_diffrn_radiation.pdbx_wavelength_list             ? 
_diffrn_radiation.pdbx_wavelength                  ? 
_diffrn_radiation.pdbx_diffrn_protocol             'SINGLE WAVELENGTH' 
_diffrn_radiation.pdbx_analyzer                    ? 
_diffrn_radiation.pdbx_scattering_type             x-ray 
# 
_diffrn_radiation_wavelength.id           1 
_diffrn_radiation_wavelength.wavelength   0.99996 
_diffrn_radiation_wavelength.wt           1.0 
# 
_diffrn_source.current                     ? 
_diffrn_source.details                     ? 
_diffrn_source.diffrn_id                   1 
_diffrn_source.power                       ? 
_diffrn_source.size                        ? 
_diffrn_source.source                      SYNCHROTRON 
_diffrn_source.target                      ? 
_diffrn_source.type                        'SLS BEAMLINE X10SA' 
_diffrn_source.voltage                     ? 
_diffrn_source.take-off_angle              ? 
_diffrn_source.pdbx_wavelength_list        0.99996 
_diffrn_source.pdbx_wavelength             ? 
_diffrn_source.pdbx_synchrotron_beamline   X10SA 
_diffrn_source.pdbx_synchrotron_site       SLS 
# 
_reflns.B_iso_Wilson_estimate            31.000 
_reflns.entry_id                         6YF0 
_reflns.data_reduction_details           ? 
_reflns.data_reduction_method            ? 
_reflns.d_resolution_high                1.550 
_reflns.d_resolution_low                 19.540 
_reflns.details                          ? 
_reflns.limit_h_max                      ? 
_reflns.limit_h_min                      ? 
_reflns.limit_k_max                      ? 
_reflns.limit_k_min                      ? 
_reflns.limit_l_max                      ? 
_reflns.limit_l_min                      ? 
_reflns.number_all                       ? 
_reflns.number_obs                       23333 
_reflns.observed_criterion               ? 
_reflns.observed_criterion_F_max         ? 
_reflns.observed_criterion_F_min         ? 
_reflns.observed_criterion_I_max         ? 
_reflns.observed_criterion_I_min         ? 
_reflns.observed_criterion_sigma_F       ? 
_reflns.observed_criterion_sigma_I       ? 
_reflns.percent_possible_obs             99.700 
_reflns.R_free_details                   ? 
_reflns.Rmerge_F_all                     ? 
_reflns.Rmerge_F_obs                     ? 
_reflns.Friedel_coverage                 ? 
_reflns.number_gt                        ? 
_reflns.threshold_expression             ? 
_reflns.pdbx_redundancy                  18.800 
_reflns.pdbx_Rmerge_I_obs                0.038 
_reflns.pdbx_Rmerge_I_all                ? 
_reflns.pdbx_Rsym_value                  ? 
_reflns.pdbx_netI_over_av_sigmaI         ? 
_reflns.pdbx_netI_over_sigmaI            43.600 
_reflns.pdbx_res_netI_over_av_sigmaI_2   ? 
_reflns.pdbx_res_netI_over_sigmaI_2      ? 
_reflns.pdbx_chi_squared                 ? 
_reflns.pdbx_scaling_rejects             ? 
_reflns.pdbx_d_res_high_opt              ? 
_reflns.pdbx_d_res_low_opt               ? 
_reflns.pdbx_d_res_opt_method            ? 
_reflns.phase_calculation_details        ? 
_reflns.pdbx_Rrim_I_all                  0.040 
_reflns.pdbx_Rpim_I_all                  ? 
_reflns.pdbx_d_opt                       ? 
_reflns.pdbx_number_measured_all         ? 
_reflns.pdbx_diffrn_id                   1 
_reflns.pdbx_ordinal                     1 
_reflns.pdbx_CC_half                     ? 
_reflns.pdbx_CC_star                     ? 
_reflns.pdbx_R_split                     ? 
# 
_reflns_shell.d_res_high                  1.550 
_reflns_shell.d_res_low                   1.590 
_reflns_shell.meanI_over_sigI_all         ? 
_reflns_shell.meanI_over_sigI_obs         3.600 
_reflns_shell.number_measured_all         ? 
_reflns_shell.number_measured_obs         ? 
_reflns_shell.number_possible             ? 
_reflns_shell.number_unique_all           ? 
_reflns_shell.number_unique_obs           1596 
_reflns_shell.percent_possible_all        100.000 
_reflns_shell.percent_possible_obs        ? 
_reflns_shell.Rmerge_F_all                ? 
_reflns_shell.Rmerge_F_obs                ? 
_reflns_shell.Rmerge_I_all                ? 
_reflns_shell.Rmerge_I_obs                1.058 
_reflns_shell.meanI_over_sigI_gt          ? 
_reflns_shell.meanI_over_uI_all           ? 
_reflns_shell.meanI_over_uI_gt            ? 
_reflns_shell.number_measured_gt          ? 
_reflns_shell.number_unique_gt            ? 
_reflns_shell.percent_possible_gt         ? 
_reflns_shell.Rmerge_F_gt                 ? 
_reflns_shell.Rmerge_I_gt                 ? 
_reflns_shell.pdbx_redundancy             19.700 
_reflns_shell.pdbx_Rsym_value             ? 
_reflns_shell.pdbx_chi_squared            ? 
_reflns_shell.pdbx_netI_over_sigmaI_all   ? 
_reflns_shell.pdbx_netI_over_sigmaI_obs   ? 
_reflns_shell.pdbx_Rrim_I_all             1.086 
_reflns_shell.pdbx_Rpim_I_all             0.917 
_reflns_shell.pdbx_rejects                ? 
_reflns_shell.pdbx_ordinal                1 
_reflns_shell.pdbx_diffrn_id              1 
_reflns_shell.pdbx_CC_half                ? 
_reflns_shell.pdbx_CC_star                ? 
_reflns_shell.pdbx_R_split                ? 
# 
_refine.aniso_B[1][1]                            0.0000 
_refine.aniso_B[1][2]                            0.0000 
_refine.aniso_B[1][3]                            0.0000 
_refine.aniso_B[2][2]                            0.0000 
_refine.aniso_B[2][3]                            0.0000 
_refine.aniso_B[3][3]                            -0.0100 
_refine.B_iso_max                                65.140 
_refine.B_iso_mean                               28.5250 
_refine.B_iso_min                                15.870 
_refine.correlation_coeff_Fo_to_Fc               0.9540 
_refine.correlation_coeff_Fo_to_Fc_free          0.9460 
_refine.details                                  
'HYDROGENS HAVE BEEN USED IF PRESENT IN THE INPUT U VALUES      : REFINED INDIVIDUALLY' 
_refine.diff_density_max                         ? 
_refine.diff_density_max_esd                     ? 
_refine.diff_density_min                         ? 
_refine.diff_density_min_esd                     ? 
_refine.diff_density_rms                         ? 
_refine.diff_density_rms_esd                     ? 
_refine.entry_id                                 6YF0 
_refine.pdbx_refine_id                           'X-RAY DIFFRACTION' 
_refine.ls_abs_structure_details                 ? 
_refine.ls_abs_structure_Flack                   ? 
_refine.ls_abs_structure_Flack_esd               ? 
_refine.ls_abs_structure_Rogers                  ? 
_refine.ls_abs_structure_Rogers_esd              ? 
_refine.ls_d_res_high                            1.5500 
_refine.ls_d_res_low                             19.5400 
_refine.ls_extinction_coef                       ? 
_refine.ls_extinction_coef_esd                   ? 
_refine.ls_extinction_expression                 ? 
_refine.ls_extinction_method                     ? 
_refine.ls_goodness_of_fit_all                   ? 
_refine.ls_goodness_of_fit_all_esd               ? 
_refine.ls_goodness_of_fit_obs                   ? 
_refine.ls_goodness_of_fit_obs_esd               ? 
_refine.ls_hydrogen_treatment                    ? 
_refine.ls_matrix_type                           ? 
_refine.ls_number_constraints                    ? 
_refine.ls_number_parameters                     ? 
_refine.ls_number_reflns_all                     ? 
_refine.ls_number_reflns_obs                     22165 
_refine.ls_number_reflns_R_free                  1167 
_refine.ls_number_reflns_R_work                  ? 
_refine.ls_number_restraints                     ? 
_refine.ls_percent_reflns_obs                    99.7100 
_refine.ls_percent_reflns_R_free                 5.0000 
_refine.ls_R_factor_all                          ? 
_refine.ls_R_factor_obs                          0.2378 
_refine.ls_R_factor_R_free                       0.2571 
_refine.ls_R_factor_R_free_error                 ? 
_refine.ls_R_factor_R_free_error_details         ? 
_refine.ls_R_factor_R_work                       0.2368 
_refine.ls_R_Fsqd_factor_obs                     ? 
_refine.ls_R_I_factor_obs                        ? 
_refine.ls_redundancy_reflns_all                 ? 
_refine.ls_redundancy_reflns_obs                 ? 
_refine.ls_restrained_S_all                      ? 
_refine.ls_restrained_S_obs                      ? 
_refine.ls_shift_over_esd_max                    ? 
_refine.ls_shift_over_esd_mean                   ? 
_refine.ls_structure_factor_coef                 ? 
_refine.ls_weighting_details                     ? 
_refine.ls_weighting_scheme                      ? 
_refine.ls_wR_factor_all                         ? 
_refine.ls_wR_factor_obs                         ? 
_refine.ls_wR_factor_R_free                      ? 
_refine.ls_wR_factor_R_work                      ? 
_refine.occupancy_max                            ? 
_refine.occupancy_min                            ? 
_refine.solvent_model_details                    ? 
_refine.solvent_model_param_bsol                 ? 
_refine.solvent_model_param_ksol                 ? 
_refine.pdbx_R_complete                          ? 
_refine.ls_R_factor_gt                           ? 
_refine.ls_goodness_of_fit_gt                    ? 
_refine.ls_goodness_of_fit_ref                   ? 
_refine.ls_shift_over_su_max                     ? 
_refine.ls_shift_over_su_max_lt                  ? 
_refine.ls_shift_over_su_mean                    ? 
_refine.ls_shift_over_su_mean_lt                 ? 
_refine.pdbx_ls_sigma_I                          ? 
_refine.pdbx_ls_sigma_F                          0.000 
_refine.pdbx_ls_sigma_Fsqd                       ? 
_refine.pdbx_data_cutoff_high_absF               ? 
_refine.pdbx_data_cutoff_high_rms_absF           ? 
_refine.pdbx_data_cutoff_low_absF                ? 
_refine.pdbx_isotropic_thermal_model             ? 
_refine.pdbx_ls_cross_valid_method               THROUGHOUT 
_refine.pdbx_method_to_determine_struct          'MOLECULAR REPLACEMENT' 
_refine.pdbx_starting_model                      4DH0 
_refine.pdbx_stereochemistry_target_values       ? 
_refine.pdbx_R_Free_selection_details            RANDOM 
_refine.pdbx_stereochem_target_val_spec_case     ? 
_refine.pdbx_overall_ESU_R                       0.0920 
_refine.pdbx_overall_ESU_R_Free                  0.0900 
_refine.pdbx_solvent_vdw_probe_radii             1.2000 
_refine.pdbx_solvent_ion_probe_radii             0.8000 
_refine.pdbx_solvent_shrinkage_radii             0.8000 
_refine.pdbx_real_space_R                        ? 
_refine.pdbx_density_correlation                 ? 
_refine.pdbx_pd_number_of_powder_patterns        ? 
_refine.pdbx_pd_number_of_points                 ? 
_refine.pdbx_pd_meas_number_of_points            ? 
_refine.pdbx_pd_proc_ls_prof_R_factor            ? 
_refine.pdbx_pd_proc_ls_prof_wR_factor           ? 
_refine.pdbx_pd_Marquardt_correlation_coeff      ? 
_refine.pdbx_pd_Fsqrd_R_factor                   ? 
_refine.pdbx_pd_ls_matrix_band_width             ? 
_refine.pdbx_overall_phase_error                 ? 
_refine.pdbx_overall_SU_R_free_Cruickshank_DPI   ? 
_refine.pdbx_overall_SU_R_free_Blow_DPI          ? 
_refine.pdbx_overall_SU_R_Blow_DPI               ? 
_refine.pdbx_TLS_residual_ADP_flag               ? 
_refine.pdbx_diffrn_id                           1 
_refine.overall_SU_B                             1.8200 
_refine.overall_SU_ML                            0.0660 
_refine.overall_SU_R_Cruickshank_DPI             0.0921 
_refine.overall_SU_R_free                        ? 
_refine.overall_FOM_free_R_set                   ? 
_refine.overall_FOM_work_R_set                   ? 
_refine.pdbx_average_fsc_overall                 ? 
_refine.pdbx_average_fsc_work                    ? 
_refine.pdbx_average_fsc_free                    ? 
# 
_refine_hist.pdbx_refine_id                   'X-RAY DIFFRACTION' 
_refine_hist.cycle_id                         final 
_refine_hist.details                          ? 
_refine_hist.d_res_high                       1.5500 
_refine_hist.d_res_low                        19.5400 
_refine_hist.number_atoms_solvent             171 
_refine_hist.number_atoms_total               1065 
_refine_hist.number_reflns_all                ? 
_refine_hist.number_reflns_obs                ? 
_refine_hist.number_reflns_R_free             ? 
_refine_hist.number_reflns_R_work             ? 
_refine_hist.R_factor_all                     ? 
_refine_hist.R_factor_obs                     ? 
_refine_hist.R_factor_R_free                  ? 
_refine_hist.R_factor_R_work                  ? 
_refine_hist.pdbx_number_residues_total       107 
_refine_hist.pdbx_B_iso_mean_ligand           20.84 
_refine_hist.pdbx_B_iso_mean_solvent          40.16 
_refine_hist.pdbx_number_atoms_protein        832 
_refine_hist.pdbx_number_atoms_nucleic_acid   0 
_refine_hist.pdbx_number_atoms_ligand         62 
_refine_hist.pdbx_number_atoms_lipid          ? 
_refine_hist.pdbx_number_atoms_carb           ? 
_refine_hist.pdbx_pseudo_atom_details         ? 
# 
loop_
_refine_ls_restr.pdbx_refine_id 
_refine_ls_restr.criterion 
_refine_ls_restr.dev_ideal 
_refine_ls_restr.dev_ideal_target 
_refine_ls_restr.number 
_refine_ls_restr.rejects 
_refine_ls_restr.type 
_refine_ls_restr.weight 
_refine_ls_restr.pdbx_restraint_function 
'X-RAY DIFFRACTION' ? 0.007  0.022  937  ? r_bond_refined_d       ? ? 
'X-RAY DIFFRACTION' ? 1.107  2.050  1277 ? r_angle_refined_deg    ? ? 
'X-RAY DIFFRACTION' ? 6.231  5.000  114  ? r_dihedral_angle_1_deg ? ? 
'X-RAY DIFFRACTION' ? 32.399 23.514 37   ? r_dihedral_angle_2_deg ? ? 
'X-RAY DIFFRACTION' ? 11.334 15.000 156  ? r_dihedral_angle_3_deg ? ? 
'X-RAY DIFFRACTION' ? 14.827 15.000 6    ? r_dihedral_angle_4_deg ? ? 
'X-RAY DIFFRACTION' ? 0.065  0.200  143  ? r_chiral_restr         ? ? 
'X-RAY DIFFRACTION' ? 0.003  0.021  693  ? r_gen_planes_refined   ? ? 
# 
_refine_ls_shell.pdbx_refine_id                   'X-RAY DIFFRACTION' 
_refine_ls_shell.d_res_high                       1.5500 
_refine_ls_shell.d_res_low                        1.5900 
_refine_ls_shell.number_reflns_all                1680 
_refine_ls_shell.number_reflns_obs                ? 
_refine_ls_shell.number_reflns_R_free             84 
_refine_ls_shell.number_reflns_R_work             1596 
_refine_ls_shell.percent_reflns_obs               100.0000 
_refine_ls_shell.percent_reflns_R_free            ? 
_refine_ls_shell.R_factor_all                     ? 
_refine_ls_shell.R_factor_obs                     ? 
_refine_ls_shell.R_factor_R_free                  0.3740 
_refine_ls_shell.R_factor_R_free_error            0.0000 
_refine_ls_shell.R_factor_R_work                  0.3390 
_refine_ls_shell.redundancy_reflns_all            ? 
_refine_ls_shell.redundancy_reflns_obs            ? 
_refine_ls_shell.wR_factor_all                    ? 
_refine_ls_shell.wR_factor_obs                    ? 
_refine_ls_shell.wR_factor_R_free                 ? 
_refine_ls_shell.wR_factor_R_work                 ? 
_refine_ls_shell.pdbx_R_complete                  ? 
_refine_ls_shell.pdbx_total_number_of_bins_used   20 
_refine_ls_shell.pdbx_phase_error                 ? 
_refine_ls_shell.pdbx_fsc_work                    ? 
_refine_ls_shell.pdbx_fsc_free                    ? 
# 
_struct.entry_id                     6YF0 
_struct.title                        'FKBP12 in complex with the BMP potentiator compound 9 at 1.55 A resolution' 
_struct.pdbx_model_details           ? 
_struct.pdbx_formula_weight          ? 
_struct.pdbx_formula_weight_method   ? 
_struct.pdbx_model_type_details      ? 
_struct.pdbx_CASP_flag               N 
# 
_struct_keywords.entry_id        6YF0 
_struct_keywords.text            'IMMUNOSUPPRESSION, IMMUNOSUPPRESSANT, BMP ENHANCER PROGRAM, ISOMERASE' 
_struct_keywords.pdbx_keywords   ISOMERASE 
# 
loop_
_struct_asym.id 
_struct_asym.pdbx_blank_PDB_chainid_flag 
_struct_asym.pdbx_modified 
_struct_asym.entity_id 
_struct_asym.details 
A N N 1 ? 
B N N 2 ? 
C N N 3 ? 
D N N 4 ? 
# 
_struct_ref.id                         1 
_struct_ref.db_name                    UNP 
_struct_ref.db_code                    FKB1A_HUMAN 
_struct_ref.pdbx_db_accession          P62942 
_struct_ref.pdbx_db_isoform            ? 
_struct_ref.entity_id                  1 
_struct_ref.pdbx_seq_one_letter_code   
;GVQVETISPGDGRTFPKRGQTCVVHYTGMLEDGKKFDSSRDRNKPFKFMLGKQEVIRGWEEGVAQMSVGQRAKLTISPDY
AYGATGHPGIIPPHATLVFDVELLKLE
;
_struct_ref.pdbx_align_begin           2 
# 
_struct_ref_seq.align_id                      1 
_struct_ref_seq.ref_id                        1 
_struct_ref_seq.pdbx_PDB_id_code              6YF0 
_struct_ref_seq.pdbx_strand_id                A 
_struct_ref_seq.seq_align_beg                 3 
_struct_ref_seq.pdbx_seq_align_beg_ins_code   ? 
_struct_ref_seq.seq_align_end                 109 
_struct_ref_seq.pdbx_seq_align_end_ins_code   ? 
_struct_ref_seq.pdbx_db_accession             P62942 
_struct_ref_seq.db_align_beg                  2 
_struct_ref_seq.pdbx_db_align_beg_ins_code    ? 
_struct_ref_seq.db_align_end                  108 
_struct_ref_seq.pdbx_db_align_end_ins_code    ? 
_struct_ref_seq.pdbx_auth_seq_align_beg       1 
_struct_ref_seq.pdbx_auth_seq_align_end       107 
# 
loop_
_struct_ref_seq_dif.align_id 
_struct_ref_seq_dif.pdbx_pdb_id_code 
_struct_ref_seq_dif.mon_id 
_struct_ref_seq_dif.pdbx_pdb_strand_id 
_struct_ref_seq_dif.seq_num 
_struct_ref_seq_dif.pdbx_pdb_ins_code 
_struct_ref_seq_dif.pdbx_seq_db_name 
_struct_ref_seq_dif.pdbx_seq_db_accession_code 
_struct_ref_seq_dif.db_mon_id 
_struct_ref_seq_dif.pdbx_seq_db_seq_num 
_struct_ref_seq_dif.details 
_struct_ref_seq_dif.pdbx_auth_seq_num 
_struct_ref_seq_dif.pdbx_ordinal 
1 6YF0 GLY A 1 ? UNP P62942 ? ? 'expression tag' -1 1 
1 6YF0 PRO A 2 ? UNP P62942 ? ? 'expression tag' 0  2 
# 
_pdbx_struct_assembly.id                   1 
_pdbx_struct_assembly.details              author_and_software_defined_assembly 
_pdbx_struct_assembly.method_details       PISA 
_pdbx_struct_assembly.oligomeric_details   monomeric 
_pdbx_struct_assembly.oligomeric_count     1 
# 
loop_
_pdbx_struct_assembly_prop.biol_id 
_pdbx_struct_assembly_prop.type 
_pdbx_struct_assembly_prop.value 
_pdbx_struct_assembly_prop.details 
1 'ABSA (A^2)' 1010 ? 
1 MORE         -11  ? 
1 'SSA (A^2)'  6120 ? 
# 
_pdbx_struct_assembly_gen.assembly_id       1 
_pdbx_struct_assembly_gen.oper_expression   1 
_pdbx_struct_assembly_gen.asym_id_list      A,B,C,D 
# 
_pdbx_struct_assembly_auth_evidence.id                     1 
_pdbx_struct_assembly_auth_evidence.assembly_id            1 
_pdbx_struct_assembly_auth_evidence.experimental_support   none 
_pdbx_struct_assembly_auth_evidence.details                ? 
# 
_pdbx_struct_oper_list.id                   1 
_pdbx_struct_oper_list.type                 'identity operation' 
_pdbx_struct_oper_list.name                 1_555 
_pdbx_struct_oper_list.symmetry_operation   x,y,z 
_pdbx_struct_oper_list.matrix[1][1]         1.0000000000 
_pdbx_struct_oper_list.matrix[1][2]         0.0000000000 
_pdbx_struct_oper_list.matrix[1][3]         0.0000000000 
_pdbx_struct_oper_list.vector[1]            0.0000000000 
_pdbx_struct_oper_list.matrix[2][1]         0.0000000000 
_pdbx_struct_oper_list.matrix[2][2]         1.0000000000 
_pdbx_struct_oper_list.matrix[2][3]         0.0000000000 
_pdbx_struct_oper_list.vector[2]            0.0000000000 
_pdbx_struct_oper_list.matrix[3][1]         0.0000000000 
_pdbx_struct_oper_list.matrix[3][2]         0.0000000000 
_pdbx_struct_oper_list.matrix[3][3]         1.0000000000 
_pdbx_struct_oper_list.vector[3]            0.0000000000 
# 
loop_
_struct_conf.conf_type_id 
_struct_conf.id 
_struct_conf.pdbx_PDB_helix_id 
_struct_conf.beg_label_comp_id 
_struct_conf.beg_label_asym_id 
_struct_conf.beg_label_seq_id 
_struct_conf.pdbx_beg_PDB_ins_code 
_struct_conf.end_label_comp_id 
_struct_conf.end_label_asym_id 
_struct_conf.end_label_seq_id 
_struct_conf.pdbx_end_PDB_ins_code 
_struct_conf.beg_auth_comp_id 
_struct_conf.beg_auth_asym_id 
_struct_conf.beg_auth_seq_id 
_struct_conf.end_auth_comp_id 
_struct_conf.end_auth_asym_id 
_struct_conf.end_auth_seq_id 
_struct_conf.pdbx_PDB_helix_class 
_struct_conf.details 
_struct_conf.pdbx_PDB_helix_length 
HELX_P HELX_P1 AA1 ILE A 58 ? VAL A 65 ? ILE A 56 VAL A 63 1 ? 8 
HELX_P HELX_P2 AA2 ALA A 66 ? MET A 68 ? ALA A 64 MET A 66 5 ? 3 
HELX_P HELX_P3 AA3 PRO A 80 ? ALA A 83 ? PRO A 78 ALA A 81 5 ? 4 
# 
_struct_conf_type.id          HELX_P 
_struct_conf_type.criteria    ? 
_struct_conf_type.reference   ? 
# 
loop_
_struct_sheet.id 
_struct_sheet.type 
_struct_sheet.number_strands 
_struct_sheet.details 
AA1 ? 5 ? 
AA2 ? 5 ? 
# 
loop_
_struct_sheet_order.sheet_id 
_struct_sheet_order.range_id_1 
_struct_sheet_order.range_id_2 
_struct_sheet_order.offset 
_struct_sheet_order.sense 
AA1 1 2 ? anti-parallel 
AA1 2 3 ? anti-parallel 
AA1 3 4 ? anti-parallel 
AA1 4 5 ? anti-parallel 
AA2 1 2 ? anti-parallel 
AA2 2 3 ? anti-parallel 
AA2 3 4 ? anti-parallel 
AA2 4 5 ? anti-parallel 
# 
loop_
_struct_sheet_range.sheet_id 
_struct_sheet_range.id 
_struct_sheet_range.beg_label_comp_id 
_struct_sheet_range.beg_label_asym_id 
_struct_sheet_range.beg_label_seq_id 
_struct_sheet_range.pdbx_beg_PDB_ins_code 
_struct_sheet_range.end_label_comp_id 
_struct_sheet_range.end_label_asym_id 
_struct_sheet_range.end_label_seq_id 
_struct_sheet_range.pdbx_end_PDB_ins_code 
_struct_sheet_range.beg_auth_comp_id 
_struct_sheet_range.beg_auth_asym_id 
_struct_sheet_range.beg_auth_seq_id 
_struct_sheet_range.end_auth_comp_id 
_struct_sheet_range.end_auth_asym_id 
_struct_sheet_range.end_auth_seq_id 
AA1 1 VAL A 4  ? SER A 10  ? VAL A 2  SER A 8   
AA1 2 ARG A 73 ? ILE A 78  ? ARG A 71 ILE A 76  
AA1 3 LEU A 99 ? GLU A 109 ? LEU A 97 GLU A 107 
AA1 4 THR A 23 ? LEU A 32  ? THR A 21 LEU A 30  
AA1 5 LYS A 37 ? SER A 40  ? LYS A 35 SER A 38  
AA2 1 VAL A 4  ? SER A 10  ? VAL A 2  SER A 8   
AA2 2 ARG A 73 ? ILE A 78  ? ARG A 71 ILE A 76  
AA2 3 LEU A 99 ? GLU A 109 ? LEU A 97 GLU A 107 
AA2 4 THR A 23 ? LEU A 32  ? THR A 21 LEU A 30  
AA2 5 PHE A 48 ? MET A 51  ? PHE A 46 MET A 49  
# 
loop_
_pdbx_struct_sheet_hbond.sheet_id 
_pdbx_struct_sheet_hbond.range_id_1 
_pdbx_struct_sheet_hbond.range_id_2 
_pdbx_struct_sheet_hbond.range_1_label_atom_id 
_pdbx_struct_sheet_hbond.range_1_label_comp_id 
_pdbx_struct_sheet_hbond.range_1_label_asym_id 
_pdbx_struct_sheet_hbond.range_1_label_seq_id 
_pdbx_struct_sheet_hbond.range_1_PDB_ins_code 
_pdbx_struct_sheet_hbond.range_1_auth_atom_id 
_pdbx_struct_sheet_hbond.range_1_auth_comp_id 
_pdbx_struct_sheet_hbond.range_1_auth_asym_id 
_pdbx_struct_sheet_hbond.range_1_auth_seq_id 
_pdbx_struct_sheet_hbond.range_2_label_atom_id 
_pdbx_struct_sheet_hbond.range_2_label_comp_id 
_pdbx_struct_sheet_hbond.range_2_label_asym_id 
_pdbx_struct_sheet_hbond.range_2_label_seq_id 
_pdbx_struct_sheet_hbond.range_2_PDB_ins_code 
_pdbx_struct_sheet_hbond.range_2_auth_atom_id 
_pdbx_struct_sheet_hbond.range_2_auth_comp_id 
_pdbx_struct_sheet_hbond.range_2_auth_asym_id 
_pdbx_struct_sheet_hbond.range_2_auth_seq_id 
AA1 1 2 N GLU A 7   ? N GLU A 5   O LYS A 75  ? O LYS A 73 
AA1 2 3 N LEU A 76  ? N LEU A 74  O PHE A 101 ? O PHE A 99 
AA1 3 4 O GLU A 109 ? O GLU A 107 N THR A 23  ? N THR A 21 
AA1 4 5 N GLY A 30  ? N GLY A 28  O PHE A 38  ? O PHE A 36 
AA2 1 2 N GLU A 7   ? N GLU A 5   O LYS A 75  ? O LYS A 73 
AA2 2 3 N LEU A 76  ? N LEU A 74  O PHE A 101 ? O PHE A 99 
AA2 3 4 O GLU A 109 ? O GLU A 107 N THR A 23  ? N THR A 21 
AA2 4 5 N CYS A 24  ? N CYS A 22  O PHE A 50  ? O PHE A 48 
# 
loop_
_struct_site.id 
_struct_site.pdbx_evidence_code 
_struct_site.pdbx_auth_asym_id 
_struct_site.pdbx_auth_comp_id 
_struct_site.pdbx_auth_seq_id 
_struct_site.pdbx_auth_ins_code 
_struct_site.pdbx_num_residues 
_struct_site.details 
AC1 Software A 818 201 ? 28 'binding site for residue 818 A 201' 
AC2 Software A SO4 202 ? 7  'binding site for residue SO4 A 202' 
# 
loop_
_struct_site_gen.id 
_struct_site_gen.site_id 
_struct_site_gen.pdbx_num_res 
_struct_site_gen.label_comp_id 
_struct_site_gen.label_asym_id 
_struct_site_gen.label_seq_id 
_struct_site_gen.pdbx_auth_ins_code 
_struct_site_gen.auth_comp_id 
_struct_site_gen.auth_asym_id 
_struct_site_gen.auth_seq_id 
_struct_site_gen.label_atom_id 
_struct_site_gen.label_alt_id 
_struct_site_gen.symmetry 
_struct_site_gen.details 
1  AC1 28 ARG A 15  ? ARG A 13  . ? 8_545  ? 
2  AC1 28 TYR A 28  ? TYR A 26  . ? 1_555  ? 
3  AC1 28 PHE A 38  ? PHE A 36  . ? 1_555  ? 
4  AC1 28 ASP A 39  ? ASP A 37  . ? 1_555  ? 
5  AC1 28 ARG A 44  ? ARG A 42  . ? 1_555  ? 
6  AC1 28 PHE A 48  ? PHE A 46  . ? 1_555  ? 
7  AC1 28 GLU A 56  ? GLU A 54  . ? 1_555  ? 
8  AC1 28 VAL A 57  ? VAL A 55  . ? 1_555  ? 
9  AC1 28 ILE A 58  ? ILE A 56  . ? 1_555  ? 
10 AC1 28 TRP A 61  ? TRP A 59  . ? 1_555  ? 
11 AC1 28 ALA A 83  ? ALA A 81  . ? 1_555  ? 
12 AC1 28 TYR A 84  ? TYR A 82  . ? 1_555  ? 
13 AC1 28 GLY A 88  ? GLY A 86  . ? 10_554 ? 
14 AC1 28 HIS A 89  ? HIS A 87  . ? 10_554 ? 
15 AC1 28 HIS A 89  ? HIS A 87  . ? 1_555  ? 
16 AC1 28 PRO A 90  ? PRO A 88  . ? 10_554 ? 
17 AC1 28 PHE A 101 ? PHE A 99  . ? 1_555  ? 
18 AC1 28 HOH D .   ? HOH A 312 . ? 1_555  ? 
19 AC1 28 HOH D .   ? HOH A 319 . ? 1_555  ? 
20 AC1 28 HOH D .   ? HOH A 324 . ? 1_555  ? 
21 AC1 28 HOH D .   ? HOH A 337 . ? 10_554 ? 
22 AC1 28 HOH D .   ? HOH A 337 . ? 1_555  ? 
23 AC1 28 HOH D .   ? HOH A 342 . ? 1_555  ? 
24 AC1 28 HOH D .   ? HOH A 348 . ? 1_555  ? 
25 AC1 28 HOH D .   ? HOH A 354 . ? 10_554 ? 
26 AC1 28 HOH D .   ? HOH A 383 . ? 1_555  ? 
27 AC1 28 HOH D .   ? HOH A 388 . ? 1_555  ? 
28 AC1 28 HOH D .   ? HOH A 405 . ? 1_555  ? 
29 AC2 7  TYR A 84  ? TYR A 82  . ? 1_555  ? 
30 AC2 7  GLY A 85  ? GLY A 83  . ? 1_555  ? 
31 AC2 7  ALA A 86  ? ALA A 84  . ? 1_555  ? 
32 AC2 7  THR A 87  ? THR A 85  . ? 1_555  ? 
33 AC2 7  HOH D .   ? HOH A 369 . ? 1_555  ? 
34 AC2 7  HOH D .   ? HOH A 371 . ? 1_555  ? 
35 AC2 7  HOH D .   ? HOH A 394 . ? 1_555  ? 
# 
_pdbx_validate_symm_contact.id                1 
_pdbx_validate_symm_contact.PDB_model_num     1 
_pdbx_validate_symm_contact.auth_atom_id_1    OD1 
_pdbx_validate_symm_contact.auth_asym_id_1    A 
_pdbx_validate_symm_contact.auth_comp_id_1    ASP 
_pdbx_validate_symm_contact.auth_seq_id_1     79 
_pdbx_validate_symm_contact.PDB_ins_code_1    ? 
_pdbx_validate_symm_contact.label_alt_id_1    ? 
_pdbx_validate_symm_contact.site_symmetry_1   1_555 
_pdbx_validate_symm_contact.auth_atom_id_2    OD1 
_pdbx_validate_symm_contact.auth_asym_id_2    A 
_pdbx_validate_symm_contact.auth_comp_id_2    ASP 
_pdbx_validate_symm_contact.auth_seq_id_2     79 
_pdbx_validate_symm_contact.PDB_ins_code_2    ? 
_pdbx_validate_symm_contact.label_alt_id_2    ? 
_pdbx_validate_symm_contact.site_symmetry_2   9_554 
_pdbx_validate_symm_contact.dist              2.13 
# 
_pdbx_validate_torsion.id              1 
_pdbx_validate_torsion.PDB_model_num   1 
_pdbx_validate_torsion.auth_comp_id    ALA 
_pdbx_validate_torsion.auth_asym_id    A 
_pdbx_validate_torsion.auth_seq_id     81 
_pdbx_validate_torsion.PDB_ins_code    ? 
_pdbx_validate_torsion.label_alt_id    ? 
_pdbx_validate_torsion.phi             -121.61 
_pdbx_validate_torsion.psi             -116.75 
# 
loop_
_pdbx_struct_special_symmetry.id 
_pdbx_struct_special_symmetry.PDB_model_num 
_pdbx_struct_special_symmetry.auth_asym_id 
_pdbx_struct_special_symmetry.auth_comp_id 
_pdbx_struct_special_symmetry.auth_seq_id 
_pdbx_struct_special_symmetry.PDB_ins_code 
_pdbx_struct_special_symmetry.label_asym_id 
_pdbx_struct_special_symmetry.label_comp_id 
_pdbx_struct_special_symmetry.label_seq_id 
1 1 A HOH 434 ? D HOH . 
2 1 A HOH 447 ? D HOH . 
3 1 A HOH 469 ? D HOH . 
# 
_phasing.method   MR 
# 
_pdbx_entry_details.entry_id                 6YF0 
_pdbx_entry_details.has_ligand_of_interest   Y 
_pdbx_entry_details.compound_details         ? 
_pdbx_entry_details.source_details           ? 
_pdbx_entry_details.nonpolymer_details       ? 
_pdbx_entry_details.sequence_details         ? 
# 
loop_
_pdbx_unobs_or_zero_occ_residues.id 
_pdbx_unobs_or_zero_occ_residues.PDB_model_num 
_pdbx_unobs_or_zero_occ_residues.polymer_flag 
_pdbx_unobs_or_zero_occ_residues.occupancy_flag 
_pdbx_unobs_or_zero_occ_residues.auth_asym_id 
_pdbx_unobs_or_zero_occ_residues.auth_comp_id 
_pdbx_unobs_or_zero_occ_residues.auth_seq_id 
_pdbx_unobs_or_zero_occ_residues.PDB_ins_code 
_pdbx_unobs_or_zero_occ_residues.label_asym_id 
_pdbx_unobs_or_zero_occ_residues.label_comp_id 
_pdbx_unobs_or_zero_occ_residues.label_seq_id 
1 1 Y 1 A GLY -1 ? A GLY 1 
2 1 Y 1 A PRO 0  ? A PRO 2 
# 
loop_
_chem_comp_atom.comp_id 
_chem_comp_atom.atom_id 
_chem_comp_atom.type_symbol 
_chem_comp_atom.pdbx_aromatic_flag 
_chem_comp_atom.pdbx_stereo_config 
_chem_comp_atom.pdbx_ordinal 
818 C1   C N N 1   
818 C2   C N S 2   
818 C3   C N N 3   
818 C4   C N N 4   
818 C5   C N N 5   
818 C6   C N N 6   
818 C8   C N N 7   
818 C9   C N N 8   
818 C10  C N R 9   
818 C11  C N R 10  
818 C12  C N N 11  
818 C13  C N S 12  
818 C14  C N R 13  
818 C15  C N S 14  
818 C16  C N N 15  
818 C17  C N R 16  
818 C18  C N S 17  
818 C19  C N N 18  
818 C20  C N N 19  
818 C21  C N R 20  
818 C22  C N N 21  
818 C23  C N N 22  
818 C24  C N S 23  
818 C25  C N R 24  
818 C26  C N S 25  
818 C27  C N N 26  
818 C28  C N N 27  
818 C29  C N R 28  
818 C30  C N N 29  
818 C31  C N R 30  
818 C32  C N R 31  
818 C33  C N N 32  
818 C34  C N N 33  
818 C35  C N N 34  
818 C36  C N N 35  
818 C37  C N N 36  
818 C38  C N N 37  
818 C39  C N N 38  
818 C41  C N N 39  
818 C42  C N N 40  
818 C43  C N N 41  
818 C44  C N N 42  
818 C45  C N N 43  
818 N7   N N N 44  
818 O1   O N N 45  
818 O2   O N N 46  
818 O3   O N N 47  
818 O4   O N N 48  
818 O5   O N N 49  
818 O6   O N N 50  
818 O7   O N N 51  
818 O8   O N N 52  
818 O9   O N N 53  
818 O10  O N N 54  
818 O11  O N N 55  
818 O12  O N N 56  
818 O13  O N N 57  
818 H2   H N N 58  
818 H31A H N N 59  
818 H32A H N N 60  
818 H41  H N N 61  
818 H42  H N N 62  
818 H51  H N N 63  
818 H52  H N N 64  
818 H61  H N N 65  
818 H62  H N N 66  
818 H11  H N N 67  
818 H121 H N N 68  
818 H122 H N N 69  
818 H13  H N N 70  
818 H14  H N N 71  
818 H15  H N N 72  
818 H161 H N N 73  
818 H162 H N N 74  
818 H17  H N N 75  
818 H18  H N N 76  
818 H20  H N N 77  
818 H21  H N N 78  
818 H231 H N N 79  
818 H232 H N N 80  
818 H24  H N N 81  
818 H25  H N N 82  
818 H26  H N N 83  
818 H28  H N N 84  
818 H29  H N N 85  
818 H301 H N N 86  
818 H302 H N N 87  
818 H31  H N N 88  
818 H32  H N N 89  
818 H331 H N N 90  
818 H332 H N N 91  
818 H341 H N N 92  
818 H342 H N N 93  
818 H351 H N N 94  
818 H352 H N N 95  
818 H353 H N N 96  
818 H361 H N N 97  
818 H362 H N N 98  
818 H363 H N N 99  
818 H371 H N N 100 
818 H372 H N N 101 
818 H373 H N N 102 
818 H381 H N N 103 
818 H382 H N N 104 
818 H391 H N N 105 
818 H392 H N N 106 
818 H393 H N N 107 
818 H411 H N N 108 
818 H412 H N N 109 
818 H413 H N N 110 
818 H421 H N N 111 
818 H422 H N N 112 
818 H423 H N N 113 
818 H431 H N N 114 
818 H432 H N N 115 
818 H433 H N N 116 
818 H441 H N N 117 
818 H442 H N N 118 
818 H443 H N N 119 
818 H451 H N N 120 
818 H452 H N N 121 
818 H453 H N N 122 
818 HO6  H N N 123 
818 HO10 H N N 124 
818 HO12 H N N 125 
818 HO13 H N N 126 
ALA N    N N N 127 
ALA CA   C N S 128 
ALA C    C N N 129 
ALA O    O N N 130 
ALA CB   C N N 131 
ALA OXT  O N N 132 
ALA H    H N N 133 
ALA H2   H N N 134 
ALA HA   H N N 135 
ALA HB1  H N N 136 
ALA HB2  H N N 137 
ALA HB3  H N N 138 
ALA HXT  H N N 139 
ARG N    N N N 140 
ARG CA   C N S 141 
ARG C    C N N 142 
ARG O    O N N 143 
ARG CB   C N N 144 
ARG CG   C N N 145 
ARG CD   C N N 146 
ARG NE   N N N 147 
ARG CZ   C N N 148 
ARG NH1  N N N 149 
ARG NH2  N N N 150 
ARG OXT  O N N 151 
ARG H    H N N 152 
ARG H2   H N N 153 
ARG HA   H N N 154 
ARG HB2  H N N 155 
ARG HB3  H N N 156 
ARG HG2  H N N 157 
ARG HG3  H N N 158 
ARG HD2  H N N 159 
ARG HD3  H N N 160 
ARG HE   H N N 161 
ARG HH11 H N N 162 
ARG HH12 H N N 163 
ARG HH21 H N N 164 
ARG HH22 H N N 165 
ARG HXT  H N N 166 
ASN N    N N N 167 
ASN CA   C N S 168 
ASN C    C N N 169 
ASN O    O N N 170 
ASN CB   C N N 171 
ASN CG   C N N 172 
ASN OD1  O N N 173 
ASN ND2  N N N 174 
ASN OXT  O N N 175 
ASN H    H N N 176 
ASN H2   H N N 177 
ASN HA   H N N 178 
ASN HB2  H N N 179 
ASN HB3  H N N 180 
ASN HD21 H N N 181 
ASN HD22 H N N 182 
ASN HXT  H N N 183 
ASP N    N N N 184 
ASP CA   C N S 185 
ASP C    C N N 186 
ASP O    O N N 187 
ASP CB   C N N 188 
ASP CG   C N N 189 
ASP OD1  O N N 190 
ASP OD2  O N N 191 
ASP OXT  O N N 192 
ASP H    H N N 193 
ASP H2   H N N 194 
ASP HA   H N N 195 
ASP HB2  H N N 196 
ASP HB3  H N N 197 
ASP HD2  H N N 198 
ASP HXT  H N N 199 
CYS N    N N N 200 
CYS CA   C N R 201 
CYS C    C N N 202 
CYS O    O N N 203 
CYS CB   C N N 204 
CYS SG   S N N 205 
CYS OXT  O N N 206 
CYS H    H N N 207 
CYS H2   H N N 208 
CYS HA   H N N 209 
CYS HB2  H N N 210 
CYS HB3  H N N 211 
CYS HG   H N N 212 
CYS HXT  H N N 213 
GLN N    N N N 214 
GLN CA   C N S 215 
GLN C    C N N 216 
GLN O    O N N 217 
GLN CB   C N N 218 
GLN CG   C N N 219 
GLN CD   C N N 220 
GLN OE1  O N N 221 
GLN NE2  N N N 222 
GLN OXT  O N N 223 
GLN H    H N N 224 
GLN H2   H N N 225 
GLN HA   H N N 226 
GLN HB2  H N N 227 
GLN HB3  H N N 228 
GLN HG2  H N N 229 
GLN HG3  H N N 230 
GLN HE21 H N N 231 
GLN HE22 H N N 232 
GLN HXT  H N N 233 
GLU N    N N N 234 
GLU CA   C N S 235 
GLU C    C N N 236 
GLU O    O N N 237 
GLU CB   C N N 238 
GLU CG   C N N 239 
GLU CD   C N N 240 
GLU OE1  O N N 241 
GLU OE2  O N N 242 
GLU OXT  O N N 243 
GLU H    H N N 244 
GLU H2   H N N 245 
GLU HA   H N N 246 
GLU HB2  H N N 247 
GLU HB3  H N N 248 
GLU HG2  H N N 249 
GLU HG3  H N N 250 
GLU HE2  H N N 251 
GLU HXT  H N N 252 
GLY N    N N N 253 
GLY CA   C N N 254 
GLY C    C N N 255 
GLY O    O N N 256 
GLY OXT  O N N 257 
GLY H    H N N 258 
GLY H2   H N N 259 
GLY HA2  H N N 260 
GLY HA3  H N N 261 
GLY HXT  H N N 262 
HIS N    N N N 263 
HIS CA   C N S 264 
HIS C    C N N 265 
HIS O    O N N 266 
HIS CB   C N N 267 
HIS CG   C Y N 268 
HIS ND1  N Y N 269 
HIS CD2  C Y N 270 
HIS CE1  C Y N 271 
HIS NE2  N Y N 272 
HIS OXT  O N N 273 
HIS H    H N N 274 
HIS H2   H N N 275 
HIS HA   H N N 276 
HIS HB2  H N N 277 
HIS HB3  H N N 278 
HIS HD1  H N N 279 
HIS HD2  H N N 280 
HIS HE1  H N N 281 
HIS HE2  H N N 282 
HIS HXT  H N N 283 
HOH O    O N N 284 
HOH H1   H N N 285 
HOH H2   H N N 286 
ILE N    N N N 287 
ILE CA   C N S 288 
ILE C    C N N 289 
ILE O    O N N 290 
ILE CB   C N S 291 
ILE CG1  C N N 292 
ILE CG2  C N N 293 
ILE CD1  C N N 294 
ILE OXT  O N N 295 
ILE H    H N N 296 
ILE H2   H N N 297 
ILE HA   H N N 298 
ILE HB   H N N 299 
ILE HG12 H N N 300 
ILE HG13 H N N 301 
ILE HG21 H N N 302 
ILE HG22 H N N 303 
ILE HG23 H N N 304 
ILE HD11 H N N 305 
ILE HD12 H N N 306 
ILE HD13 H N N 307 
ILE HXT  H N N 308 
LEU N    N N N 309 
LEU CA   C N S 310 
LEU C    C N N 311 
LEU O    O N N 312 
LEU CB   C N N 313 
LEU CG   C N N 314 
LEU CD1  C N N 315 
LEU CD2  C N N 316 
LEU OXT  O N N 317 
LEU H    H N N 318 
LEU H2   H N N 319 
LEU HA   H N N 320 
LEU HB2  H N N 321 
LEU HB3  H N N 322 
LEU HG   H N N 323 
LEU HD11 H N N 324 
LEU HD12 H N N 325 
LEU HD13 H N N 326 
LEU HD21 H N N 327 
LEU HD22 H N N 328 
LEU HD23 H N N 329 
LEU HXT  H N N 330 
LYS N    N N N 331 
LYS CA   C N S 332 
LYS C    C N N 333 
LYS O    O N N 334 
LYS CB   C N N 335 
LYS CG   C N N 336 
LYS CD   C N N 337 
LYS CE   C N N 338 
LYS NZ   N N N 339 
LYS OXT  O N N 340 
LYS H    H N N 341 
LYS H2   H N N 342 
LYS HA   H N N 343 
LYS HB2  H N N 344 
LYS HB3  H N N 345 
LYS HG2  H N N 346 
LYS HG3  H N N 347 
LYS HD2  H N N 348 
LYS HD3  H N N 349 
LYS HE2  H N N 350 
LYS HE3  H N N 351 
LYS HZ1  H N N 352 
LYS HZ2  H N N 353 
LYS HZ3  H N N 354 
LYS HXT  H N N 355 
MET N    N N N 356 
MET CA   C N S 357 
MET C    C N N 358 
MET O    O N N 359 
MET CB   C N N 360 
MET CG   C N N 361 
MET SD   S N N 362 
MET CE   C N N 363 
MET OXT  O N N 364 
MET H    H N N 365 
MET H2   H N N 366 
MET HA   H N N 367 
MET HB2  H N N 368 
MET HB3  H N N 369 
MET HG2  H N N 370 
MET HG3  H N N 371 
MET HE1  H N N 372 
MET HE2  H N N 373 
MET HE3  H N N 374 
MET HXT  H N N 375 
PHE N    N N N 376 
PHE CA   C N S 377 
PHE C    C N N 378 
PHE O    O N N 379 
PHE CB   C N N 380 
PHE CG   C Y N 381 
PHE CD1  C Y N 382 
PHE CD2  C Y N 383 
PHE CE1  C Y N 384 
PHE CE2  C Y N 385 
PHE CZ   C Y N 386 
PHE OXT  O N N 387 
PHE H    H N N 388 
PHE H2   H N N 389 
PHE HA   H N N 390 
PHE HB2  H N N 391 
PHE HB3  H N N 392 
PHE HD1  H N N 393 
PHE HD2  H N N 394 
PHE HE1  H N N 395 
PHE HE2  H N N 396 
PHE HZ   H N N 397 
PHE HXT  H N N 398 
PRO N    N N N 399 
PRO CA   C N S 400 
PRO C    C N N 401 
PRO O    O N N 402 
PRO CB   C N N 403 
PRO CG   C N N 404 
PRO CD   C N N 405 
PRO OXT  O N N 406 
PRO H    H N N 407 
PRO HA   H N N 408 
PRO HB2  H N N 409 
PRO HB3  H N N 410 
PRO HG2  H N N 411 
PRO HG3  H N N 412 
PRO HD2  H N N 413 
PRO HD3  H N N 414 
PRO HXT  H N N 415 
SER N    N N N 416 
SER CA   C N S 417 
SER C    C N N 418 
SER O    O N N 419 
SER CB   C N N 420 
SER OG   O N N 421 
SER OXT  O N N 422 
SER H    H N N 423 
SER H2   H N N 424 
SER HA   H N N 425 
SER HB2  H N N 426 
SER HB3  H N N 427 
SER HG   H N N 428 
SER HXT  H N N 429 
SO4 S    S N N 430 
SO4 O1   O N N 431 
SO4 O2   O N N 432 
SO4 O3   O N N 433 
SO4 O4   O N N 434 
THR N    N N N 435 
THR CA   C N S 436 
THR C    C N N 437 
THR O    O N N 438 
THR CB   C N R 439 
THR OG1  O N N 440 
THR CG2  C N N 441 
THR OXT  O N N 442 
THR H    H N N 443 
THR H2   H N N 444 
THR HA   H N N 445 
THR HB   H N N 446 
THR HG1  H N N 447 
THR HG21 H N N 448 
THR HG22 H N N 449 
THR HG23 H N N 450 
THR HXT  H N N 451 
TRP N    N N N 452 
TRP CA   C N S 453 
TRP C    C N N 454 
TRP O    O N N 455 
TRP CB   C N N 456 
TRP CG   C Y N 457 
TRP CD1  C Y N 458 
TRP CD2  C Y N 459 
TRP NE1  N Y N 460 
TRP CE2  C Y N 461 
TRP CE3  C Y N 462 
TRP CZ2  C Y N 463 
TRP CZ3  C Y N 464 
TRP CH2  C Y N 465 
TRP OXT  O N N 466 
TRP H    H N N 467 
TRP H2   H N N 468 
TRP HA   H N N 469 
TRP HB2  H N N 470 
TRP HB3  H N N 471 
TRP HD1  H N N 472 
TRP HE1  H N N 473 
TRP HE3  H N N 474 
TRP HZ2  H N N 475 
TRP HZ3  H N N 476 
TRP HH2  H N N 477 
TRP HXT  H N N 478 
TYR N    N N N 479 
TYR CA   C N S 480 
TYR C    C N N 481 
TYR O    O N N 482 
TYR CB   C N N 483 
TYR CG   C Y N 484 
TYR CD1  C Y N 485 
TYR CD2  C Y N 486 
TYR CE1  C Y N 487 
TYR CE2  C Y N 488 
TYR CZ   C Y N 489 
TYR OH   O N N 490 
TYR OXT  O N N 491 
TYR H    H N N 492 
TYR H2   H N N 493 
TYR HA   H N N 494 
TYR HB2  H N N 495 
TYR HB3  H N N 496 
TYR HD1  H N N 497 
TYR HD2  H N N 498 
TYR HE1  H N N 499 
TYR HE2  H N N 500 
TYR HH   H N N 501 
TYR HXT  H N N 502 
VAL N    N N N 503 
VAL CA   C N S 504 
VAL C    C N N 505 
VAL O    O N N 506 
VAL CB   C N N 507 
VAL CG1  C N N 508 
VAL CG2  C N N 509 
VAL OXT  O N N 510 
VAL H    H N N 511 
VAL H2   H N N 512 
VAL HA   H N N 513 
VAL HB   H N N 514 
VAL HG11 H N N 515 
VAL HG12 H N N 516 
VAL HG13 H N N 517 
VAL HG21 H N N 518 
VAL HG22 H N N 519 
VAL HG23 H N N 520 
VAL HXT  H N N 521 
# 
loop_
_chem_comp_bond.comp_id 
_chem_comp_bond.atom_id_1 
_chem_comp_bond.atom_id_2 
_chem_comp_bond.value_order 
_chem_comp_bond.pdbx_aromatic_flag 
_chem_comp_bond.pdbx_stereo_config 
_chem_comp_bond.pdbx_ordinal 
818 C1  C2   sing N N 1   
818 C1  O1   sing N N 2   
818 C1  O2   doub N N 3   
818 C2  C3   sing N N 4   
818 C2  N7   sing N N 5   
818 C2  H2   sing N N 6   
818 C3  C4   sing N N 7   
818 C3  H31A sing N N 8   
818 C3  H32A sing N N 9   
818 C4  C5   sing N N 10  
818 C4  H41  sing N N 11  
818 C4  H42  sing N N 12  
818 C5  C6   sing N N 13  
818 C5  H51  sing N N 14  
818 C5  H52  sing N N 15  
818 C6  N7   sing N N 16  
818 C6  H61  sing N N 17  
818 C6  H62  sing N N 18  
818 C8  C9   sing N N 19  
818 C8  N7   sing N N 20  
818 C8  O3   doub N N 21  
818 C9  C10  sing N N 22  
818 C9  O4   doub N N 23  
818 C10 C11  sing N N 24  
818 C10 O5   sing N N 25  
818 C10 O6   sing N N 26  
818 C11 C12  sing N N 27  
818 C11 C35  sing N N 28  
818 C11 H11  sing N N 29  
818 C12 C13  sing N N 30  
818 C12 H121 sing N N 31  
818 C12 H122 sing N N 32  
818 C13 C14  sing N N 33  
818 C13 O7   sing N N 34  
818 C13 H13  sing N N 35  
818 C14 C15  sing N N 36  
818 C14 O5   sing N N 37  
818 C14 H14  sing N N 38  
818 C15 C16  sing N N 39  
818 C15 O8   sing N N 40  
818 C15 H15  sing N N 41  
818 C16 C17  sing N N 42  
818 C16 H161 sing N N 43  
818 C16 H162 sing N N 44  
818 C17 C18  sing N N 45  
818 C17 C36  sing N N 46  
818 C17 H17  sing N N 47  
818 C18 C19  sing N N 48  
818 C18 O13  sing N N 49  
818 C18 H18  sing N N 50  
818 C19 C20  doub N E 51  
818 C19 C37  sing N N 52  
818 C20 C21  sing N N 53  
818 C20 H20  sing N N 54  
818 C21 C22  sing N N 55  
818 C21 C38  sing N N 56  
818 C21 H21  sing N N 57  
818 C22 C23  sing N N 58  
818 C22 O9   doub N N 59  
818 C23 C24  sing N N 60  
818 C23 H231 sing N N 61  
818 C23 H232 sing N N 62  
818 C24 C25  sing N N 63  
818 C24 O10  sing N N 64  
818 C24 H24  sing N N 65  
818 C25 C26  sing N N 66  
818 C25 C41  sing N N 67  
818 C25 H25  sing N N 68  
818 C26 C27  sing N N 69  
818 C26 O1   sing N N 70  
818 C26 H26  sing N N 71  
818 C27 C28  doub N E 72  
818 C27 C42  sing N N 73  
818 C28 C29  sing N N 74  
818 C28 H28  sing N N 75  
818 C29 C30  sing N N 76  
818 C29 C34  sing N N 77  
818 C29 H29  sing N N 78  
818 C30 C31  sing N N 79  
818 C30 H301 sing N N 80  
818 C30 H302 sing N N 81  
818 C31 C32  sing N N 82  
818 C31 O11  sing N N 83  
818 C31 H31  sing N N 84  
818 C32 C33  sing N N 85  
818 C32 O12  sing N N 86  
818 C32 H32  sing N N 87  
818 C33 C34  sing N N 88  
818 C33 H331 sing N N 89  
818 C33 H332 sing N N 90  
818 C34 H341 sing N N 91  
818 C34 H342 sing N N 92  
818 C35 H351 sing N N 93  
818 C35 H352 sing N N 94  
818 C35 H353 sing N N 95  
818 C36 H361 sing N N 96  
818 C36 H362 sing N N 97  
818 C36 H363 sing N N 98  
818 C37 H371 sing N N 99  
818 C37 H372 sing N N 100 
818 C37 H373 sing N N 101 
818 C38 C39  sing N N 102 
818 C38 H381 sing N N 103 
818 C38 H382 sing N N 104 
818 C39 H391 sing N N 105 
818 C39 H392 sing N N 106 
818 C39 H393 sing N N 107 
818 C41 H411 sing N N 108 
818 C41 H412 sing N N 109 
818 C41 H413 sing N N 110 
818 C42 H421 sing N N 111 
818 C42 H422 sing N N 112 
818 C42 H423 sing N N 113 
818 C43 O7   sing N N 114 
818 C43 H431 sing N N 115 
818 C43 H432 sing N N 116 
818 C43 H433 sing N N 117 
818 C44 O8   sing N N 118 
818 C44 H441 sing N N 119 
818 C44 H442 sing N N 120 
818 C44 H443 sing N N 121 
818 C45 O11  sing N N 122 
818 C45 H451 sing N N 123 
818 C45 H452 sing N N 124 
818 C45 H453 sing N N 125 
818 O6  HO6  sing N N 126 
818 O10 HO10 sing N N 127 
818 O12 HO12 sing N N 128 
818 O13 HO13 sing N N 129 
ALA N   CA   sing N N 130 
ALA N   H    sing N N 131 
ALA N   H2   sing N N 132 
ALA CA  C    sing N N 133 
ALA CA  CB   sing N N 134 
ALA CA  HA   sing N N 135 
ALA C   O    doub N N 136 
ALA C   OXT  sing N N 137 
ALA CB  HB1  sing N N 138 
ALA CB  HB2  sing N N 139 
ALA CB  HB3  sing N N 140 
ALA OXT HXT  sing N N 141 
ARG N   CA   sing N N 142 
ARG N   H    sing N N 143 
ARG N   H2   sing N N 144 
ARG CA  C    sing N N 145 
ARG CA  CB   sing N N 146 
ARG CA  HA   sing N N 147 
ARG C   O    doub N N 148 
ARG C   OXT  sing N N 149 
ARG CB  CG   sing N N 150 
ARG CB  HB2  sing N N 151 
ARG CB  HB3  sing N N 152 
ARG CG  CD   sing N N 153 
ARG CG  HG2  sing N N 154 
ARG CG  HG3  sing N N 155 
ARG CD  NE   sing N N 156 
ARG CD  HD2  sing N N 157 
ARG CD  HD3  sing N N 158 
ARG NE  CZ   sing N N 159 
ARG NE  HE   sing N N 160 
ARG CZ  NH1  sing N N 161 
ARG CZ  NH2  doub N N 162 
ARG NH1 HH11 sing N N 163 
ARG NH1 HH12 sing N N 164 
ARG NH2 HH21 sing N N 165 
ARG NH2 HH22 sing N N 166 
ARG OXT HXT  sing N N 167 
ASN N   CA   sing N N 168 
ASN N   H    sing N N 169 
ASN N   H2   sing N N 170 
ASN CA  C    sing N N 171 
ASN CA  CB   sing N N 172 
ASN CA  HA   sing N N 173 
ASN C   O    doub N N 174 
ASN C   OXT  sing N N 175 
ASN CB  CG   sing N N 176 
ASN CB  HB2  sing N N 177 
ASN CB  HB3  sing N N 178 
ASN CG  OD1  doub N N 179 
ASN CG  ND2  sing N N 180 
ASN ND2 HD21 sing N N 181 
ASN ND2 HD22 sing N N 182 
ASN OXT HXT  sing N N 183 
ASP N   CA   sing N N 184 
ASP N   H    sing N N 185 
ASP N   H2   sing N N 186 
ASP CA  C    sing N N 187 
ASP CA  CB   sing N N 188 
ASP CA  HA   sing N N 189 
ASP C   O    doub N N 190 
ASP C   OXT  sing N N 191 
ASP CB  CG   sing N N 192 
ASP CB  HB2  sing N N 193 
ASP CB  HB3  sing N N 194 
ASP CG  OD1  doub N N 195 
ASP CG  OD2  sing N N 196 
ASP OD2 HD2  sing N N 197 
ASP OXT HXT  sing N N 198 
CYS N   CA   sing N N 199 
CYS N   H    sing N N 200 
CYS N   H2   sing N N 201 
CYS CA  C    sing N N 202 
CYS CA  CB   sing N N 203 
CYS CA  HA   sing N N 204 
CYS C   O    doub N N 205 
CYS C   OXT  sing N N 206 
CYS CB  SG   sing N N 207 
CYS CB  HB2  sing N N 208 
CYS CB  HB3  sing N N 209 
CYS SG  HG   sing N N 210 
CYS OXT HXT  sing N N 211 
GLN N   CA   sing N N 212 
GLN N   H    sing N N 213 
GLN N   H2   sing N N 214 
GLN CA  C    sing N N 215 
GLN CA  CB   sing N N 216 
GLN CA  HA   sing N N 217 
GLN C   O    doub N N 218 
GLN C   OXT  sing N N 219 
GLN CB  CG   sing N N 220 
GLN CB  HB2  sing N N 221 
GLN CB  HB3  sing N N 222 
GLN CG  CD   sing N N 223 
GLN CG  HG2  sing N N 224 
GLN CG  HG3  sing N N 225 
GLN CD  OE1  doub N N 226 
GLN CD  NE2  sing N N 227 
GLN NE2 HE21 sing N N 228 
GLN NE2 HE22 sing N N 229 
GLN OXT HXT  sing N N 230 
GLU N   CA   sing N N 231 
GLU N   H    sing N N 232 
GLU N   H2   sing N N 233 
GLU CA  C    sing N N 234 
GLU CA  CB   sing N N 235 
GLU CA  HA   sing N N 236 
GLU C   O    doub N N 237 
GLU C   OXT  sing N N 238 
GLU CB  CG   sing N N 239 
GLU CB  HB2  sing N N 240 
GLU CB  HB3  sing N N 241 
GLU CG  CD   sing N N 242 
GLU CG  HG2  sing N N 243 
GLU CG  HG3  sing N N 244 
GLU CD  OE1  doub N N 245 
GLU CD  OE2  sing N N 246 
GLU OE2 HE2  sing N N 247 
GLU OXT HXT  sing N N 248 
GLY N   CA   sing N N 249 
GLY N   H    sing N N 250 
GLY N   H2   sing N N 251 
GLY CA  C    sing N N 252 
GLY CA  HA2  sing N N 253 
GLY CA  HA3  sing N N 254 
GLY C   O    doub N N 255 
GLY C   OXT  sing N N 256 
GLY OXT HXT  sing N N 257 
HIS N   CA   sing N N 258 
HIS N   H    sing N N 259 
HIS N   H2   sing N N 260 
HIS CA  C    sing N N 261 
HIS CA  CB   sing N N 262 
HIS CA  HA   sing N N 263 
HIS C   O    doub N N 264 
HIS C   OXT  sing N N 265 
HIS CB  CG   sing N N 266 
HIS CB  HB2  sing N N 267 
HIS CB  HB3  sing N N 268 
HIS CG  ND1  sing Y N 269 
HIS CG  CD2  doub Y N 270 
HIS ND1 CE1  doub Y N 271 
HIS ND1 HD1  sing N N 272 
HIS CD2 NE2  sing Y N 273 
HIS CD2 HD2  sing N N 274 
HIS CE1 NE2  sing Y N 275 
HIS CE1 HE1  sing N N 276 
HIS NE2 HE2  sing N N 277 
HIS OXT HXT  sing N N 278 
HOH O   H1   sing N N 279 
HOH O   H2   sing N N 280 
ILE N   CA   sing N N 281 
ILE N   H    sing N N 282 
ILE N   H2   sing N N 283 
ILE CA  C    sing N N 284 
ILE CA  CB   sing N N 285 
ILE CA  HA   sing N N 286 
ILE C   O    doub N N 287 
ILE C   OXT  sing N N 288 
ILE CB  CG1  sing N N 289 
ILE CB  CG2  sing N N 290 
ILE CB  HB   sing N N 291 
ILE CG1 CD1  sing N N 292 
ILE CG1 HG12 sing N N 293 
ILE CG1 HG13 sing N N 294 
ILE CG2 HG21 sing N N 295 
ILE CG2 HG22 sing N N 296 
ILE CG2 HG23 sing N N 297 
ILE CD1 HD11 sing N N 298 
ILE CD1 HD12 sing N N 299 
ILE CD1 HD13 sing N N 300 
ILE OXT HXT  sing N N 301 
LEU N   CA   sing N N 302 
LEU N   H    sing N N 303 
LEU N   H2   sing N N 304 
LEU CA  C    sing N N 305 
LEU CA  CB   sing N N 306 
LEU CA  HA   sing N N 307 
LEU C   O    doub N N 308 
LEU C   OXT  sing N N 309 
LEU CB  CG   sing N N 310 
LEU CB  HB2  sing N N 311 
LEU CB  HB3  sing N N 312 
LEU CG  CD1  sing N N 313 
LEU CG  CD2  sing N N 314 
LEU CG  HG   sing N N 315 
LEU CD1 HD11 sing N N 316 
LEU CD1 HD12 sing N N 317 
LEU CD1 HD13 sing N N 318 
LEU CD2 HD21 sing N N 319 
LEU CD2 HD22 sing N N 320 
LEU CD2 HD23 sing N N 321 
LEU OXT HXT  sing N N 322 
LYS N   CA   sing N N 323 
LYS N   H    sing N N 324 
LYS N   H2   sing N N 325 
LYS CA  C    sing N N 326 
LYS CA  CB   sing N N 327 
LYS CA  HA   sing N N 328 
LYS C   O    doub N N 329 
LYS C   OXT  sing N N 330 
LYS CB  CG   sing N N 331 
LYS CB  HB2  sing N N 332 
LYS CB  HB3  sing N N 333 
LYS CG  CD   sing N N 334 
LYS CG  HG2  sing N N 335 
LYS CG  HG3  sing N N 336 
LYS CD  CE   sing N N 337 
LYS CD  HD2  sing N N 338 
LYS CD  HD3  sing N N 339 
LYS CE  NZ   sing N N 340 
LYS CE  HE2  sing N N 341 
LYS CE  HE3  sing N N 342 
LYS NZ  HZ1  sing N N 343 
LYS NZ  HZ2  sing N N 344 
LYS NZ  HZ3  sing N N 345 
LYS OXT HXT  sing N N 346 
MET N   CA   sing N N 347 
MET N   H    sing N N 348 
MET N   H2   sing N N 349 
MET CA  C    sing N N 350 
MET CA  CB   sing N N 351 
MET CA  HA   sing N N 352 
MET C   O    doub N N 353 
MET C   OXT  sing N N 354 
MET CB  CG   sing N N 355 
MET CB  HB2  sing N N 356 
MET CB  HB3  sing N N 357 
MET CG  SD   sing N N 358 
MET CG  HG2  sing N N 359 
MET CG  HG3  sing N N 360 
MET SD  CE   sing N N 361 
MET CE  HE1  sing N N 362 
MET CE  HE2  sing N N 363 
MET CE  HE3  sing N N 364 
MET OXT HXT  sing N N 365 
PHE N   CA   sing N N 366 
PHE N   H    sing N N 367 
PHE N   H2   sing N N 368 
PHE CA  C    sing N N 369 
PHE CA  CB   sing N N 370 
PHE CA  HA   sing N N 371 
PHE C   O    doub N N 372 
PHE C   OXT  sing N N 373 
PHE CB  CG   sing N N 374 
PHE CB  HB2  sing N N 375 
PHE CB  HB3  sing N N 376 
PHE CG  CD1  doub Y N 377 
PHE CG  CD2  sing Y N 378 
PHE CD1 CE1  sing Y N 379 
PHE CD1 HD1  sing N N 380 
PHE CD2 CE2  doub Y N 381 
PHE CD2 HD2  sing N N 382 
PHE CE1 CZ   doub Y N 383 
PHE CE1 HE1  sing N N 384 
PHE CE2 CZ   sing Y N 385 
PHE CE2 HE2  sing N N 386 
PHE CZ  HZ   sing N N 387 
PHE OXT HXT  sing N N 388 
PRO N   CA   sing N N 389 
PRO N   CD   sing N N 390 
PRO N   H    sing N N 391 
PRO CA  C    sing N N 392 
PRO CA  CB   sing N N 393 
PRO CA  HA   sing N N 394 
PRO C   O    doub N N 395 
PRO C   OXT  sing N N 396 
PRO CB  CG   sing N N 397 
PRO CB  HB2  sing N N 398 
PRO CB  HB3  sing N N 399 
PRO CG  CD   sing N N 400 
PRO CG  HG2  sing N N 401 
PRO CG  HG3  sing N N 402 
PRO CD  HD2  sing N N 403 
PRO CD  HD3  sing N N 404 
PRO OXT HXT  sing N N 405 
SER N   CA   sing N N 406 
SER N   H    sing N N 407 
SER N   H2   sing N N 408 
SER CA  C    sing N N 409 
SER CA  CB   sing N N 410 
SER CA  HA   sing N N 411 
SER C   O    doub N N 412 
SER C   OXT  sing N N 413 
SER CB  OG   sing N N 414 
SER CB  HB2  sing N N 415 
SER CB  HB3  sing N N 416 
SER OG  HG   sing N N 417 
SER OXT HXT  sing N N 418 
SO4 S   O1   doub N N 419 
SO4 S   O2   doub N N 420 
SO4 S   O3   sing N N 421 
SO4 S   O4   sing N N 422 
THR N   CA   sing N N 423 
THR N   H    sing N N 424 
THR N   H2   sing N N 425 
THR CA  C    sing N N 426 
THR CA  CB   sing N N 427 
THR CA  HA   sing N N 428 
THR C   O    doub N N 429 
THR C   OXT  sing N N 430 
THR CB  OG1  sing N N 431 
THR CB  CG2  sing N N 432 
THR CB  HB   sing N N 433 
THR OG1 HG1  sing N N 434 
THR CG2 HG21 sing N N 435 
THR CG2 HG22 sing N N 436 
THR CG2 HG23 sing N N 437 
THR OXT HXT  sing N N 438 
TRP N   CA   sing N N 439 
TRP N   H    sing N N 440 
TRP N   H2   sing N N 441 
TRP CA  C    sing N N 442 
TRP CA  CB   sing N N 443 
TRP CA  HA   sing N N 444 
TRP C   O    doub N N 445 
TRP C   OXT  sing N N 446 
TRP CB  CG   sing N N 447 
TRP CB  HB2  sing N N 448 
TRP CB  HB3  sing N N 449 
TRP CG  CD1  doub Y N 450 
TRP CG  CD2  sing Y N 451 
TRP CD1 NE1  sing Y N 452 
TRP CD1 HD1  sing N N 453 
TRP CD2 CE2  doub Y N 454 
TRP CD2 CE3  sing Y N 455 
TRP NE1 CE2  sing Y N 456 
TRP NE1 HE1  sing N N 457 
TRP CE2 CZ2  sing Y N 458 
TRP CE3 CZ3  doub Y N 459 
TRP CE3 HE3  sing N N 460 
TRP CZ2 CH2  doub Y N 461 
TRP CZ2 HZ2  sing N N 462 
TRP CZ3 CH2  sing Y N 463 
TRP CZ3 HZ3  sing N N 464 
TRP CH2 HH2  sing N N 465 
TRP OXT HXT  sing N N 466 
TYR N   CA   sing N N 467 
TYR N   H    sing N N 468 
TYR N   H2   sing N N 469 
TYR CA  C    sing N N 470 
TYR CA  CB   sing N N 471 
TYR CA  HA   sing N N 472 
TYR C   O    doub N N 473 
TYR C   OXT  sing N N 474 
TYR CB  CG   sing N N 475 
TYR CB  HB2  sing N N 476 
TYR CB  HB3  sing N N 477 
TYR CG  CD1  doub Y N 478 
TYR CG  CD2  sing Y N 479 
TYR CD1 CE1  sing Y N 480 
TYR CD1 HD1  sing N N 481 
TYR CD2 CE2  doub Y N 482 
TYR CD2 HD2  sing N N 483 
TYR CE1 CZ   doub Y N 484 
TYR CE1 HE1  sing N N 485 
TYR CE2 CZ   sing Y N 486 
TYR CE2 HE2  sing N N 487 
TYR CZ  OH   sing N N 488 
TYR OH  HH   sing N N 489 
TYR OXT HXT  sing N N 490 
VAL N   CA   sing N N 491 
VAL N   H    sing N N 492 
VAL N   H2   sing N N 493 
VAL CA  C    sing N N 494 
VAL CA  CB   sing N N 495 
VAL CA  HA   sing N N 496 
VAL C   O    doub N N 497 
VAL C   OXT  sing N N 498 
VAL CB  CG1  sing N N 499 
VAL CB  CG2  sing N N 500 
VAL CB  HB   sing N N 501 
VAL CG1 HG11 sing N N 502 
VAL CG1 HG12 sing N N 503 
VAL CG1 HG13 sing N N 504 
VAL CG2 HG21 sing N N 505 
VAL CG2 HG22 sing N N 506 
VAL CG2 HG23 sing N N 507 
VAL OXT HXT  sing N N 508 
# 
_pdbx_entity_instance_feature.ordinal        1 
_pdbx_entity_instance_feature.comp_id        818 
_pdbx_entity_instance_feature.asym_id        ? 
_pdbx_entity_instance_feature.seq_num        ? 
_pdbx_entity_instance_feature.auth_comp_id   818 
_pdbx_entity_instance_feature.auth_asym_id   ? 
_pdbx_entity_instance_feature.auth_seq_num   ? 
_pdbx_entity_instance_feature.feature_type   'SUBJECT OF INVESTIGATION' 
_pdbx_entity_instance_feature.details        ? 
# 
_pdbx_initial_refinement_model.id               1 
_pdbx_initial_refinement_model.entity_id_list   ? 
_pdbx_initial_refinement_model.type             'experimental model' 
_pdbx_initial_refinement_model.source_name      PDB 
_pdbx_initial_refinement_model.accession_code   4DH0 
_pdbx_initial_refinement_model.details          ? 
# 
_atom_sites.entry_id                    6YF0 
_atom_sites.Cartn_transf_matrix[1][1]   ? 
_atom_sites.Cartn_transf_matrix[1][2]   ? 
_atom_sites.Cartn_transf_matrix[1][3]   ? 
_atom_sites.Cartn_transf_matrix[2][1]   ? 
_atom_sites.Cartn_transf_matrix[2][2]   ? 
_atom_sites.Cartn_transf_matrix[2][3]   ? 
_atom_sites.Cartn_transf_matrix[3][1]   ? 
_atom_sites.Cartn_transf_matrix[3][2]   ? 
_atom_sites.Cartn_transf_matrix[3][3]   ? 
_atom_sites.Cartn_transf_vector[1]      ? 
_atom_sites.Cartn_transf_vector[2]      ? 
_atom_sites.Cartn_transf_vector[3]      ? 
_atom_sites.fract_transf_matrix[1][1]   -0.01628246 
_atom_sites.fract_transf_matrix[1][2]   0.00625384 
_atom_sites.fract_transf_matrix[1][3]   -0.00623709 
_atom_sites.fract_transf_matrix[2][1]   -0.00049682 
_atom_sites.fract_transf_matrix[2][2]   0.01271228 
_atom_sites.fract_transf_matrix[2][3]   -0.01346301 
_atom_sites.fract_transf_matrix[3][1]   -0.00012198 
_atom_sites.fract_transf_matrix[3][2]   -0.00537106 
_atom_sites.fract_transf_matrix[3][3]   -0.00506705 
_atom_sites.fract_transf_vector[1]      0.029821 
_atom_sites.fract_transf_vector[2]      -0.487025 
_atom_sites.fract_transf_vector[3]      -0.046756 
_atom_sites.solution_primary            ? 
_atom_sites.solution_secondary          ? 
_atom_sites.solution_hydrogens          ? 
_atom_sites.special_details             ? 
# 
loop_
_atom_type.symbol 
C 
N 
O 
S 
# 
loop_
_atom_site.group_PDB 
_atom_site.id 
_atom_site.type_symbol 
_atom_site.label_atom_id 
_atom_site.label_alt_id 
_atom_site.label_comp_id 
_atom_site.label_asym_id 
_atom_site.label_entity_id 
_atom_site.label_seq_id 
_atom_site.pdbx_PDB_ins_code 
_atom_site.Cartn_x 
_atom_site.Cartn_y 
_atom_site.Cartn_z 
_atom_site.occupancy 
_atom_site.B_iso_or_equiv 
_atom_site.pdbx_formal_charge 
_atom_site.auth_seq_id 
_atom_site.auth_comp_id 
_atom_site.auth_asym_id 
_atom_site.auth_atom_id 
_atom_site.pdbx_PDB_model_num 
ATOM   1    N N   . GLY A 1 3   ? 5.998   8.420   8.880   1.00 34.92 ? 1   GLY A N   1 
ATOM   2    C CA  . GLY A 1 3   ? 6.429   7.768   7.612   1.00 34.47 ? 1   GLY A CA  1 
ATOM   3    C C   . GLY A 1 3   ? 5.684   6.464   7.408   1.00 32.94 ? 1   GLY A C   1 
ATOM   4    O O   . GLY A 1 3   ? 4.540   6.321   7.843   1.00 33.75 ? 1   GLY A O   1 
ATOM   5    N N   . VAL A 1 4   ? 6.343   5.512   6.754   1.00 32.03 ? 2   VAL A N   1 
ATOM   6    C CA  . VAL A 1 4   ? 5.769   4.180   6.562   1.00 29.56 ? 2   VAL A CA  1 
ATOM   7    C C   . VAL A 1 4   ? 6.707   3.089   7.091   1.00 29.58 ? 2   VAL A C   1 
ATOM   8    O O   . VAL A 1 4   ? 7.901   3.073   6.765   1.00 30.75 ? 2   VAL A O   1 
ATOM   9    C CB  . VAL A 1 4   ? 5.365   3.924   5.078   1.00 28.72 ? 2   VAL A CB  1 
ATOM   10   C CG1 . VAL A 1 4   ? 6.515   4.213   4.113   1.00 28.73 ? 2   VAL A CG1 1 
ATOM   11   C CG2 . VAL A 1 4   ? 4.820   2.512   4.888   1.00 27.30 ? 2   VAL A CG2 1 
ATOM   12   N N   . GLN A 1 5   ? 6.156   2.216   7.934   1.00 27.87 ? 3   GLN A N   1 
ATOM   13   C CA  . GLN A 1 5   ? 6.829   0.994   8.380   1.00 28.09 ? 3   GLN A CA  1 
ATOM   14   C C   . GLN A 1 5   ? 6.436   -0.150  7.462   1.00 28.93 ? 3   GLN A C   1 
ATOM   15   O O   . GLN A 1 5   ? 5.250   -0.327  7.164   1.00 28.71 ? 3   GLN A O   1 
ATOM   16   C CB  . GLN A 1 5   ? 6.403   0.636   9.799   1.00 27.09 ? 3   GLN A CB  1 
ATOM   17   C CG  . GLN A 1 5   ? 6.689   1.708   10.836  1.00 28.04 ? 3   GLN A CG  1 
ATOM   18   C CD  . GLN A 1 5   ? 6.013   1.418   12.154  1.00 28.84 ? 3   GLN A CD  1 
ATOM   19   O OE1 . GLN A 1 5   ? 5.031   2.072   12.516  1.00 30.18 ? 3   GLN A OE1 1 
ATOM   20   N NE2 . GLN A 1 5   ? 6.534   0.436   12.886  1.00 28.90 ? 3   GLN A NE2 1 
ATOM   21   N N   . VAL A 1 6   ? 7.423   -0.932  7.031   1.00 28.94 ? 4   VAL A N   1 
ATOM   22   C CA  . VAL A 1 6   ? 7.184   -2.108  6.190   1.00 28.16 ? 4   VAL A CA  1 
ATOM   23   C C   . VAL A 1 6   ? 7.583   -3.374  6.948   1.00 28.33 ? 4   VAL A C   1 
ATOM   24   O O   . VAL A 1 6   ? 8.773   -3.618  7.176   1.00 29.35 ? 4   VAL A O   1 
ATOM   25   C CB  . VAL A 1 6   ? 7.964   -2.033  4.853   1.00 27.70 ? 4   VAL A CB  1 
ATOM   26   C CG1 . VAL A 1 6   ? 7.674   -3.262  3.988   1.00 27.63 ? 4   VAL A CG1 1 
ATOM   27   C CG2 . VAL A 1 6   ? 7.636   -0.746  4.095   1.00 28.25 ? 4   VAL A CG2 1 
ATOM   28   N N   . GLU A 1 7   ? 6.592   -4.175  7.334   1.00 27.25 ? 5   GLU A N   1 
ATOM   29   C CA  . GLU A 1 7   ? 6.843   -5.424  8.056   1.00 26.92 ? 5   GLU A CA  1 
ATOM   30   C C   . GLU A 1 7   ? 6.440   -6.626  7.208   1.00 25.45 ? 5   GLU A C   1 
ATOM   31   O O   . GLU A 1 7   ? 5.267   -6.814  6.902   1.00 25.75 ? 5   GLU A O   1 
ATOM   32   C CB  . GLU A 1 7   ? 6.125   -5.430  9.412   1.00 28.88 ? 5   GLU A CB  1 
ATOM   33   C CG  . GLU A 1 7   ? 6.602   -4.317  10.349  1.00 31.99 ? 5   GLU A CG  1 
ATOM   34   C CD  . GLU A 1 7   ? 5.848   -4.271  11.667  1.00 34.89 ? 5   GLU A CD  1 
ATOM   35   O OE1 . GLU A 1 7   ? 6.418   -4.721  12.686  1.00 36.74 ? 5   GLU A OE1 1 
ATOM   36   O OE2 . GLU A 1 7   ? 4.693   -3.786  11.692  1.00 34.39 ? 5   GLU A OE2 1 
ATOM   37   N N   . THR A 1 8   ? 7.425   -7.438  6.826   1.00 24.59 ? 6   THR A N   1 
ATOM   38   C CA  . THR A 1 8   ? 7.184   -8.559  5.918   1.00 23.90 ? 6   THR A CA  1 
ATOM   39   C C   . THR A 1 8   ? 6.327   -9.676  6.524   1.00 24.23 ? 6   THR A C   1 
ATOM   40   O O   . THR A 1 8   ? 6.591   -10.164 7.629   1.00 25.10 ? 6   THR A O   1 
ATOM   41   C CB  . THR A 1 8   ? 8.518   -9.126  5.358   1.00 24.09 ? 6   THR A CB  1 
ATOM   42   O OG1 . THR A 1 8   ? 9.211   -8.083  4.670   1.00 25.23 ? 6   THR A OG1 1 
ATOM   43   C CG2 . THR A 1 8   ? 8.267   -10.252 4.367   1.00 24.29 ? 6   THR A CG2 1 
ATOM   44   N N   . ILE A 1 9   ? 5.291   -10.056 5.783   1.00 24.77 ? 7   ILE A N   1 
ATOM   45   C CA  . ILE A 1 9   ? 4.432   -11.182 6.116   1.00 25.44 ? 7   ILE A CA  1 
ATOM   46   C C   . ILE A 1 9   ? 4.988   -12.433 5.435   1.00 25.34 ? 7   ILE A C   1 
ATOM   47   O O   . ILE A 1 9   ? 5.121   -13.487 6.068   1.00 26.46 ? 7   ILE A O   1 
ATOM   48   C CB  . ILE A 1 9   ? 2.965   -10.898 5.682   1.00 25.20 ? 7   ILE A CB  1 
ATOM   49   C CG1 . ILE A 1 9   ? 2.374   -9.750  6.520   1.00 26.03 ? 7   ILE A CG1 1 
ATOM   50   C CG2 . ILE A 1 9   ? 2.103   -12.157 5.791   1.00 26.22 ? 7   ILE A CG2 1 
ATOM   51   C CD1 . ILE A 1 9   ? 1.152   -9.080  5.893   1.00 27.23 ? 7   ILE A CD1 1 
ATOM   52   N N   . SER A 1 10  ? 5.321   -12.295 4.150   1.00 24.96 ? 8   SER A N   1 
ATOM   53   C CA  A SER A 1 10  ? 5.910   -13.369 3.347   0.50 24.78 ? 8   SER A CA  1 
ATOM   54   C CA  B SER A 1 10  ? 5.967   -13.360 3.394   0.50 24.30 ? 8   SER A CA  1 
ATOM   55   C C   . SER A 1 10  ? 6.933   -12.777 2.364   1.00 24.59 ? 8   SER A C   1 
ATOM   56   O O   . SER A 1 10  ? 6.658   -11.741 1.749   1.00 22.94 ? 8   SER A O   1 
ATOM   57   C CB  A SER A 1 10  ? 4.810   -14.112 2.585   0.50 25.45 ? 8   SER A CB  1 
ATOM   58   C CB  B SER A 1 10  ? 4.942   -14.299 2.747   0.50 24.38 ? 8   SER A CB  1 
ATOM   59   O OG  A SER A 1 10  ? 5.320   -15.244 1.903   0.50 26.35 ? 8   SER A OG  1 
ATOM   60   O OG  B SER A 1 10  ? 4.142   -13.626 1.799   0.50 23.68 ? 8   SER A OG  1 
ATOM   61   N N   . PRO A 1 11  ? 8.106   -13.425 2.202   1.00 24.32 ? 9   PRO A N   1 
ATOM   62   C CA  . PRO A 1 11  ? 9.176   -12.848 1.369   1.00 23.57 ? 9   PRO A CA  1 
ATOM   63   C C   . PRO A 1 11  ? 8.898   -12.803 -0.134  1.00 22.81 ? 9   PRO A C   1 
ATOM   64   O O   . PRO A 1 11  ? 8.259   -13.703 -0.682  1.00 22.76 ? 9   PRO A O   1 
ATOM   65   C CB  . PRO A 1 11  ? 10.353  -13.790 1.631   1.00 24.31 ? 9   PRO A CB  1 
ATOM   66   C CG  . PRO A 1 11  ? 9.701   -15.102 1.938   1.00 24.89 ? 9   PRO A CG  1 
ATOM   67   C CD  . PRO A 1 11  ? 8.515   -14.726 2.771   1.00 25.34 ? 9   PRO A CD  1 
ATOM   68   N N   . GLY A 1 12  ? 9.395   -11.755 -0.790  1.00 21.63 ? 10  GLY A N   1 
ATOM   69   C CA  . GLY A 1 12  ? 9.420   -11.698 -2.255  1.00 21.41 ? 10  GLY A CA  1 
ATOM   70   C C   . GLY A 1 12  ? 10.735  -12.251 -2.771  1.00 21.47 ? 10  GLY A C   1 
ATOM   71   O O   . GLY A 1 12  ? 11.483  -12.864 -2.010  1.00 21.76 ? 10  GLY A O   1 
ATOM   72   N N   . ASP A 1 13  ? 11.024  -12.026 -4.050  1.00 20.51 ? 11  ASP A N   1 
ATOM   73   C CA  . ASP A 1 13  ? 12.248  -12.580 -4.657  1.00 20.39 ? 11  ASP A CA  1 
ATOM   74   C C   . ASP A 1 13  ? 13.540  -11.882 -4.208  1.00 20.39 ? 11  ASP A C   1 
ATOM   75   O O   . ASP A 1 13  ? 14.644  -12.393 -4.433  1.00 20.27 ? 11  ASP A O   1 
ATOM   76   C CB  . ASP A 1 13  ? 12.142  -12.683 -6.197  1.00 20.75 ? 11  ASP A CB  1 
ATOM   77   C CG  . ASP A 1 13  ? 12.111  -11.326 -6.909  1.00 20.72 ? 11  ASP A CG  1 
ATOM   78   O OD1 . ASP A 1 13  ? 12.334  -10.262 -6.293  1.00 19.65 ? 11  ASP A OD1 1 
ATOM   79   O OD2 . ASP A 1 13  ? 11.873  -11.334 -8.142  1.00 21.81 ? 11  ASP A OD2 1 
ATOM   80   N N   . GLY A 1 14  ? 13.400  -10.729 -3.559  1.00 20.40 ? 12  GLY A N   1 
ATOM   81   C CA  . GLY A 1 14  ? 14.550  -9.973  -3.077  1.00 20.70 ? 12  GLY A CA  1 
ATOM   82   C C   . GLY A 1 14  ? 15.395  -9.338  -4.172  1.00 21.06 ? 12  GLY A C   1 
ATOM   83   O O   . GLY A 1 14  ? 16.480  -8.835  -3.882  1.00 20.78 ? 12  GLY A O   1 
ATOM   84   N N   . ARG A 1 15  ? 14.894  -9.343  -5.410  1.00 20.85 ? 13  ARG A N   1 
ATOM   85   C CA  . ARG A 1 15  ? 15.653  -8.883  -6.593  1.00 22.37 ? 13  ARG A CA  1 
ATOM   86   C C   . ARG A 1 15  ? 14.917  -7.851  -7.444  1.00 23.18 ? 13  ARG A C   1 
ATOM   87   O O   . ARG A 1 15  ? 15.539  -6.942  -8.006  1.00 24.91 ? 13  ARG A O   1 
ATOM   88   C CB  . ARG A 1 15  ? 15.995  -10.068 -7.505  1.00 21.51 ? 13  ARG A CB  1 
ATOM   89   C CG  . ARG A 1 15  ? 16.897  -11.117 -6.888  1.00 21.19 ? 13  ARG A CG  1 
ATOM   90   C CD  . ARG A 1 15  ? 17.178  -12.250 -7.870  1.00 20.56 ? 13  ARG A CD  1 
ATOM   91   N NE  . ARG A 1 15  ? 15.990  -13.037 -8.208  1.00 21.18 ? 13  ARG A NE  1 
ATOM   92   C CZ  . ARG A 1 15  ? 15.300  -12.951 -9.345  1.00 20.86 ? 13  ARG A CZ  1 
ATOM   93   N NH1 . ARG A 1 15  ? 14.244  -13.740 -9.526  1.00 21.57 ? 13  ARG A NH1 1 
ATOM   94   N NH2 . ARG A 1 15  ? 15.656  -12.109 -10.313 1.00 20.80 ? 13  ARG A NH2 1 
ATOM   95   N N   . THR A 1 16  ? 13.602  -8.018  -7.568  1.00 23.32 ? 14  THR A N   1 
ATOM   96   C CA  . THR A 1 16  ? 12.803  -7.228  -8.494  1.00 24.16 ? 14  THR A CA  1 
ATOM   97   C C   . THR A 1 16  ? 11.975  -6.195  -7.734  1.00 25.34 ? 14  THR A C   1 
ATOM   98   O O   . THR A 1 16  ? 10.900  -6.502  -7.216  1.00 24.37 ? 14  THR A O   1 
ATOM   99   C CB  . THR A 1 16  ? 11.869  -8.123  -9.334  1.00 24.17 ? 14  THR A CB  1 
ATOM   100  O OG1 . THR A 1 16  ? 12.574  -9.301  -9.760  1.00 24.69 ? 14  THR A OG1 1 
ATOM   101  C CG2 . THR A 1 16  ? 11.353  -7.373  -10.554 1.00 25.26 ? 14  THR A CG2 1 
ATOM   102  N N   . PHE A 1 17  ? 12.496  -4.972  -7.680  1.00 25.40 ? 15  PHE A N   1 
ATOM   103  C CA  . PHE A 1 17  ? 11.873  -3.870  -6.956  1.00 26.80 ? 15  PHE A CA  1 
ATOM   104  C C   . PHE A 1 17  ? 11.309  -2.875  -7.967  1.00 28.37 ? 15  PHE A C   1 
ATOM   105  O O   . PHE A 1 17  ? 11.897  -2.684  -9.037  1.00 29.11 ? 15  PHE A O   1 
ATOM   106  C CB  . PHE A 1 17  ? 12.897  -3.189  -6.042  1.00 25.31 ? 15  PHE A CB  1 
ATOM   107  C CG  . PHE A 1 17  ? 13.447  -4.090  -4.974  1.00 25.27 ? 15  PHE A CG  1 
ATOM   108  C CD1 . PHE A 1 17  ? 12.939  -4.050  -3.681  1.00 24.41 ? 15  PHE A CD1 1 
ATOM   109  C CD2 . PHE A 1 17  ? 14.469  -4.993  -5.263  1.00 24.09 ? 15  PHE A CD2 1 
ATOM   110  C CE1 . PHE A 1 17  ? 13.438  -4.891  -2.692  1.00 24.61 ? 15  PHE A CE1 1 
ATOM   111  C CE2 . PHE A 1 17  ? 14.976  -5.844  -4.272  1.00 23.82 ? 15  PHE A CE2 1 
ATOM   112  C CZ  . PHE A 1 17  ? 14.461  -5.795  -2.988  1.00 24.62 ? 15  PHE A CZ  1 
ATOM   113  N N   . PRO A 1 18  ? 10.165  -2.240  -7.640  1.00 29.50 ? 16  PRO A N   1 
ATOM   114  C CA  . PRO A 1 18  ? 9.522   -1.343  -8.600  1.00 30.76 ? 16  PRO A CA  1 
ATOM   115  C C   . PRO A 1 18  ? 10.316  -0.061  -8.839  1.00 32.16 ? 16  PRO A C   1 
ATOM   116  O O   . PRO A 1 18  ? 10.858  0.518   -7.894  1.00 31.44 ? 16  PRO A O   1 
ATOM   117  C CB  . PRO A 1 18  ? 8.178   -1.007  -7.935  1.00 30.84 ? 16  PRO A CB  1 
ATOM   118  C CG  . PRO A 1 18  ? 8.031   -1.942  -6.788  1.00 30.29 ? 16  PRO A CG  1 
ATOM   119  C CD  . PRO A 1 18  ? 9.414   -2.311  -6.374  1.00 28.88 ? 16  PRO A CD  1 
ATOM   120  N N   . LYS A 1 19  ? 10.379  0.363   -10.099 1.00 34.20 ? 17  LYS A N   1 
ATOM   121  C CA  A LYS A 1 19  ? 11.053  1.615   -10.436 0.50 35.45 ? 17  LYS A CA  1 
ATOM   122  C CA  B LYS A 1 19  ? 11.063  1.595   -10.489 0.50 34.50 ? 17  LYS A CA  1 
ATOM   123  C C   . LYS A 1 19  ? 10.065  2.635   -10.989 1.00 36.01 ? 17  LYS A C   1 
ATOM   124  O O   . LYS A 1 19  ? 8.984   2.278   -11.469 1.00 35.25 ? 17  LYS A O   1 
ATOM   125  C CB  A LYS A 1 19  ? 12.238  1.388   -11.390 0.50 36.49 ? 17  LYS A CB  1 
ATOM   126  C CB  B LYS A 1 19  ? 12.102  1.303   -11.575 0.50 34.10 ? 17  LYS A CB  1 
ATOM   127  C CG  A LYS A 1 19  ? 11.874  1.112   -12.840 0.50 37.74 ? 17  LYS A CG  1 
ATOM   128  C CG  B LYS A 1 19  ? 13.271  0.465   -11.095 0.50 33.30 ? 17  LYS A CG  1 
ATOM   129  C CD  A LYS A 1 19  ? 13.113  0.988   -13.714 0.50 38.78 ? 17  LYS A CD  1 
ATOM   130  C CD  B LYS A 1 19  ? 13.847  1.063   -9.833  0.50 33.21 ? 17  LYS A CD  1 
ATOM   131  C CE  A LYS A 1 19  ? 12.739  0.695   -15.157 0.50 38.98 ? 17  LYS A CE  1 
ATOM   132  C CE  B LYS A 1 19  ? 14.905  0.169   -9.228  0.50 33.37 ? 17  LYS A CE  1 
ATOM   133  N NZ  A LYS A 1 19  ? 13.923  0.766   -16.057 0.50 39.48 ? 17  LYS A NZ  1 
ATOM   134  N NZ  B LYS A 1 19  ? 15.507  0.806   -8.025  0.50 33.84 ? 17  LYS A NZ  1 
ATOM   135  N N   . ARG A 1 20  ? 10.436  3.910   -10.888 1.00 38.44 ? 18  ARG A N   1 
ATOM   136  C CA  . ARG A 1 20  ? 9.610   5.011   -11.373 1.00 41.04 ? 18  ARG A CA  1 
ATOM   137  C C   . ARG A 1 20  ? 9.250   4.765   -12.837 1.00 39.61 ? 18  ARG A C   1 
ATOM   138  O O   . ARG A 1 20  ? 10.128  4.526   -13.668 1.00 41.18 ? 18  ARG A O   1 
ATOM   139  C CB  . ARG A 1 20  ? 10.360  6.338   -11.205 1.00 45.06 ? 18  ARG A CB  1 
ATOM   140  C CG  . ARG A 1 20  ? 9.608   7.579   -11.681 1.00 50.70 ? 18  ARG A CG  1 
ATOM   141  C CD  . ARG A 1 20  ? 10.497  8.826   -11.654 1.00 53.55 ? 18  ARG A CD  1 
ATOM   142  N NE  . ARG A 1 20  ? 11.589  8.765   -12.631 1.00 56.68 ? 18  ARG A NE  1 
ATOM   143  C CZ  . ARG A 1 20  ? 12.867  8.538   -12.331 1.00 58.64 ? 18  ARG A CZ  1 
ATOM   144  N NH1 . ARG A 1 20  ? 13.776  8.503   -13.298 1.00 59.59 ? 18  ARG A NH1 1 
ATOM   145  N NH2 . ARG A 1 20  ? 13.245  8.349   -11.072 1.00 60.27 ? 18  ARG A NH2 1 
ATOM   146  N N   . GLY A 1 21  ? 7.955   4.796   -13.137 1.00 37.43 ? 19  GLY A N   1 
ATOM   147  C CA  . GLY A 1 21  ? 7.473   4.549   -14.494 1.00 36.27 ? 19  GLY A CA  1 
ATOM   148  C C   . GLY A 1 21  ? 6.946   3.143   -14.726 1.00 35.46 ? 19  GLY A C   1 
ATOM   149  O O   . GLY A 1 21  ? 6.351   2.863   -15.768 1.00 36.38 ? 19  GLY A O   1 
ATOM   150  N N   . GLN A 1 22  ? 7.176   2.255   -13.761 1.00 34.63 ? 20  GLN A N   1 
ATOM   151  C CA  . GLN A 1 22  ? 6.627   0.901   -13.799 1.00 33.56 ? 20  GLN A CA  1 
ATOM   152  C C   . GLN A 1 22  ? 5.283   0.852   -13.088 1.00 31.68 ? 20  GLN A C   1 
ATOM   153  O O   . GLN A 1 22  ? 5.074   1.548   -12.089 1.00 31.59 ? 20  GLN A O   1 
ATOM   154  C CB  . GLN A 1 22  ? 7.577   -0.100  -13.132 1.00 34.22 ? 20  GLN A CB  1 
ATOM   155  C CG  . GLN A 1 22  ? 8.796   -0.477  -13.957 1.00 35.46 ? 20  GLN A CG  1 
ATOM   156  C CD  . GLN A 1 22  ? 9.601   -1.596  -13.324 1.00 36.41 ? 20  GLN A CD  1 
ATOM   157  O OE1 . GLN A 1 22  ? 10.122  -1.460  -12.216 1.00 36.59 ? 20  GLN A OE1 1 
ATOM   158  N NE2 . GLN A 1 22  ? 9.712   -2.713  -14.033 1.00 37.23 ? 20  GLN A NE2 1 
ATOM   159  N N   . THR A 1 23  ? 4.385   0.022   -13.611 1.00 30.06 ? 21  THR A N   1 
ATOM   160  C CA  . THR A 1 23  ? 3.085   -0.219  -12.998 1.00 29.18 ? 21  THR A CA  1 
ATOM   161  C C   . THR A 1 23  ? 3.174   -1.388  -12.012 1.00 27.95 ? 21  THR A C   1 
ATOM   162  O O   . THR A 1 23  ? 3.542   -2.502  -12.396 1.00 27.94 ? 21  THR A O   1 
ATOM   163  C CB  . THR A 1 23  ? 2.009   -0.515  -14.072 1.00 29.35 ? 21  THR A CB  1 
ATOM   164  O OG1 . THR A 1 23  ? 1.751   0.671   -14.838 1.00 30.42 ? 21  THR A OG1 1 
ATOM   165  C CG2 . THR A 1 23  ? 0.704   -0.988  -13.438 1.00 29.53 ? 21  THR A CG2 1 
ATOM   166  N N   . CYS A 1 24  ? 2.848   -1.122  -10.746 1.00 25.77 ? 22  CYS A N   1 
ATOM   167  C CA  . CYS A 1 24  ? 2.748   -2.167  -9.720  1.00 25.08 ? 22  CYS A CA  1 
ATOM   168  C C   . CYS A 1 24  ? 1.351   -2.766  -9.706  1.00 23.57 ? 22  CYS A C   1 
ATOM   169  O O   . CYS A 1 24  ? 0.352   -2.035  -9.671  1.00 23.39 ? 22  CYS A O   1 
ATOM   170  C CB  . CYS A 1 24  ? 3.053   -1.604  -8.336  1.00 25.32 ? 22  CYS A CB  1 
ATOM   171  S SG  . CYS A 1 24  ? 4.639   -0.775  -8.195  1.00 26.37 ? 22  CYS A SG  1 
ATOM   172  N N   . VAL A 1 25  ? 1.283   -4.097  -9.726  1.00 21.41 ? 23  VAL A N   1 
ATOM   173  C CA  . VAL A 1 25  ? 0.009   -4.805  -9.636  1.00 20.99 ? 23  VAL A CA  1 
ATOM   174  C C   . VAL A 1 25  ? -0.031  -5.455  -8.258  1.00 19.22 ? 23  VAL A C   1 
ATOM   175  O O   . VAL A 1 25  ? 0.854   -6.246  -7.916  1.00 19.35 ? 23  VAL A O   1 
ATOM   176  C CB  . VAL A 1 25  ? -0.143  -5.877  -10.751 1.00 21.18 ? 23  VAL A CB  1 
ATOM   177  C CG1 . VAL A 1 25  ? -1.530  -6.513  -10.707 1.00 21.34 ? 23  VAL A CG1 1 
ATOM   178  C CG2 . VAL A 1 25  ? 0.116   -5.273  -12.131 1.00 22.79 ? 23  VAL A CG2 1 
ATOM   179  N N   . VAL A 1 26  ? -1.028  -5.094  -7.453  1.00 18.21 ? 24  VAL A N   1 
ATOM   180  C CA  . VAL A 1 26  ? -1.093  -5.554  -6.070  1.00 17.36 ? 24  VAL A CA  1 
ATOM   181  C C   . VAL A 1 26  ? -2.471  -6.065  -5.670  1.00 17.11 ? 24  VAL A C   1 
ATOM   182  O O   . VAL A 1 26  ? -3.470  -5.778  -6.331  1.00 18.25 ? 24  VAL A O   1 
ATOM   183  C CB  . VAL A 1 26  ? -0.678  -4.426  -5.062  1.00 16.88 ? 24  VAL A CB  1 
ATOM   184  C CG1 . VAL A 1 26  ? 0.704   -3.855  -5.409  1.00 17.82 ? 24  VAL A CG1 1 
ATOM   185  C CG2 . VAL A 1 26  ? -1.723  -3.304  -5.011  1.00 17.58 ? 24  VAL A CG2 1 
ATOM   186  N N   . HIS A 1 27  ? -2.506  -6.840  -4.594  1.00 16.35 ? 25  HIS A N   1 
ATOM   187  C CA  . HIS A 1 27  ? -3.710  -6.990  -3.798  1.00 17.08 ? 25  HIS A CA  1 
ATOM   188  C C   . HIS A 1 27  ? -3.483  -6.345  -2.449  1.00 17.55 ? 25  HIS A C   1 
ATOM   189  O O   . HIS A 1 27  ? -2.387  -6.424  -1.889  1.00 17.30 ? 25  HIS A O   1 
ATOM   190  C CB  . HIS A 1 27  ? -4.093  -8.456  -3.608  1.00 18.36 ? 25  HIS A CB  1 
ATOM   191  C CG  . HIS A 1 27  ? -5.089  -8.947  -4.609  1.00 19.34 ? 25  HIS A CG  1 
ATOM   192  N ND1 . HIS A 1 27  ? -6.241  -8.254  -4.915  1.00 20.44 ? 25  HIS A ND1 1 
ATOM   193  C CD2 . HIS A 1 27  ? -5.107  -10.062 -5.376  1.00 20.86 ? 25  HIS A CD2 1 
ATOM   194  C CE1 . HIS A 1 27  ? -6.927  -8.918  -5.826  1.00 21.39 ? 25  HIS A CE1 1 
ATOM   195  N NE2 . HIS A 1 27  ? -6.260  -10.020 -6.122  1.00 21.41 ? 25  HIS A NE2 1 
ATOM   196  N N   . TYR A 1 28  ? -4.526  -5.710  -1.924  1.00 16.67 ? 26  TYR A N   1 
ATOM   197  C CA  . TYR A 1 28  ? -4.420  -5.030  -0.643  1.00 16.70 ? 26  TYR A CA  1 
ATOM   198  C C   . TYR A 1 28  ? -5.703  -5.097  0.147   1.00 17.07 ? 26  TYR A C   1 
ATOM   199  O O   . TYR A 1 28  ? -6.803  -5.272  -0.410  1.00 17.51 ? 26  TYR A O   1 
ATOM   200  C CB  . TYR A 1 28  ? -4.033  -3.549  -0.825  1.00 16.18 ? 26  TYR A CB  1 
ATOM   201  C CG  . TYR A 1 28  ? -5.169  -2.671  -1.338  1.00 15.87 ? 26  TYR A CG  1 
ATOM   202  C CD1 . TYR A 1 28  ? -6.042  -2.008  -0.456  1.00 16.21 ? 26  TYR A CD1 1 
ATOM   203  C CD2 . TYR A 1 28  ? -5.368  -2.501  -2.706  1.00 15.99 ? 26  TYR A CD2 1 
ATOM   204  C CE1 . TYR A 1 28  ? -7.090  -1.215  -0.936  1.00 16.57 ? 26  TYR A CE1 1 
ATOM   205  C CE2 . TYR A 1 28  ? -6.404  -1.711  -3.191  1.00 16.23 ? 26  TYR A CE2 1 
ATOM   206  C CZ  . TYR A 1 28  ? -7.257  -1.067  -2.303  1.00 16.17 ? 26  TYR A CZ  1 
ATOM   207  O OH  . TYR A 1 28  ? -8.269  -0.288  -2.801  1.00 17.24 ? 26  TYR A OH  1 
ATOM   208  N N   . THR A 1 29  ? -5.528  -4.965  1.455   1.00 17.76 ? 27  THR A N   1 
ATOM   209  C CA  A THR A 1 29  ? -6.627  -4.674  2.360   0.50 18.37 ? 27  THR A CA  1 
ATOM   210  C CA  B THR A 1 29  ? -6.616  -4.706  2.377   0.50 18.20 ? 27  THR A CA  1 
ATOM   211  C C   . THR A 1 29  ? -6.199  -3.494  3.199   1.00 18.36 ? 27  THR A C   1 
ATOM   212  O O   . THR A 1 29  ? -5.038  -3.385  3.582   1.00 17.98 ? 27  THR A O   1 
ATOM   213  C CB  A THR A 1 29  ? -6.987  -5.846  3.287   0.50 18.62 ? 27  THR A CB  1 
ATOM   214  C CB  B THR A 1 29  ? -6.866  -5.916  3.289   0.50 18.30 ? 27  THR A CB  1 
ATOM   215  O OG1 A THR A 1 29  ? -5.820  -6.295  3.984   0.50 19.37 ? 27  THR A OG1 1 
ATOM   216  O OG1 B THR A 1 29  ? -7.077  -7.087  2.488   0.50 18.97 ? 27  THR A OG1 1 
ATOM   217  C CG2 A THR A 1 29  ? -7.592  -6.998  2.505   0.50 18.88 ? 27  THR A CG2 1 
ATOM   218  C CG2 B THR A 1 29  ? -8.083  -5.693  4.181   0.50 18.16 ? 27  THR A CG2 1 
ATOM   219  N N   . GLY A 1 30  ? -7.136  -2.593  3.460   1.00 18.76 ? 28  GLY A N   1 
ATOM   220  C CA  . GLY A 1 30  ? -6.866  -1.418  4.269   1.00 20.51 ? 28  GLY A CA  1 
ATOM   221  C C   . GLY A 1 30  ? -7.750  -1.417  5.495   1.00 21.53 ? 28  GLY A C   1 
ATOM   222  O O   . GLY A 1 30  ? -8.940  -1.766  5.417   1.00 21.98 ? 28  GLY A O   1 
ATOM   223  N N   . MET A 1 31  ? -7.158  -1.052  6.630   1.00 23.70 ? 29  MET A N   1 
ATOM   224  C CA  . MET A 1 31  ? -7.899  -0.894  7.871   1.00 24.89 ? 29  MET A CA  1 
ATOM   225  C C   . MET A 1 31  ? -7.410  0.308   8.666   1.00 25.04 ? 29  MET A C   1 
ATOM   226  O O   . MET A 1 31  ? -6.281  0.758   8.502   1.00 24.27 ? 29  MET A O   1 
ATOM   227  C CB  . MET A 1 31  ? -7.856  -2.171  8.718   1.00 28.19 ? 29  MET A CB  1 
ATOM   228  C CG  . MET A 1 31  ? -6.545  -2.458  9.432   1.00 30.37 ? 29  MET A CG  1 
ATOM   229  S SD  . MET A 1 31  ? -6.685  -3.964  10.430  1.00 35.87 ? 29  MET A SD  1 
ATOM   230  C CE  . MET A 1 31  ? -6.826  -5.189  9.124   1.00 33.24 ? 29  MET A CE  1 
ATOM   231  N N   . LEU A 1 32  ? -8.284  0.839   9.514   1.00 25.57 ? 30  LEU A N   1 
ATOM   232  C CA  . LEU A 1 32  ? -7.881  1.850   10.473  1.00 28.37 ? 30  LEU A CA  1 
ATOM   233  C C   . LEU A 1 32  ? -7.069  1.174   11.576  1.00 30.60 ? 30  LEU A C   1 
ATOM   234  O O   . LEU A 1 32  ? -7.143  -0.043  11.760  1.00 32.55 ? 30  LEU A O   1 
ATOM   235  C CB  . LEU A 1 32  ? -9.110  2.534   11.074  1.00 27.66 ? 30  LEU A CB  1 
ATOM   236  C CG  . LEU A 1 32  ? -10.142 3.145   10.123  1.00 27.33 ? 30  LEU A CG  1 
ATOM   237  C CD1 . LEU A 1 32  ? -11.300 3.732   10.925  1.00 27.94 ? 30  LEU A CD1 1 
ATOM   238  C CD2 . LEU A 1 32  ? -9.516  4.202   9.230   1.00 27.38 ? 30  LEU A CD2 1 
ATOM   239  N N   . GLU A 1 33  ? -6.303  1.980   12.304  1.00 33.76 ? 31  GLU A N   1 
ATOM   240  C CA  . GLU A 1 33  ? -5.510  1.522   13.446  1.00 37.75 ? 31  GLU A CA  1 
ATOM   241  C C   . GLU A 1 33  ? -6.298  0.631   14.414  1.00 40.09 ? 31  GLU A C   1 
ATOM   242  O O   . GLU A 1 33  ? -5.783  -0.386  14.879  1.00 41.43 ? 31  GLU A O   1 
ATOM   243  C CB  . GLU A 1 33  ? -4.959  2.744   14.178  1.00 38.98 ? 31  GLU A CB  1 
ATOM   244  C CG  . GLU A 1 33  ? -3.795  2.478   15.108  1.00 40.33 ? 31  GLU A CG  1 
ATOM   245  C CD  . GLU A 1 33  ? -3.123  3.763   15.541  1.00 41.04 ? 31  GLU A CD  1 
ATOM   246  O OE1 . GLU A 1 33  ? -3.838  4.733   15.890  1.00 40.94 ? 31  GLU A OE1 1 
ATOM   247  O OE2 . GLU A 1 33  ? -1.879  3.811   15.515  1.00 40.45 ? 31  GLU A OE2 1 
ATOM   248  N N   . ASP A 1 34  ? -7.543  1.008   14.706  1.00 42.12 ? 32  ASP A N   1 
ATOM   249  C CA  . ASP A 1 34  ? -8.401  0.238   15.622  1.00 43.89 ? 32  ASP A CA  1 
ATOM   250  C C   . ASP A 1 34  ? -8.822  -1.136  15.078  1.00 43.95 ? 32  ASP A C   1 
ATOM   251  O O   . ASP A 1 34  ? -9.405  -1.947  15.803  1.00 44.29 ? 32  ASP A O   1 
ATOM   252  C CB  . ASP A 1 34  ? -9.633  1.055   16.050  1.00 46.22 ? 32  ASP A CB  1 
ATOM   253  C CG  . ASP A 1 34  ? -10.443 1.581   14.869  1.00 48.48 ? 32  ASP A CG  1 
ATOM   254  O OD1 . ASP A 1 34  ? -10.577 0.870   13.847  1.00 49.02 ? 32  ASP A OD1 1 
ATOM   255  O OD2 . ASP A 1 34  ? -10.959 2.716   14.972  1.00 50.00 ? 32  ASP A OD2 1 
ATOM   256  N N   . GLY A 1 35  ? -8.530  -1.386  13.803  1.00 42.33 ? 33  GLY A N   1 
ATOM   257  C CA  . GLY A 1 35  ? -8.788  -2.685  13.188  1.00 41.46 ? 33  GLY A CA  1 
ATOM   258  C C   . GLY A 1 35  ? -9.932  -2.722  12.191  1.00 40.76 ? 33  GLY A C   1 
ATOM   259  O O   . GLY A 1 35  ? -10.115 -3.723  11.494  1.00 42.69 ? 33  GLY A O   1 
ATOM   260  N N   . LYS A 1 36  ? -10.704 -1.639  12.120  1.00 39.21 ? 34  LYS A N   1 
ATOM   261  C CA  . LYS A 1 36  ? -11.858 -1.577  11.225  1.00 37.55 ? 34  LYS A CA  1 
ATOM   262  C C   . LYS A 1 36  ? -11.417 -1.541  9.761   1.00 34.00 ? 34  LYS A C   1 
ATOM   263  O O   . LYS A 1 36  ? -10.793 -0.584  9.318   1.00 32.85 ? 34  LYS A O   1 
ATOM   264  C CB  . LYS A 1 36  ? -12.739 -0.370  11.550  1.00 40.72 ? 34  LYS A CB  1 
ATOM   265  C CG  . LYS A 1 36  ? -14.131 -0.437  10.931  1.00 43.95 ? 34  LYS A CG  1 
ATOM   266  C CD  . LYS A 1 36  ? -14.889 0.870   11.107  1.00 46.59 ? 34  LYS A CD  1 
ATOM   267  C CE  . LYS A 1 36  ? -16.275 0.789   10.490  1.00 48.02 ? 34  LYS A CE  1 
ATOM   268  N NZ  . LYS A 1 36  ? -17.011 2.078   10.622  1.00 50.84 ? 34  LYS A NZ  1 
ATOM   269  N N   . LYS A 1 37  ? -11.745 -2.603  9.033   1.00 32.11 ? 35  LYS A N   1 
ATOM   270  C CA  . LYS A 1 37  ? -11.456 -2.719  7.606   1.00 29.46 ? 35  LYS A CA  1 
ATOM   271  C C   . LYS A 1 37  ? -12.317 -1.734  6.801   1.00 27.87 ? 35  LYS A C   1 
ATOM   272  O O   . LYS A 1 37  ? -13.521 -1.606  7.048   1.00 26.56 ? 35  LYS A O   1 
ATOM   273  C CB  . LYS A 1 37  ? -11.723 -4.160  7.170   1.00 30.84 ? 35  LYS A CB  1 
ATOM   274  C CG  . LYS A 1 37  ? -11.634 -4.435  5.683   1.00 32.34 ? 35  LYS A CG  1 
ATOM   275  C CD  . LYS A 1 37  ? -12.018 -5.877  5.425   1.00 35.06 ? 35  LYS A CD  1 
ATOM   276  C CE  . LYS A 1 37  ? -12.291 -6.132  3.965   1.00 36.56 ? 35  LYS A CE  1 
ATOM   277  N NZ  . LYS A 1 37  ? -12.654 -7.564  3.746   1.00 38.48 ? 35  LYS A NZ  1 
ATOM   278  N N   . PHE A 1 38  ? -11.699 -1.037  5.848   1.00 23.69 ? 36  PHE A N   1 
ATOM   279  C CA  . PHE A 1 38  ? -12.433 -0.102  4.988   1.00 22.59 ? 36  PHE A CA  1 
ATOM   280  C C   . PHE A 1 38  ? -12.373 -0.420  3.483   1.00 21.48 ? 36  PHE A C   1 
ATOM   281  O O   . PHE A 1 38  ? -13.155 0.125   2.710   1.00 22.60 ? 36  PHE A O   1 
ATOM   282  C CB  . PHE A 1 38  ? -12.036 1.360   5.268   1.00 21.66 ? 36  PHE A CB  1 
ATOM   283  C CG  . PHE A 1 38  ? -10.588 1.667   4.997   1.00 20.99 ? 36  PHE A CG  1 
ATOM   284  C CD1 . PHE A 1 38  ? -9.667  1.696   6.040   1.00 21.21 ? 36  PHE A CD1 1 
ATOM   285  C CD2 . PHE A 1 38  ? -10.144 1.931   3.702   1.00 20.94 ? 36  PHE A CD2 1 
ATOM   286  C CE1 . PHE A 1 38  ? -8.328  1.974   5.798   1.00 21.08 ? 36  PHE A CE1 1 
ATOM   287  C CE2 . PHE A 1 38  ? -8.797  2.210   3.453   1.00 20.98 ? 36  PHE A CE2 1 
ATOM   288  C CZ  . PHE A 1 38  ? -7.890  2.224   4.502   1.00 21.63 ? 36  PHE A CZ  1 
ATOM   289  N N   . ASP A 1 39  ? -11.462 -1.297  3.062   1.00 20.30 ? 37  ASP A N   1 
ATOM   290  C CA  . ASP A 1 39  ? -11.328 -1.615  1.637   1.00 20.02 ? 37  ASP A CA  1 
ATOM   291  C C   . ASP A 1 39  ? -10.534 -2.897  1.457   1.00 19.92 ? 37  ASP A C   1 
ATOM   292  O O   . ASP A 1 39  ? -9.731  -3.257  2.311   1.00 19.81 ? 37  ASP A O   1 
ATOM   293  C CB  . ASP A 1 39  ? -10.639 -0.450  0.908   1.00 19.40 ? 37  ASP A CB  1 
ATOM   294  C CG  . ASP A 1 39  ? -10.839 -0.476  -0.607  1.00 19.18 ? 37  ASP A CG  1 
ATOM   295  O OD1 . ASP A 1 39  ? -11.534 -1.378  -1.137  1.00 20.40 ? 37  ASP A OD1 1 
ATOM   296  O OD2 . ASP A 1 39  ? -10.295 0.429   -1.262  1.00 19.77 ? 37  ASP A OD2 1 
ATOM   297  N N   . SER A 1 40  ? -10.782 -3.590  0.350   1.00 19.86 ? 38  SER A N   1 
ATOM   298  C CA  . SER A 1 40  ? -10.018 -4.764  -0.030  1.00 20.62 ? 38  SER A CA  1 
ATOM   299  C C   . SER A 1 40  ? -10.169 -4.970  -1.522  1.00 20.68 ? 38  SER A C   1 
ATOM   300  O O   . SER A 1 40  ? -11.291 -5.117  -2.019  1.00 20.64 ? 38  SER A O   1 
ATOM   301  C CB  . SER A 1 40  ? -10.511 -6.011  0.711   1.00 22.72 ? 38  SER A CB  1 
ATOM   302  O OG  . SER A 1 40  ? -9.983  -7.189  0.114   1.00 25.10 ? 38  SER A OG  1 
ATOM   303  N N   . SER A 1 41  ? -9.048  -4.993  -2.237  1.00 19.16 ? 39  SER A N   1 
ATOM   304  C CA  . SER A 1 41  ? -9.072  -5.312  -3.667  1.00 19.15 ? 39  SER A CA  1 
ATOM   305  C C   . SER A 1 41  ? -9.461  -6.775  -3.863  1.00 20.20 ? 39  SER A C   1 
ATOM   306  O O   . SER A 1 41  ? -9.946  -7.148  -4.931  1.00 19.72 ? 39  SER A O   1 
ATOM   307  C CB  . SER A 1 41  ? -7.720  -5.026  -4.318  1.00 18.10 ? 39  SER A CB  1 
ATOM   308  O OG  . SER A 1 41  ? -6.712  -5.835  -3.741  1.00 17.45 ? 39  SER A OG  1 
ATOM   309  N N   . ARG A 1 42  ? -9.226  -7.587  -2.831  1.00 21.73 ? 40  ARG A N   1 
ATOM   310  C CA  . ARG A 1 42  ? -9.551  -9.015  -2.848  1.00 23.57 ? 40  ARG A CA  1 
ATOM   311  C C   . ARG A 1 42  ? -11.072 -9.207  -2.850  1.00 24.56 ? 40  ARG A C   1 
ATOM   312  O O   . ARG A 1 42  ? -11.591 -10.047 -3.588  1.00 25.56 ? 40  ARG A O   1 
ATOM   313  C CB  . ARG A 1 42  ? -8.895  -9.740  -1.663  1.00 23.66 ? 40  ARG A CB  1 
ATOM   314  C CG  . ARG A 1 42  ? -7.355  -9.634  -1.634  1.00 23.61 ? 40  ARG A CG  1 
ATOM   315  C CD  . ARG A 1 42  ? -6.733  -10.503 -0.530  1.00 23.44 ? 40  ARG A CD  1 
ATOM   316  N NE  . ARG A 1 42  ? -5.275  -10.331 -0.451  1.00 23.02 ? 40  ARG A NE  1 
ATOM   317  C CZ  . ARG A 1 42  ? -4.384  -10.981 -1.200  1.00 22.75 ? 40  ARG A CZ  1 
ATOM   318  N NH1 . ARG A 1 42  ? -3.088  -10.727 -1.049  1.00 20.64 ? 40  ARG A NH1 1 
ATOM   319  N NH2 . ARG A 1 42  ? -4.769  -11.859 -2.120  1.00 22.59 ? 40  ARG A NH2 1 
ATOM   320  N N   . ASP A 1 43  ? -11.775 -8.405  -2.049  1.00 25.38 ? 41  ASP A N   1 
ATOM   321  C CA  . ASP A 1 43  ? -13.247 -8.440  -1.988  1.00 26.24 ? 41  ASP A CA  1 
ATOM   322  C C   . ASP A 1 43  ? -13.871 -7.944  -3.286  1.00 27.23 ? 41  ASP A C   1 
ATOM   323  O O   . ASP A 1 43  ? -14.959 -8.374  -3.673  1.00 28.66 ? 41  ASP A O   1 
ATOM   324  C CB  . ASP A 1 43  ? -13.761 -7.586  -0.831  1.00 27.35 ? 41  ASP A CB  1 
ATOM   325  C CG  . ASP A 1 43  ? -13.436 -8.171  0.531   1.00 27.42 ? 41  ASP A CG  1 
ATOM   326  O OD1 . ASP A 1 43  ? -13.792 -7.527  1.532   1.00 29.54 ? 41  ASP A OD1 1 
ATOM   327  O OD2 . ASP A 1 43  ? -12.845 -9.271  0.613   1.00 29.33 ? 41  ASP A OD2 1 
ATOM   328  N N   . ARG A 1 44  ? -13.166 -7.031  -3.945  1.00 27.38 ? 42  ARG A N   1 
ATOM   329  C CA  . ARG A 1 44  ? -13.567 -6.473  -5.224  1.00 27.54 ? 42  ARG A CA  1 
ATOM   330  C C   . ARG A 1 44  ? -13.233 -7.445  -6.361  1.00 29.29 ? 42  ARG A C   1 
ATOM   331  O O   . ARG A 1 44  ? -13.652 -7.241  -7.505  1.00 31.06 ? 42  ARG A O   1 
ATOM   332  C CB  . ARG A 1 44  ? -12.851 -5.129  -5.416  1.00 26.71 ? 42  ARG A CB  1 
ATOM   333  C CG  . ARG A 1 44  ? -13.406 -4.239  -6.510  1.00 26.22 ? 42  ARG A CG  1 
ATOM   334  C CD  . ARG A 1 44  ? -13.016 -2.781  -6.300  1.00 24.51 ? 42  ARG A CD  1 
ATOM   335  N NE  . ARG A 1 44  ? -11.585 -2.597  -6.047  1.00 23.22 ? 42  ARG A NE  1 
ATOM   336  C CZ  . ARG A 1 44  ? -11.077 -2.092  -4.925  1.00 22.86 ? 42  ARG A CZ  1 
ATOM   337  N NH1 . ARG A 1 44  ? -9.759  -1.981  -4.795  1.00 21.37 ? 42  ARG A NH1 1 
ATOM   338  N NH2 . ARG A 1 44  ? -11.872 -1.696  -3.938  1.00 21.52 ? 42  ARG A NH2 1 
ATOM   339  N N   . ASN A 1 45  ? -12.481 -8.498  -6.033  1.00 30.61 ? 43  ASN A N   1 
ATOM   340  C CA  . ASN A 1 45  ? -11.992 -9.490  -7.003  1.00 31.70 ? 43  ASN A CA  1 
ATOM   341  C C   . ASN A 1 45  ? -11.297 -8.875  -8.221  1.00 31.09 ? 43  ASN A C   1 
ATOM   342  O O   . ASN A 1 45  ? -11.543 -9.270  -9.365  1.00 31.24 ? 43  ASN A O   1 
ATOM   343  C CB  . ASN A 1 45  ? -13.108 -10.459 -7.427  1.00 34.06 ? 43  ASN A CB  1 
ATOM   344  C CG  . ASN A 1 45  ? -13.361 -11.548 -6.402  1.00 36.78 ? 43  ASN A CG  1 
ATOM   345  O OD1 . ASN A 1 45  ? -12.471 -12.340 -6.077  1.00 38.52 ? 43  ASN A OD1 1 
ATOM   346  N ND2 . ASN A 1 45  ? -14.584 -11.603 -5.894  1.00 37.99 ? 43  ASN A ND2 1 
ATOM   347  N N   . LYS A 1 46  ? -10.430 -7.900  -7.960  1.00 29.81 ? 44  LYS A N   1 
ATOM   348  C CA  . LYS A 1 46  ? -9.668  -7.233  -9.011  1.00 27.91 ? 44  LYS A CA  1 
ATOM   349  C C   . LYS A 1 46  ? -8.387  -6.634  -8.438  1.00 25.84 ? 44  LYS A C   1 
ATOM   350  O O   . LYS A 1 46  ? -8.446  -5.755  -7.567  1.00 23.77 ? 44  LYS A O   1 
ATOM   351  C CB  . LYS A 1 46  ? -10.495 -6.138  -9.694  1.00 30.58 ? 44  LYS A CB  1 
ATOM   352  C CG  . LYS A 1 46  ? -9.866  -5.605  -10.972 1.00 33.95 ? 44  LYS A CG  1 
ATOM   353  C CD  . LYS A 1 46  ? -10.534 -4.326  -11.447 1.00 36.67 ? 44  LYS A CD  1 
ATOM   354  C CE  . LYS A 1 46  ? -9.960  -3.867  -12.782 1.00 37.68 ? 44  LYS A CE  1 
ATOM   355  N NZ  . LYS A 1 46  ? -10.445 -2.508  -13.156 1.00 39.74 ? 44  LYS A NZ  1 
ATOM   356  N N   . PRO A 1 47  ? -7.223  -7.102  -8.918  1.00 24.65 ? 45  PRO A N   1 
ATOM   357  C CA  . PRO A 1 47  ? -5.966  -6.497  -8.480  1.00 24.14 ? 45  PRO A CA  1 
ATOM   358  C C   . PRO A 1 47  ? -5.928  -5.005  -8.792  1.00 23.02 ? 45  PRO A C   1 
ATOM   359  O O   . PRO A 1 47  ? -6.502  -4.548  -9.790  1.00 22.78 ? 45  PRO A O   1 
ATOM   360  C CB  . PRO A 1 47  ? -4.908  -7.248  -9.294  1.00 25.08 ? 45  PRO A CB  1 
ATOM   361  C CG  . PRO A 1 47  ? -5.558  -8.569  -9.613  1.00 25.30 ? 45  PRO A CG  1 
ATOM   362  C CD  . PRO A 1 47  ? -6.997  -8.235  -9.837  1.00 25.62 ? 45  PRO A CD  1 
ATOM   363  N N   . PHE A 1 48  ? -5.268  -4.257  -7.916  1.00 21.11 ? 46  PHE A N   1 
ATOM   364  C CA  . PHE A 1 48  ? -5.139  -2.819  -8.058  1.00 21.28 ? 46  PHE A CA  1 
ATOM   365  C C   . PHE A 1 48  ? -3.809  -2.450  -8.719  1.00 21.27 ? 46  PHE A C   1 
ATOM   366  O O   . PHE A 1 48  ? -2.747  -2.964  -8.344  1.00 19.85 ? 46  PHE A O   1 
ATOM   367  C CB  . PHE A 1 48  ? -5.258  -2.155  -6.682  1.00 20.66 ? 46  PHE A CB  1 
ATOM   368  C CG  . PHE A 1 48  ? -4.980  -0.678  -6.700  1.00 20.74 ? 46  PHE A CG  1 
ATOM   369  C CD1 . PHE A 1 48  ? -3.809  -0.165  -6.145  1.00 20.70 ? 46  PHE A CD1 1 
ATOM   370  C CD2 . PHE A 1 48  ? -5.878  0.199   -7.307  1.00 21.04 ? 46  PHE A CD2 1 
ATOM   371  C CE1 . PHE A 1 48  ? -3.551  1.215   -6.174  1.00 20.56 ? 46  PHE A CE1 1 
ATOM   372  C CE2 . PHE A 1 48  ? -5.625  1.566   -7.346  1.00 21.00 ? 46  PHE A CE2 1 
ATOM   373  C CZ  . PHE A 1 48  ? -4.458  2.073   -6.777  1.00 21.14 ? 46  PHE A CZ  1 
ATOM   374  N N   . LYS A 1 49  ? -3.871  -1.544  -9.693  1.00 22.59 ? 47  LYS A N   1 
ATOM   375  C CA  . LYS A 1 49  ? -2.689  -1.127  -10.435 1.00 24.12 ? 47  LYS A CA  1 
ATOM   376  C C   . LYS A 1 49  ? -2.396  0.357   -10.242 1.00 24.89 ? 47  LYS A C   1 
ATOM   377  O O   . LYS A 1 49  ? -3.304  1.186   -10.316 1.00 25.87 ? 47  LYS A O   1 
ATOM   378  C CB  . LYS A 1 49  ? -2.877  -1.424  -11.924 1.00 24.74 ? 47  LYS A CB  1 
ATOM   379  C CG  . LYS A 1 49  ? -3.121  -2.885  -12.236 1.00 25.49 ? 47  LYS A CG  1 
ATOM   380  C CD  . LYS A 1 49  ? -3.131  -3.129  -13.736 1.00 27.16 ? 47  LYS A CD  1 
ATOM   381  C CE  . LYS A 1 49  ? -3.380  -4.590  -14.045 1.00 27.77 ? 47  LYS A CE  1 
ATOM   382  N NZ  . LYS A 1 49  ? -3.221  -4.846  -15.501 1.00 29.55 ? 47  LYS A NZ  1 
ATOM   383  N N   . PHE A 1 50  ? -1.131  0.682   -9.983  1.00 25.53 ? 48  PHE A N   1 
ATOM   384  C CA  . PHE A 1 50  ? -0.681  2.077   -9.959  1.00 26.46 ? 48  PHE A CA  1 
ATOM   385  C C   . PHE A 1 50  ? 0.748   2.212   -10.483 1.00 28.51 ? 48  PHE A C   1 
ATOM   386  O O   . PHE A 1 50  ? 1.548   1.274   -10.400 1.00 27.61 ? 48  PHE A O   1 
ATOM   387  C CB  . PHE A 1 50  ? -0.809  2.690   -8.555  1.00 25.57 ? 48  PHE A CB  1 
ATOM   388  C CG  . PHE A 1 50  ? 0.266   2.260   -7.599  1.00 24.51 ? 48  PHE A CG  1 
ATOM   389  C CD1 . PHE A 1 50  ? 0.185   1.031   -6.949  1.00 24.19 ? 48  PHE A CD1 1 
ATOM   390  C CD2 . PHE A 1 50  ? 1.367   3.080   -7.344  1.00 24.26 ? 48  PHE A CD2 1 
ATOM   391  C CE1 . PHE A 1 50  ? 1.177   0.628   -6.059  1.00 24.43 ? 48  PHE A CE1 1 
ATOM   392  C CE2 . PHE A 1 50  ? 2.362   2.676   -6.456  1.00 25.22 ? 48  PHE A CE2 1 
ATOM   393  C CZ  . PHE A 1 50  ? 2.266   1.449   -5.812  1.00 25.03 ? 48  PHE A CZ  1 
ATOM   394  N N   . MET A 1 51  ? 1.068   3.388   -11.011 1.00 30.30 ? 49  MET A N   1 
ATOM   395  C CA  . MET A 1 51  ? 2.396   3.642   -11.541 1.00 33.58 ? 49  MET A CA  1 
ATOM   396  C C   . MET A 1 51  ? 3.227   4.431   -10.535 1.00 34.02 ? 49  MET A C   1 
ATOM   397  O O   . MET A 1 51  ? 2.813   5.505   -10.082 1.00 34.06 ? 49  MET A O   1 
ATOM   398  C CB  . MET A 1 51  ? 2.310   4.378   -12.881 1.00 35.78 ? 49  MET A CB  1 
ATOM   399  C CG  . MET A 1 51  ? 3.641   4.477   -13.614 1.00 38.47 ? 49  MET A CG  1 
ATOM   400  S SD  . MET A 1 51  ? 3.535   5.356   -15.182 1.00 42.50 ? 49  MET A SD  1 
ATOM   401  C CE  . MET A 1 51  ? 2.816   4.108   -16.247 1.00 40.59 ? 49  MET A CE  1 
ATOM   402  N N   . LEU A 1 52  ? 4.382   3.877   -10.172 1.00 35.01 ? 50  LEU A N   1 
ATOM   403  C CA  A LEU A 1 52  ? 5.315   4.543   -9.273  0.50 35.84 ? 50  LEU A CA  1 
ATOM   404  C CA  B LEU A 1 52  ? 5.314   4.554   -9.274  0.50 36.09 ? 50  LEU A CA  1 
ATOM   405  C C   . LEU A 1 52  ? 5.838   5.826   -9.924  1.00 36.75 ? 50  LEU A C   1 
ATOM   406  O O   . LEU A 1 52  ? 6.118   5.848   -11.124 1.00 37.26 ? 50  LEU A O   1 
ATOM   407  C CB  A LEU A 1 52  ? 6.478   3.607   -8.934  0.50 35.98 ? 50  LEU A CB  1 
ATOM   408  C CB  B LEU A 1 52  ? 6.489   3.646   -8.901  0.50 36.58 ? 50  LEU A CB  1 
ATOM   409  C CG  A LEU A 1 52  ? 7.340   3.945   -7.717  0.50 35.59 ? 50  LEU A CG  1 
ATOM   410  C CG  B LEU A 1 52  ? 6.411   2.865   -7.589  0.50 36.54 ? 50  LEU A CG  1 
ATOM   411  C CD1 A LEU A 1 52  ? 6.576   3.682   -6.430  0.50 35.82 ? 50  LEU A CD1 1 
ATOM   412  C CD1 B LEU A 1 52  ? 7.799   2.413   -7.178  0.50 37.01 ? 50  LEU A CD1 1 
ATOM   413  C CD2 A LEU A 1 52  ? 8.628   3.139   -7.746  0.50 35.94 ? 50  LEU A CD2 1 
ATOM   414  C CD2 B LEU A 1 52  ? 5.801   3.711   -6.493  0.50 37.20 ? 50  LEU A CD2 1 
ATOM   415  N N   . GLY A 1 53  ? 5.956   6.885   -9.127  1.00 38.43 ? 51  GLY A N   1 
ATOM   416  C CA  . GLY A 1 53  ? 6.481   8.172   -9.593  1.00 40.84 ? 51  GLY A CA  1 
ATOM   417  C C   . GLY A 1 53  ? 5.462   9.125   -10.199 1.00 42.32 ? 51  GLY A C   1 
ATOM   418  O O   . GLY A 1 53  ? 5.824   10.219  -10.638 1.00 42.76 ? 51  GLY A O   1 
ATOM   419  N N   . LYS A 1 54  ? 4.193   8.723   -10.214 1.00 42.86 ? 52  LYS A N   1 
ATOM   420  C CA  . LYS A 1 54  ? 3.133   9.512   -10.850 1.00 43.20 ? 52  LYS A CA  1 
ATOM   421  C C   . LYS A 1 54  ? 2.169   10.189  -9.867  1.00 43.22 ? 52  LYS A C   1 
ATOM   422  O O   . LYS A 1 54  ? 1.093   10.645  -10.266 1.00 44.11 ? 52  LYS A O   1 
ATOM   423  C CB  . LYS A 1 54  ? 2.353   8.649   -11.850 1.00 44.70 ? 52  LYS A CB  1 
ATOM   424  C CG  . LYS A 1 54  ? 3.153   8.229   -13.081 1.00 46.93 ? 52  LYS A CG  1 
ATOM   425  C CD  . LYS A 1 54  ? 3.254   9.340   -14.127 1.00 49.09 ? 52  LYS A CD  1 
ATOM   426  C CE  . LYS A 1 54  ? 2.020   9.386   -15.022 1.00 50.27 ? 52  LYS A CE  1 
ATOM   427  N NZ  . LYS A 1 54  ? 2.084   10.514  -15.992 1.00 52.15 ? 52  LYS A NZ  1 
ATOM   428  N N   . GLN A 1 55  ? 2.565   10.254  -8.594  1.00 42.87 ? 53  GLN A N   1 
ATOM   429  C CA  . GLN A 1 55  ? 1.759   10.860  -7.517  1.00 42.92 ? 53  GLN A CA  1 
ATOM   430  C C   . GLN A 1 55  ? 0.323   10.317  -7.436  1.00 39.49 ? 53  GLN A C   1 
ATOM   431  O O   . GLN A 1 55  ? -0.609  11.048  -7.096  1.00 39.17 ? 53  GLN A O   1 
ATOM   432  C CB  . GLN A 1 55  ? 1.751   12.396  -7.616  1.00 46.09 ? 53  GLN A CB  1 
ATOM   433  C CG  . GLN A 1 55  ? 3.122   13.065  -7.484  1.00 49.98 ? 53  GLN A CG  1 
ATOM   434  C CD  . GLN A 1 55  ? 3.784   13.348  -8.829  1.00 52.35 ? 53  GLN A CD  1 
ATOM   435  O OE1 . GLN A 1 55  ? 3.127   13.762  -9.789  1.00 53.51 ? 53  GLN A OE1 1 
ATOM   436  N NE2 . GLN A 1 55  ? 5.096   13.138  -8.897  1.00 53.94 ? 53  GLN A NE2 1 
ATOM   437  N N   . GLU A 1 56  ? 0.156   9.031   -7.744  1.00 36.38 ? 54  GLU A N   1 
ATOM   438  C CA  . GLU A 1 56  ? -1.167  8.413   -7.806  1.00 34.20 ? 54  GLU A CA  1 
ATOM   439  C C   . GLU A 1 56  ? -1.666  7.945   -6.439  1.00 31.86 ? 54  GLU A C   1 
ATOM   440  O O   . GLU A 1 56  ? -2.873  7.846   -6.210  1.00 33.38 ? 54  GLU A O   1 
ATOM   441  C CB  . GLU A 1 56  ? -1.168  7.238   -8.792  1.00 35.08 ? 54  GLU A CB  1 
ATOM   442  C CG  . GLU A 1 56  ? -1.093  7.657   -10.258 1.00 36.90 ? 54  GLU A CG  1 
ATOM   443  C CD  . GLU A 1 56  ? -0.935  6.487   -11.224 1.00 38.44 ? 54  GLU A CD  1 
ATOM   444  O OE1 . GLU A 1 56  ? -0.641  6.745   -12.409 1.00 39.05 ? 54  GLU A OE1 1 
ATOM   445  O OE2 . GLU A 1 56  ? -1.105  5.320   -10.812 1.00 37.50 ? 54  GLU A OE2 1 
ATOM   446  N N   . VAL A 1 57  ? -0.739  7.666   -5.531  1.00 27.89 ? 55  VAL A N   1 
ATOM   447  C CA  . VAL A 1 57  ? -1.079  7.045   -4.254  1.00 24.80 ? 55  VAL A CA  1 
ATOM   448  C C   . VAL A 1 57  ? -0.511  7.822   -3.071  1.00 23.87 ? 55  VAL A C   1 
ATOM   449  O O   . VAL A 1 57  ? 0.421   8.616   -3.236  1.00 24.53 ? 55  VAL A O   1 
ATOM   450  C CB  . VAL A 1 57  ? -0.621  5.558   -4.198  1.00 24.99 ? 55  VAL A CB  1 
ATOM   451  C CG1 . VAL A 1 57  ? -1.436  4.706   -5.173  1.00 24.36 ? 55  VAL A CG1 1 
ATOM   452  C CG2 . VAL A 1 57  ? 0.873   5.434   -4.503  1.00 25.09 ? 55  VAL A CG2 1 
ATOM   453  N N   . ILE A 1 58  ? -1.077  7.593   -1.889  1.00 22.12 ? 56  ILE A N   1 
ATOM   454  C CA  . ILE A 1 58  ? -0.578  8.201   -0.646  1.00 21.46 ? 56  ILE A CA  1 
ATOM   455  C C   . ILE A 1 58  ? 0.915   7.922   -0.470  1.00 22.90 ? 56  ILE A C   1 
ATOM   456  O O   . ILE A 1 58  ? 1.427   6.920   -0.979  1.00 22.68 ? 56  ILE A O   1 
ATOM   457  C CB  . ILE A 1 58  ? -1.401  7.777   0.600   1.00 20.87 ? 56  ILE A CB  1 
ATOM   458  C CG1 . ILE A 1 58  ? -1.466  6.243   0.732   1.00 19.87 ? 56  ILE A CG1 1 
ATOM   459  C CG2 . ILE A 1 58  ? -2.793  8.385   0.512   1.00 20.15 ? 56  ILE A CG2 1 
ATOM   460  C CD1 . ILE A 1 58  ? -2.109  5.722   2.001   1.00 20.65 ? 56  ILE A CD1 1 
ATOM   461  N N   . ARG A 1 59  ? 1.606   8.826   0.219   1.00 24.41 ? 57  ARG A N   1 
ATOM   462  C CA  . ARG A 1 59  ? 3.062   8.740   0.346   1.00 25.58 ? 57  ARG A CA  1 
ATOM   463  C C   . ARG A 1 59  ? 3.527   7.418   0.955   1.00 24.64 ? 57  ARG A C   1 
ATOM   464  O O   . ARG A 1 59  ? 4.520   6.846   0.497   1.00 25.66 ? 57  ARG A O   1 
ATOM   465  C CB  . ARG A 1 59  ? 3.607   9.921   1.148   1.00 27.53 ? 57  ARG A CB  1 
ATOM   466  C CG  . ARG A 1 59  ? 5.078   10.187  0.881   1.00 29.49 ? 57  ARG A CG  1 
ATOM   467  C CD  . ARG A 1 59  ? 5.553   11.424  1.605   1.00 33.17 ? 57  ARG A CD  1 
ATOM   468  N NE  . ARG A 1 59  ? 7.012   11.462  1.677   1.00 36.30 ? 57  ARG A NE  1 
ATOM   469  C CZ  . ARG A 1 59  ? 7.715   12.434  2.255   1.00 37.90 ? 57  ARG A CZ  1 
ATOM   470  N NH1 . ARG A 1 59  ? 7.099   13.463  2.825   1.00 38.14 ? 57  ARG A NH1 1 
ATOM   471  N NH2 . ARG A 1 59  ? 9.041   12.367  2.269   1.00 38.14 ? 57  ARG A NH2 1 
ATOM   472  N N   . GLY A 1 60  ? 2.795   6.934   1.959   1.00 24.29 ? 58  GLY A N   1 
ATOM   473  C CA  . GLY A 1 60  ? 3.081   5.658   2.617   1.00 24.20 ? 58  GLY A CA  1 
ATOM   474  C C   . GLY A 1 60  ? 3.135   4.493   1.640   1.00 24.29 ? 58  GLY A C   1 
ATOM   475  O O   . GLY A 1 60  ? 3.953   3.585   1.789   1.00 24.25 ? 58  GLY A O   1 
ATOM   476  N N   . TRP A 1 61  ? 2.257   4.515   0.639   1.00 23.13 ? 59  TRP A N   1 
ATOM   477  C CA  . TRP A 1 61  ? 2.295   3.514   -0.424  1.00 22.62 ? 59  TRP A CA  1 
ATOM   478  C C   . TRP A 1 61  ? 3.470   3.738   -1.371  1.00 24.11 ? 59  TRP A C   1 
ATOM   479  O O   . TRP A 1 61  ? 4.229   2.805   -1.642  1.00 24.93 ? 59  TRP A O   1 
ATOM   480  C CB  . TRP A 1 61  ? 0.988   3.513   -1.215  1.00 20.56 ? 59  TRP A CB  1 
ATOM   481  C CG  . TRP A 1 61  ? -0.028  2.541   -0.715  1.00 18.84 ? 59  TRP A CG  1 
ATOM   482  C CD1 . TRP A 1 61  ? -0.613  2.510   0.525   1.00 18.28 ? 59  TRP A CD1 1 
ATOM   483  C CD2 . TRP A 1 61  ? -0.600  1.460   -1.457  1.00 17.72 ? 59  TRP A CD2 1 
ATOM   484  N NE1 . TRP A 1 61  ? -1.513  1.467   0.602   1.00 17.79 ? 59  TRP A NE1 1 
ATOM   485  C CE2 . TRP A 1 61  ? -1.524  0.810   -0.603  1.00 17.49 ? 59  TRP A CE2 1 
ATOM   486  C CE3 . TRP A 1 61  ? -0.426  0.984   -2.766  1.00 17.75 ? 59  TRP A CE3 1 
ATOM   487  C CZ2 . TRP A 1 61  ? -2.275  -0.294  -1.017  1.00 17.14 ? 59  TRP A CZ2 1 
ATOM   488  C CZ3 . TRP A 1 61  ? -1.162  -0.121  -3.176  1.00 16.98 ? 59  TRP A CZ3 1 
ATOM   489  C CH2 . TRP A 1 61  ? -2.080  -0.744  -2.298  1.00 16.73 ? 59  TRP A CH2 1 
ATOM   490  N N   . GLU A 1 62  ? 3.614   4.972   -1.860  1.00 25.64 ? 60  GLU A N   1 
ATOM   491  C CA  . GLU A 1 62  ? 4.666   5.344   -2.810  1.00 28.39 ? 60  GLU A CA  1 
ATOM   492  C C   . GLU A 1 62  ? 6.052   4.912   -2.329  1.00 29.77 ? 60  GLU A C   1 
ATOM   493  O O   . GLU A 1 62  ? 6.871   4.425   -3.120  1.00 30.85 ? 60  GLU A O   1 
ATOM   494  C CB  . GLU A 1 62  ? 4.629   6.863   -3.062  1.00 30.96 ? 60  GLU A CB  1 
ATOM   495  C CG  . GLU A 1 62  ? 5.544   7.367   -4.182  1.00 33.29 ? 60  GLU A CG  1 
ATOM   496  C CD  . GLU A 1 62  ? 5.034   7.055   -5.584  1.00 34.72 ? 60  GLU A CD  1 
ATOM   497  O OE1 . GLU A 1 62  ? 3.825   6.788   -5.759  1.00 35.56 ? 60  GLU A OE1 1 
ATOM   498  O OE2 . GLU A 1 62  ? 5.851   7.082   -6.525  1.00 36.96 ? 60  GLU A OE2 1 
ATOM   499  N N   . GLU A 1 63  ? 6.288   5.073   -1.031  1.00 29.78 ? 61  GLU A N   1 
ATOM   500  C CA  . GLU A 1 63  ? 7.573   4.744   -0.420  1.00 30.73 ? 61  GLU A CA  1 
ATOM   501  C C   . GLU A 1 63  ? 7.635   3.326   0.143   1.00 29.75 ? 61  GLU A C   1 
ATOM   502  O O   . GLU A 1 63  ? 8.706   2.720   0.169   1.00 30.73 ? 61  GLU A O   1 
ATOM   503  C CB  . GLU A 1 63  ? 7.928   5.768   0.659   1.00 32.35 ? 61  GLU A CB  1 
ATOM   504  C CG  . GLU A 1 63  ? 8.238   7.146   0.082   1.00 34.15 ? 61  GLU A CG  1 
ATOM   505  C CD  . GLU A 1 63  ? 8.750   8.145   1.109   1.00 35.25 ? 61  GLU A CD  1 
ATOM   506  O OE1 . GLU A 1 63  ? 9.132   7.741   2.231   1.00 37.28 ? 61  GLU A OE1 1 
ATOM   507  O OE2 . GLU A 1 63  ? 8.771   9.350   0.782   1.00 36.83 ? 61  GLU A OE2 1 
ATOM   508  N N   . GLY A 1 64  ? 6.496   2.807   0.592   1.00 27.24 ? 62  GLY A N   1 
ATOM   509  C CA  . GLY A 1 64  ? 6.423   1.461   1.150   1.00 26.03 ? 62  GLY A CA  1 
ATOM   510  C C   . GLY A 1 64  ? 6.497   0.392   0.079   1.00 24.45 ? 62  GLY A C   1 
ATOM   511  O O   . GLY A 1 64  ? 7.283   -0.556  0.194   1.00 23.25 ? 62  GLY A O   1 
ATOM   512  N N   . VAL A 1 65  ? 5.692   0.541   -0.970  1.00 23.55 ? 63  VAL A N   1 
ATOM   513  C CA  . VAL A 1 65  ? 5.684   -0.438  -2.061  1.00 22.66 ? 63  VAL A CA  1 
ATOM   514  C C   . VAL A 1 65  ? 7.039   -0.439  -2.796  1.00 23.90 ? 63  VAL A C   1 
ATOM   515  O O   . VAL A 1 65  ? 7.510   -1.483  -3.246  1.00 23.48 ? 63  VAL A O   1 
ATOM   516  C CB  . VAL A 1 65  ? 4.472   -0.251  -3.026  1.00 22.01 ? 63  VAL A CB  1 
ATOM   517  C CG1 . VAL A 1 65  ? 4.524   -1.263  -4.166  1.00 21.83 ? 63  VAL A CG1 1 
ATOM   518  C CG2 . VAL A 1 65  ? 3.152   -0.388  -2.253  1.00 21.66 ? 63  VAL A CG2 1 
ATOM   519  N N   . ALA A 1 66  ? 7.677   0.726   -2.880  1.00 24.56 ? 64  ALA A N   1 
ATOM   520  C CA  . ALA A 1 66  ? 9.022   0.815   -3.463  1.00 25.87 ? 64  ALA A CA  1 
ATOM   521  C C   . ALA A 1 66  ? 10.041  -0.070  -2.741  1.00 26.64 ? 64  ALA A C   1 
ATOM   522  O O   . ALA A 1 66  ? 11.029  -0.508  -3.346  1.00 28.05 ? 64  ALA A O   1 
ATOM   523  C CB  . ALA A 1 66  ? 9.500   2.267   -3.488  1.00 26.48 ? 64  ALA A CB  1 
ATOM   524  N N   . GLN A 1 67  ? 9.803   -0.329  -1.457  1.00 26.23 ? 65  GLN A N   1 
ATOM   525  C CA  . GLN A 1 67  ? 10.675  -1.182  -0.642  1.00 26.24 ? 65  GLN A CA  1 
ATOM   526  C C   . GLN A 1 67  ? 10.408  -2.682  -0.821  1.00 24.92 ? 65  GLN A C   1 
ATOM   527  O O   . GLN A 1 67  ? 11.148  -3.517  -0.292  1.00 25.82 ? 65  GLN A O   1 
ATOM   528  C CB  . GLN A 1 67  ? 10.551  -0.827  0.841   1.00 28.42 ? 65  GLN A CB  1 
ATOM   529  C CG  . GLN A 1 67  ? 11.044  0.564   1.207   1.00 30.66 ? 65  GLN A CG  1 
ATOM   530  C CD  . GLN A 1 67  ? 10.802  0.892   2.666   1.00 32.21 ? 65  GLN A CD  1 
ATOM   531  O OE1 . GLN A 1 67  ? 11.100  0.094   3.558   1.00 33.54 ? 65  GLN A OE1 1 
ATOM   532  N NE2 . GLN A 1 67  ? 10.263  2.079   2.919   1.00 33.05 ? 65  GLN A NE2 1 
ATOM   533  N N   . MET A 1 68  ? 9.356   -3.020  -1.560  1.00 22.46 ? 66  MET A N   1 
ATOM   534  C CA  . MET A 1 68  ? 8.958   -4.418  -1.717  1.00 21.02 ? 66  MET A CA  1 
ATOM   535  C C   . MET A 1 68  ? 9.495   -5.020  -3.004  1.00 20.78 ? 66  MET A C   1 
ATOM   536  O O   . MET A 1 68  ? 9.664   -4.317  -3.985  1.00 21.32 ? 66  MET A O   1 
ATOM   537  C CB  . MET A 1 68  ? 7.433   -4.529  -1.688  1.00 20.23 ? 66  MET A CB  1 
ATOM   538  C CG  . MET A 1 68  ? 6.845   -4.053  -0.364  1.00 19.41 ? 66  MET A CG  1 
ATOM   539  S SD  . MET A 1 68  ? 5.040   -4.108  -0.307  1.00 19.05 ? 66  MET A SD  1 
ATOM   540  C CE  . MET A 1 68  ? 4.736   -5.861  -0.571  1.00 17.75 ? 66  MET A CE  1 
ATOM   541  N N   . SER A 1 69  ? 9.750   -6.327  -2.996  1.00 20.48 ? 67  SER A N   1 
ATOM   542  C CA  . SER A 1 69  ? 10.091  -7.033  -4.227  1.00 20.17 ? 67  SER A CA  1 
ATOM   543  C C   . SER A 1 69  ? 8.927   -7.905  -4.687  1.00 19.86 ? 67  SER A C   1 
ATOM   544  O O   . SER A 1 69  ? 8.057   -8.252  -3.881  1.00 19.60 ? 67  SER A O   1 
ATOM   545  C CB  . SER A 1 69  ? 11.363  -7.872  -4.053  1.00 20.27 ? 67  SER A CB  1 
ATOM   546  O OG  . SER A 1 69  ? 11.247  -8.795  -2.985  1.00 20.64 ? 67  SER A OG  1 
ATOM   547  N N   . VAL A 1 70  ? 8.919   -8.263  -5.973  1.00 19.17 ? 68  VAL A N   1 
ATOM   548  C CA  . VAL A 1 70  ? 7.842   -9.077  -6.547  1.00 19.04 ? 68  VAL A CA  1 
ATOM   549  C C   . VAL A 1 70  ? 7.637   -10.362 -5.739  1.00 18.58 ? 68  VAL A C   1 
ATOM   550  O O   . VAL A 1 70  ? 8.602   -11.083 -5.432  1.00 18.02 ? 68  VAL A O   1 
ATOM   551  C CB  . VAL A 1 70  ? 8.089   -9.398  -8.043  1.00 19.84 ? 68  VAL A CB  1 
ATOM   552  C CG1 . VAL A 1 70  ? 7.043   -10.377 -8.568  1.00 20.69 ? 68  VAL A CG1 1 
ATOM   553  C CG2 . VAL A 1 70  ? 8.079   -8.122  -8.865  1.00 20.38 ? 68  VAL A CG2 1 
ATOM   554  N N   . GLY A 1 71  ? 6.380   -10.627 -5.384  1.00 18.23 ? 69  GLY A N   1 
ATOM   555  C CA  . GLY A 1 71  ? 6.026   -11.784 -4.568  1.00 19.06 ? 69  GLY A CA  1 
ATOM   556  C C   . GLY A 1 71  ? 5.864   -11.506 -3.087  1.00 18.76 ? 69  GLY A C   1 
ATOM   557  O O   . GLY A 1 71  ? 5.274   -12.311 -2.365  1.00 20.08 ? 69  GLY A O   1 
ATOM   558  N N   . GLN A 1 72  ? 6.379   -10.365 -2.626  1.00 18.17 ? 70  GLN A N   1 
ATOM   559  C CA  . GLN A 1 72  ? 6.381   -10.034 -1.205  1.00 18.04 ? 70  GLN A CA  1 
ATOM   560  C C   . GLN A 1 72  ? 4.985   -9.652  -0.724  1.00 17.73 ? 70  GLN A C   1 
ATOM   561  O O   . GLN A 1 72  ? 4.235   -9.002  -1.446  1.00 17.54 ? 70  GLN A O   1 
ATOM   562  C CB  . GLN A 1 72  ? 7.365   -8.892  -0.919  1.00 17.97 ? 70  GLN A CB  1 
ATOM   563  C CG  . GLN A 1 72  ? 7.654   -8.640  0.560   1.00 18.40 ? 70  GLN A CG  1 
ATOM   564  C CD  . GLN A 1 72  ? 8.668   -7.546  0.758   1.00 19.23 ? 70  GLN A CD  1 
ATOM   565  O OE1 . GLN A 1 72  ? 9.295   -7.096  -0.200  1.00 20.41 ? 70  GLN A OE1 1 
ATOM   566  N NE2 . GLN A 1 72  ? 8.840   -7.104  2.004   1.00 20.59 ? 70  GLN A NE2 1 
ATOM   567  N N   . ARG A 1 73  ? 4.640   -10.101 0.473   1.00 18.45 ? 71  ARG A N   1 
ATOM   568  C CA  . ARG A 1 73  ? 3.469   -9.610  1.176   1.00 18.98 ? 71  ARG A CA  1 
ATOM   569  C C   . ARG A 1 73  ? 3.965   -8.912  2.432   1.00 19.13 ? 71  ARG A C   1 
ATOM   570  O O   . ARG A 1 73  ? 4.821   -9.439  3.153   1.00 19.39 ? 71  ARG A O   1 
ATOM   571  C CB  . ARG A 1 73  ? 2.508   -10.756 1.497   1.00 21.00 ? 71  ARG A CB  1 
ATOM   572  C CG  . ARG A 1 73  ? 1.122   -10.300 1.927   1.00 23.58 ? 71  ARG A CG  1 
ATOM   573  C CD  . ARG A 1 73  ? 0.119   -11.443 1.845   1.00 26.00 ? 71  ARG A CD  1 
ATOM   574  N NE  . ARG A 1 73  ? -1.198  -11.068 2.368   1.00 27.19 ? 71  ARG A NE  1 
ATOM   575  C CZ  . ARG A 1 73  ? -2.298  -11.812 2.250   1.00 29.15 ? 71  ARG A CZ  1 
ATOM   576  N NH1 . ARG A 1 73  ? -2.259  -12.986 1.623   1.00 29.08 ? 71  ARG A NH1 1 
ATOM   577  N NH2 . ARG A 1 73  ? -3.446  -11.383 2.759   1.00 29.54 ? 71  ARG A NH2 1 
ATOM   578  N N   . ALA A 1 74  ? 3.457   -7.707  2.672   1.00 18.41 ? 72  ALA A N   1 
ATOM   579  C CA  . ALA A 1 74  ? 3.910   -6.906  3.807   1.00 19.19 ? 72  ALA A CA  1 
ATOM   580  C C   . ALA A 1 74  ? 2.777   -6.123  4.443   1.00 19.34 ? 72  ALA A C   1 
ATOM   581  O O   . ALA A 1 74  ? 1.786   -5.794  3.781   1.00 19.23 ? 72  ALA A O   1 
ATOM   582  C CB  . ALA A 1 74  ? 5.037   -5.974  3.387   1.00 19.61 ? 72  ALA A CB  1 
ATOM   583  N N   . LYS A 1 75  ? 2.948   -5.829  5.728   1.00 20.57 ? 73  LYS A N   1 
ATOM   584  C CA  . LYS A 1 75  ? 2.067   -4.935  6.459   1.00 21.22 ? 73  LYS A CA  1 
ATOM   585  C C   . LYS A 1 75  ? 2.694   -3.549  6.439   1.00 21.23 ? 73  LYS A C   1 
ATOM   586  O O   . LYS A 1 75  ? 3.847   -3.361  6.868   1.00 21.46 ? 73  LYS A O   1 
ATOM   587  C CB  . LYS A 1 75  ? 1.890   -5.435  7.892   1.00 22.54 ? 73  LYS A CB  1 
ATOM   588  C CG  . LYS A 1 75  ? 0.948   -4.628  8.767   1.00 24.36 ? 73  LYS A CG  1 
ATOM   589  C CD  . LYS A 1 75  ? 1.160   -5.033  10.222  1.00 27.37 ? 73  LYS A CD  1 
ATOM   590  C CE  . LYS A 1 75  ? 0.182   -4.364  11.159  1.00 30.12 ? 73  LYS A CE  1 
ATOM   591  N NZ  . LYS A 1 75  ? 0.469   -4.751  12.575  1.00 32.69 ? 73  LYS A NZ  1 
ATOM   592  N N   . LEU A 1 76  ? 1.952   -2.587  5.894   1.00 20.84 ? 74  LEU A N   1 
ATOM   593  C CA  . LEU A 1 76  ? 2.378   -1.194  5.864   1.00 21.11 ? 74  LEU A CA  1 
ATOM   594  C C   . LEU A 1 76  ? 1.621   -0.417  6.923   1.00 21.80 ? 74  LEU A C   1 
ATOM   595  O O   . LEU A 1 76  ? 0.400   -0.275  6.844   1.00 21.91 ? 74  LEU A O   1 
ATOM   596  C CB  . LEU A 1 76  ? 2.133   -0.566  4.485   1.00 21.13 ? 74  LEU A CB  1 
ATOM   597  C CG  . LEU A 1 76  ? 3.094   -0.836  3.320   1.00 22.06 ? 74  LEU A CG  1 
ATOM   598  C CD1 . LEU A 1 76  ? 3.384   -2.311  3.085   1.00 23.20 ? 74  LEU A CD1 1 
ATOM   599  C CD2 . LEU A 1 76  ? 2.554   -0.198  2.037   1.00 22.43 ? 74  LEU A CD2 1 
ATOM   600  N N   . THR A 1 77  ? 2.345   0.075   7.925   1.00 22.45 ? 75  THR A N   1 
ATOM   601  C CA  . THR A 1 77  ? 1.745   0.941   8.931   1.00 24.17 ? 75  THR A CA  1 
ATOM   602  C C   . THR A 1 77  ? 2.106   2.387   8.609   1.00 24.72 ? 75  THR A C   1 
ATOM   603  O O   . THR A 1 77  ? 3.287   2.748   8.514   1.00 24.89 ? 75  THR A O   1 
ATOM   604  C CB  . THR A 1 77  ? 2.155   0.537   10.359  1.00 24.16 ? 75  THR A CB  1 
ATOM   605  O OG1 . THR A 1 77  ? 1.705   -0.799  10.614  1.00 24.82 ? 75  THR A OG1 1 
ATOM   606  C CG2 . THR A 1 77  ? 1.519   1.487   11.382  1.00 24.57 ? 75  THR A CG2 1 
ATOM   607  N N   . ILE A 1 78  ? 1.076   3.211   8.422   1.00 24.93 ? 76  ILE A N   1 
ATOM   608  C CA  . ILE A 1 78  ? 1.261   4.520   7.813   1.00 25.19 ? 76  ILE A CA  1 
ATOM   609  C C   . ILE A 1 78  ? 0.729   5.642   8.703   1.00 27.38 ? 76  ILE A C   1 
ATOM   610  O O   . ILE A 1 78  ? -0.457  5.652   9.059   1.00 26.82 ? 76  ILE A O   1 
ATOM   611  C CB  . ILE A 1 78  ? 0.581   4.592   6.412   1.00 24.76 ? 76  ILE A CB  1 
ATOM   612  C CG1 . ILE A 1 78  ? 1.059   3.439   5.512   1.00 24.38 ? 76  ILE A CG1 1 
ATOM   613  C CG2 . ILE A 1 78  ? 0.845   5.933   5.750   1.00 24.79 ? 76  ILE A CG2 1 
ATOM   614  C CD1 . ILE A 1 78  ? 0.304   3.316   4.185   1.00 24.07 ? 76  ILE A CD1 1 
ATOM   615  N N   . SER A 1 79  ? 1.616   6.576   9.054   1.00 29.18 ? 77  SER A N   1 
ATOM   616  C CA  . SER A 1 79  ? 1.239   7.735   9.862   1.00 30.70 ? 77  SER A CA  1 
ATOM   617  C C   . SER A 1 79  ? 0.319   8.658   9.051   1.00 31.27 ? 77  SER A C   1 
ATOM   618  O O   . SER A 1 79  ? 0.494   8.774   7.833   1.00 30.39 ? 77  SER A O   1 
ATOM   619  C CB  . SER A 1 79  ? 2.481   8.492   10.368  1.00 29.11 ? 77  SER A CB  1 
ATOM   620  O OG  . SER A 1 79  ? 3.306   8.931   9.303   1.00 31.75 ? 77  SER A OG  1 
ATOM   621  N N   . PRO A 1 80  ? -0.662  9.311   9.720   1.00 32.62 ? 78  PRO A N   1 
ATOM   622  C CA  . PRO A 1 80  ? -1.608  10.195  9.027   1.00 31.56 ? 78  PRO A CA  1 
ATOM   623  C C   . PRO A 1 80  ? -0.980  11.116  7.983   1.00 30.59 ? 78  PRO A C   1 
ATOM   624  O O   . PRO A 1 80  ? -1.563  11.320  6.930   1.00 29.77 ? 78  PRO A O   1 
ATOM   625  C CB  . PRO A 1 80  ? -2.237  11.020  10.164  1.00 33.25 ? 78  PRO A CB  1 
ATOM   626  C CG  . PRO A 1 80  ? -1.508  10.605  11.434  1.00 31.87 ? 78  PRO A CG  1 
ATOM   627  C CD  . PRO A 1 80  ? -0.970  9.239   11.158  1.00 32.88 ? 78  PRO A CD  1 
ATOM   628  N N   . ASP A 1 81  ? 0.200   11.659  8.272   1.00 30.57 ? 79  ASP A N   1 
ATOM   629  C CA  . ASP A 1 81  ? 0.920   12.551  7.361   1.00 30.91 ? 79  ASP A CA  1 
ATOM   630  C C   . ASP A 1 81  ? 1.425   11.889  6.078   1.00 29.72 ? 79  ASP A C   1 
ATOM   631  O O   . ASP A 1 81  ? 1.686   12.569  5.085   1.00 29.52 ? 79  ASP A O   1 
ATOM   632  C CB  . ASP A 1 81  ? 2.112   13.121  8.096   1.00 31.95 ? 79  ASP A CB  1 
ATOM   633  C CG  . ASP A 1 81  ? 2.896   12.043  8.819   1.00 34.80 ? 79  ASP A CG  1 
ATOM   634  O OD1 . ASP A 1 81  ? 2.399   11.520  9.848   1.00 33.89 ? 79  ASP A OD1 1 
ATOM   635  O OD2 . ASP A 1 81  ? 3.999   11.710  8.352   1.00 34.00 ? 79  ASP A OD2 1 
ATOM   636  N N   . TYR A 1 82  ? 1.594   10.568  6.114   1.00 30.20 ? 80  TYR A N   1 
ATOM   637  C CA  . TYR A 1 82  ? 1.942   9.799   4.919   1.00 29.49 ? 80  TYR A CA  1 
ATOM   638  C C   . TYR A 1 82  ? 0.690   9.145   4.326   1.00 27.21 ? 80  TYR A C   1 
ATOM   639  O O   . TYR A 1 82  ? 0.771   8.387   3.352   1.00 26.59 ? 80  TYR A O   1 
ATOM   640  C CB  . TYR A 1 82  ? 3.010   8.748   5.242   1.00 31.01 ? 80  TYR A CB  1 
ATOM   641  C CG  . TYR A 1 82  ? 4.447   9.203   5.042   1.00 33.29 ? 80  TYR A CG  1 
ATOM   642  C CD1 . TYR A 1 82  ? 4.958   10.314  5.716   1.00 35.12 ? 80  TYR A CD1 1 
ATOM   643  C CD2 . TYR A 1 82  ? 5.302   8.498   4.195   1.00 34.70 ? 80  TYR A CD2 1 
ATOM   644  C CE1 . TYR A 1 82  ? 6.287   10.718  5.542   1.00 36.42 ? 80  TYR A CE1 1 
ATOM   645  C CE2 . TYR A 1 82  ? 6.628   8.893   4.013   1.00 36.34 ? 80  TYR A CE2 1 
ATOM   646  C CZ  . TYR A 1 82  ? 7.113   10.001  4.686   1.00 37.72 ? 80  TYR A CZ  1 
ATOM   647  O OH  . TYR A 1 82  ? 8.424   10.382  4.501   1.00 39.59 ? 80  TYR A OH  1 
ATOM   648  N N   . ALA A 1 83  ? -0.459  9.455   4.926   1.00 24.84 ? 81  ALA A N   1 
ATOM   649  C CA  . ALA A 1 83  ? -1.769  8.989   4.444   1.00 22.34 ? 81  ALA A CA  1 
ATOM   650  C C   . ALA A 1 83  ? -2.679  10.197  4.134   1.00 20.82 ? 81  ALA A C   1 
ATOM   651  O O   . ALA A 1 83  ? -2.343  10.993  3.268   1.00 20.73 ? 81  ALA A O   1 
ATOM   652  C CB  . ALA A 1 83  ? -2.391  8.045   5.441   1.00 22.43 ? 81  ALA A CB  1 
ATOM   653  N N   . TYR A 1 84  ? -3.795  10.345  4.849   1.00 21.16 ? 82  TYR A N   1 
ATOM   654  C CA  . TYR A 1 84  ? -4.781  11.399  4.536   1.00 21.06 ? 82  TYR A CA  1 
ATOM   655  C C   . TYR A 1 84  ? -4.795  12.578  5.510   1.00 23.00 ? 82  TYR A C   1 
ATOM   656  O O   . TYR A 1 84  ? -5.597  13.504  5.363   1.00 22.61 ? 82  TYR A O   1 
ATOM   657  C CB  . TYR A 1 84  ? -6.190  10.811  4.349   1.00 20.34 ? 82  TYR A CB  1 
ATOM   658  C CG  . TYR A 1 84  ? -6.245  9.810   3.220   1.00 19.77 ? 82  TYR A CG  1 
ATOM   659  C CD1 . TYR A 1 84  ? -6.208  8.442   3.477   1.00 19.62 ? 82  TYR A CD1 1 
ATOM   660  C CD2 . TYR A 1 84  ? -6.297  10.239  1.899   1.00 19.81 ? 82  TYR A CD2 1 
ATOM   661  C CE1 . TYR A 1 84  ? -6.236  7.507   2.433   1.00 19.16 ? 82  TYR A CE1 1 
ATOM   662  C CE2 . TYR A 1 84  ? -6.322  9.322   0.851   1.00 19.25 ? 82  TYR A CE2 1 
ATOM   663  C CZ  . TYR A 1 84  ? -6.293  7.968   1.131   1.00 19.35 ? 82  TYR A CZ  1 
ATOM   664  O OH  . TYR A 1 84  ? -6.316  7.068   0.094   1.00 18.88 ? 82  TYR A OH  1 
ATOM   665  N N   . GLY A 1 85  ? -3.895  12.532  6.490   1.00 23.53 ? 83  GLY A N   1 
ATOM   666  C CA  . GLY A 1 85  ? -3.637  13.669  7.378   1.00 23.93 ? 83  GLY A CA  1 
ATOM   667  C C   . GLY A 1 85  ? -4.835  14.185  8.147   1.00 23.15 ? 83  GLY A C   1 
ATOM   668  O O   . GLY A 1 85  ? -5.728  13.422  8.525   1.00 24.26 ? 83  GLY A O   1 
ATOM   669  N N   . ALA A 1 86  ? -4.842  15.499  8.374   1.00 24.92 ? 84  ALA A N   1 
ATOM   670  C CA  . ALA A 1 86  ? -5.913  16.153  9.123   1.00 24.80 ? 84  ALA A CA  1 
ATOM   671  C C   . ALA A 1 86  ? -7.216  16.203  8.327   1.00 24.63 ? 84  ALA A C   1 
ATOM   672  O O   . ALA A 1 86  ? -8.306  16.242  8.905   1.00 25.16 ? 84  ALA A O   1 
ATOM   673  C CB  . ALA A 1 86  ? -5.484  17.559  9.555   1.00 24.92 ? 84  ALA A CB  1 
ATOM   674  N N   . THR A 1 87  ? -7.095  16.163  7.003   1.00 24.83 ? 85  THR A N   1 
ATOM   675  C CA  . THR A 1 87  ? -8.258  16.193  6.115   1.00 23.89 ? 85  THR A CA  1 
ATOM   676  C C   . THR A 1 87  ? -9.077  14.907  6.161   1.00 22.51 ? 85  THR A C   1 
ATOM   677  O O   . THR A 1 87  ? -10.309 14.953  6.216   1.00 23.75 ? 85  THR A O   1 
ATOM   678  C CB  . THR A 1 87  ? -7.838  16.487  4.656   1.00 24.08 ? 85  THR A CB  1 
ATOM   679  O OG1 . THR A 1 87  ? -7.110  17.720  4.597   1.00 26.26 ? 85  THR A OG1 1 
ATOM   680  C CG2 . THR A 1 87  ? -9.055  16.570  3.725   1.00 24.46 ? 85  THR A CG2 1 
ATOM   681  N N   . GLY A 1 88  ? -8.398  13.761  6.124   1.00 20.16 ? 86  GLY A N   1 
ATOM   682  C CA  . GLY A 1 88  ? -9.070  12.470  6.018   1.00 19.00 ? 86  GLY A CA  1 
ATOM   683  C C   . GLY A 1 88  ? -9.574  12.220  4.604   1.00 17.98 ? 86  GLY A C   1 
ATOM   684  O O   . GLY A 1 88  ? -9.189  12.912  3.669   1.00 18.72 ? 86  GLY A O   1 
ATOM   685  N N   . HIS A 1 89  ? -10.421 11.208  4.464   1.00 17.96 ? 87  HIS A N   1 
ATOM   686  C CA  . HIS A 1 89  ? -11.101 10.937  3.197   1.00 18.82 ? 87  HIS A CA  1 
ATOM   687  C C   . HIS A 1 89  ? -12.579 10.859  3.531   1.00 19.04 ? 87  HIS A C   1 
ATOM   688  O O   . HIS A 1 89  ? -13.013 9.929   4.205   1.00 19.24 ? 87  HIS A O   1 
ATOM   689  C CB  . HIS A 1 89  ? -10.620 9.636   2.547   1.00 18.99 ? 87  HIS A CB  1 
ATOM   690  C CG  . HIS A 1 89  ? -10.891 9.577   1.077   1.00 19.41 ? 87  HIS A CG  1 
ATOM   691  N ND1 . HIS A 1 89  ? -12.168 9.584   0.557   1.00 20.74 ? 87  HIS A ND1 1 
ATOM   692  C CD2 . HIS A 1 89  ? -10.051 9.536   0.014   1.00 20.17 ? 87  HIS A CD2 1 
ATOM   693  C CE1 . HIS A 1 89  ? -12.102 9.552   -0.762  1.00 20.39 ? 87  HIS A CE1 1 
ATOM   694  N NE2 . HIS A 1 89  ? -10.830 9.518   -1.116  1.00 20.76 ? 87  HIS A NE2 1 
ATOM   695  N N   . PRO A 1 90  ? -13.359 11.853  3.075   1.00 20.49 ? 88  PRO A N   1 
ATOM   696  C CA  . PRO A 1 90  ? -14.723 12.046  3.572   1.00 21.96 ? 88  PRO A CA  1 
ATOM   697  C C   . PRO A 1 90  ? -15.517 10.755  3.738   1.00 23.05 ? 88  PRO A C   1 
ATOM   698  O O   . PRO A 1 90  ? -15.747 10.039  2.764   1.00 24.85 ? 88  PRO A O   1 
ATOM   699  C CB  . PRO A 1 90  ? -15.354 12.940  2.504   1.00 22.04 ? 88  PRO A CB  1 
ATOM   700  C CG  . PRO A 1 90  ? -14.214 13.772  2.016   1.00 21.69 ? 88  PRO A CG  1 
ATOM   701  C CD  . PRO A 1 90  ? -12.984 12.877  2.080   1.00 21.14 ? 88  PRO A CD  1 
ATOM   702  N N   . GLY A 1 91  ? -15.872 10.453  4.987   1.00 24.83 ? 89  GLY A N   1 
ATOM   703  C CA  . GLY A 1 91  ? -16.748 9.330   5.313   1.00 24.64 ? 89  GLY A CA  1 
ATOM   704  C C   . GLY A 1 91  ? -16.118 7.955   5.260   1.00 24.08 ? 89  GLY A C   1 
ATOM   705  O O   . GLY A 1 91  ? -16.794 6.963   5.527   1.00 24.52 ? 89  GLY A O   1 
ATOM   706  N N   . ILE A 1 92  ? -14.837 7.891   4.904   1.00 22.94 ? 90  ILE A N   1 
ATOM   707  C CA  . ILE A 1 92  ? -14.113 6.617   4.889   1.00 22.56 ? 90  ILE A CA  1 
ATOM   708  C C   . ILE A 1 92  ? -12.989 6.653   5.911   1.00 22.74 ? 90  ILE A C   1 
ATOM   709  O O   . ILE A 1 92  ? -12.891 5.771   6.770   1.00 23.49 ? 90  ILE A O   1 
ATOM   710  C CB  . ILE A 1 92  ? -13.499 6.295   3.504   1.00 22.45 ? 90  ILE A CB  1 
ATOM   711  C CG1 . ILE A 1 92  ? -14.548 6.387   2.392   1.00 22.98 ? 90  ILE A CG1 1 
ATOM   712  C CG2 . ILE A 1 92  ? -12.869 4.899   3.507   1.00 22.53 ? 90  ILE A CG2 1 
ATOM   713  C CD1 . ILE A 1 92  ? -13.948 6.232   1.013   1.00 22.74 ? 90  ILE A CD1 1 
ATOM   714  N N   . ILE A 1 93  ? -12.145 7.671   5.800   1.00 21.44 ? 91  ILE A N   1 
ATOM   715  C CA  . ILE A 1 93  ? -10.989 7.825   6.669   1.00 21.69 ? 91  ILE A CA  1 
ATOM   716  C C   . ILE A 1 93  ? -11.170 9.076   7.517   1.00 21.88 ? 91  ILE A C   1 
ATOM   717  O O   . ILE A 1 93  ? -11.215 10.194  6.991   1.00 20.96 ? 91  ILE A O   1 
ATOM   718  C CB  . ILE A 1 93  ? -9.662  7.917   5.873   1.00 20.84 ? 91  ILE A CB  1 
ATOM   719  C CG1 . ILE A 1 93  ? -9.504  6.740   4.897   1.00 22.04 ? 91  ILE A CG1 1 
ATOM   720  C CG2 . ILE A 1 93  ? -8.461  8.005   6.829   1.00 21.43 ? 91  ILE A CG2 1 
ATOM   721  C CD1 . ILE A 1 93  ? -9.471  5.360   5.531   1.00 21.72 ? 91  ILE A CD1 1 
ATOM   722  N N   . PRO A 1 94  ? -11.287 8.891   8.845   1.00 22.97 ? 92  PRO A N   1 
ATOM   723  C CA  . PRO A 1 94  ? -11.416 10.042  9.721   1.00 23.91 ? 92  PRO A CA  1 
ATOM   724  C C   . PRO A 1 94  ? -10.138 10.864  9.723   1.00 23.52 ? 92  PRO A C   1 
ATOM   725  O O   . PRO A 1 94  ? -9.062  10.340  9.424   1.00 22.75 ? 92  PRO A O   1 
ATOM   726  C CB  . PRO A 1 94  ? -11.624 9.410   11.106  1.00 23.08 ? 92  PRO A CB  1 
ATOM   727  C CG  . PRO A 1 94  ? -12.100 8.037   10.841  1.00 24.23 ? 92  PRO A CG  1 
ATOM   728  C CD  . PRO A 1 94  ? -11.408 7.621   9.582   1.00 23.36 ? 92  PRO A CD  1 
ATOM   729  N N   . PRO A 1 95  ? -10.244 12.161  10.038  1.00 24.59 ? 93  PRO A N   1 
ATOM   730  C CA  . PRO A 1 95  ? -9.058  12.974  10.269  1.00 24.36 ? 93  PRO A CA  1 
ATOM   731  C C   . PRO A 1 95  ? -8.108  12.305  11.274  1.00 25.42 ? 93  PRO A C   1 
ATOM   732  O O   . PRO A 1 95  ? -8.567  11.642  12.210  1.00 26.75 ? 93  PRO A O   1 
ATOM   733  C CB  . PRO A 1 95  ? -9.642  14.250  10.879  1.00 25.14 ? 93  PRO A CB  1 
ATOM   734  C CG  . PRO A 1 95  ? -10.981 14.361  10.255  1.00 24.86 ? 93  PRO A CG  1 
ATOM   735  C CD  . PRO A 1 95  ? -11.484 12.955  10.137  1.00 24.54 ? 93  PRO A CD  1 
ATOM   736  N N   . HIS A 1 96  ? -6.806  12.459  11.051  1.00 25.93 ? 94  HIS A N   1 
ATOM   737  C CA  . HIS A 1 96  ? -5.757  11.985  11.982  1.00 27.17 ? 94  HIS A CA  1 
ATOM   738  C C   . HIS A 1 96  ? -5.655  10.464  12.098  1.00 28.28 ? 94  HIS A C   1 
ATOM   739  O O   . HIS A 1 96  ? -5.276  9.932   13.144  1.00 27.83 ? 94  HIS A O   1 
ATOM   740  C CB  . HIS A 1 96  ? -5.950  12.593  13.381  1.00 26.82 ? 94  HIS A CB  1 
ATOM   741  C CG  . HIS A 1 96  ? -6.477  13.991  13.358  1.00 26.75 ? 94  HIS A CG  1 
ATOM   742  N ND1 . HIS A 1 96  ? -5.752  15.043  12.847  1.00 26.10 ? 94  HIS A ND1 1 
ATOM   743  C CD2 . HIS A 1 96  ? -7.661  14.509  13.767  1.00 26.77 ? 94  HIS A CD2 1 
ATOM   744  C CE1 . HIS A 1 96  ? -6.466  16.152  12.937  1.00 25.43 ? 94  HIS A CE1 1 
ATOM   745  N NE2 . HIS A 1 96  ? -7.628  15.855  13.495  1.00 26.82 ? 94  HIS A NE2 1 
ATOM   746  N N   . ALA A 1 97  ? -5.973  9.761   11.022  1.00 27.49 ? 95  ALA A N   1 
ATOM   747  C CA  . ALA A 1 97  ? -5.974  8.309   11.059  1.00 26.93 ? 95  ALA A CA  1 
ATOM   748  C C   . ALA A 1 97  ? -4.611  7.725   10.697  1.00 25.54 ? 95  ALA A C   1 
ATOM   749  O O   . ALA A 1 97  ? -4.008  8.095   9.681   1.00 25.70 ? 95  ALA A O   1 
ATOM   750  C CB  . ALA A 1 97  ? -7.038  7.761   10.130  1.00 26.25 ? 95  ALA A CB  1 
ATOM   751  N N   . THR A 1 98  ? -4.125  6.842   11.566  1.00 25.73 ? 96  THR A N   1 
ATOM   752  C CA  . THR A 1 98  ? -3.065  5.911   11.195  1.00 25.19 ? 96  THR A CA  1 
ATOM   753  C C   . THR A 1 98  ? -3.724  4.738   10.471  1.00 23.11 ? 96  THR A C   1 
ATOM   754  O O   . THR A 1 98  ? -4.729  4.195   10.928  1.00 24.40 ? 96  THR A O   1 
ATOM   755  C CB  . THR A 1 98  ? -2.289  5.399   12.430  1.00 25.98 ? 96  THR A CB  1 
ATOM   756  O OG1 . THR A 1 98  ? -1.805  6.514   13.182  1.00 27.15 ? 96  THR A OG1 1 
ATOM   757  C CG2 . THR A 1 98  ? -1.095  4.533   12.008  1.00 26.16 ? 96  THR A CG2 1 
ATOM   758  N N   . LEU A 1 99  ? -3.140  4.358   9.339   1.00 23.79 ? 97  LEU A N   1 
ATOM   759  C CA  . LEU A 1 99  ? -3.687  3.303   8.502   1.00 23.29 ? 97  LEU A CA  1 
ATOM   760  C C   . LEU A 1 99  ? -2.763  2.100   8.449   1.00 23.22 ? 97  LEU A C   1 
ATOM   761  O O   . LEU A 1 99  ? -1.543  2.240   8.531   1.00 24.31 ? 97  LEU A O   1 
ATOM   762  C CB  . LEU A 1 99  ? -3.923  3.819   7.085   1.00 23.29 ? 97  LEU A CB  1 
ATOM   763  C CG  . LEU A 1 99  ? -4.809  5.050   6.877   1.00 23.04 ? 97  LEU A CG  1 
ATOM   764  C CD1 . LEU A 1 99  ? -5.003  5.266   5.386   1.00 22.85 ? 97  LEU A CD1 1 
ATOM   765  C CD2 . LEU A 1 99  ? -6.139  4.897   7.571   1.00 22.61 ? 97  LEU A CD2 1 
ATOM   766  N N   . VAL A 1 100 ? -3.366  0.928   8.313   1.00 22.44 ? 98  VAL A N   1 
ATOM   767  C CA  . VAL A 1 100 ? -2.620  -0.314  8.165   1.00 22.20 ? 98  VAL A CA  1 
ATOM   768  C C   . VAL A 1 100 ? -3.071  -0.995  6.874   1.00 21.63 ? 98  VAL A C   1 
ATOM   769  O O   . VAL A 1 100 ? -4.259  -1.270  6.693   1.00 21.65 ? 98  VAL A O   1 
ATOM   770  C CB  . VAL A 1 100 ? -2.838  -1.264  9.369   1.00 23.11 ? 98  VAL A CB  1 
ATOM   771  C CG1 . VAL A 1 100 ? -2.185  -2.614  9.101   1.00 23.53 ? 98  VAL A CG1 1 
ATOM   772  C CG2 . VAL A 1 100 ? -2.274  -0.651  10.649  1.00 24.18 ? 98  VAL A CG2 1 
ATOM   773  N N   . PHE A 1 101 ? -2.121  -1.254  5.975   1.00 19.92 ? 99  PHE A N   1 
ATOM   774  C CA  . PHE A 1 101 ? -2.414  -1.978  4.740   1.00 19.71 ? 99  PHE A CA  1 
ATOM   775  C C   . PHE A 1 101 ? -1.672  -3.312  4.702   1.00 19.80 ? 99  PHE A C   1 
ATOM   776  O O   . PHE A 1 101 ? -0.486  -3.376  5.014   1.00 20.11 ? 99  PHE A O   1 
ATOM   777  C CB  . PHE A 1 101 ? -2.023  -1.159  3.507   1.00 19.01 ? 99  PHE A CB  1 
ATOM   778  C CG  . PHE A 1 101 ? -2.929  0.003   3.225   1.00 18.70 ? 99  PHE A CG  1 
ATOM   779  C CD1 . PHE A 1 101 ? -2.694  1.238   3.815   1.00 19.15 ? 99  PHE A CD1 1 
ATOM   780  C CD2 . PHE A 1 101 ? -4.002  -0.131  2.348   1.00 18.86 ? 99  PHE A CD2 1 
ATOM   781  C CE1 . PHE A 1 101 ? -3.519  2.320   3.550   1.00 19.13 ? 99  PHE A CE1 1 
ATOM   782  C CE2 . PHE A 1 101 ? -4.825  0.954   2.062   1.00 19.28 ? 99  PHE A CE2 1 
ATOM   783  C CZ  . PHE A 1 101 ? -4.589  2.182   2.668   1.00 19.65 ? 99  PHE A CZ  1 
ATOM   784  N N   . ASP A 1 102 ? -2.384  -4.369  4.329   1.00 18.84 ? 100 ASP A N   1 
ATOM   785  C CA  . ASP A 1 102 ? -1.768  -5.638  3.959   1.00 19.48 ? 100 ASP A CA  1 
ATOM   786  C C   . ASP A 1 102 ? -1.626  -5.572  2.432   1.00 18.20 ? 100 ASP A C   1 
ATOM   787  O O   . ASP A 1 102 ? -2.627  -5.469  1.725   1.00 18.50 ? 100 ASP A O   1 
ATOM   788  C CB  . ASP A 1 102 ? -2.686  -6.782  4.411   1.00 22.01 ? 100 ASP A CB  1 
ATOM   789  C CG  . ASP A 1 102 ? -2.133  -8.161  4.114   1.00 25.74 ? 100 ASP A CG  1 
ATOM   790  O OD1 . ASP A 1 102 ? -1.507  -8.374  3.055   1.00 27.02 ? 100 ASP A OD1 1 
ATOM   791  O OD2 . ASP A 1 102 ? -2.371  -9.066  4.944   1.00 28.63 ? 100 ASP A OD2 1 
ATOM   792  N N   . VAL A 1 103 ? -0.388  -5.591  1.933   1.00 16.97 ? 101 VAL A N   1 
ATOM   793  C CA  . VAL A 1 103 ? -0.131  -5.424  0.495   1.00 16.68 ? 101 VAL A CA  1 
ATOM   794  C C   . VAL A 1 103 ? 0.698   -6.589  -0.019  1.00 16.68 ? 101 VAL A C   1 
ATOM   795  O O   . VAL A 1 103 ? 1.698   -6.947  0.592   1.00 16.92 ? 101 VAL A O   1 
ATOM   796  C CB  . VAL A 1 103 ? 0.645   -4.116  0.196   1.00 16.35 ? 101 VAL A CB  1 
ATOM   797  C CG1 . VAL A 1 103 ? 0.904   -3.962  -1.316  1.00 16.45 ? 101 VAL A CG1 1 
ATOM   798  C CG2 . VAL A 1 103 ? -0.102  -2.900  0.733   1.00 16.74 ? 101 VAL A CG2 1 
ATOM   799  N N   . GLU A 1 104 ? 0.271   -7.169  -1.140  1.00 16.59 ? 102 GLU A N   1 
ATOM   800  C CA  . GLU A 1 104 ? 1.042   -8.199  -1.833  1.00 16.87 ? 102 GLU A CA  1 
ATOM   801  C C   . GLU A 1 104 ? 1.392   -7.664  -3.227  1.00 16.83 ? 102 GLU A C   1 
ATOM   802  O O   . GLU A 1 104 ? 0.501   -7.294  -4.006  1.00 17.05 ? 102 GLU A O   1 
ATOM   803  C CB  . GLU A 1 104 ? 0.255   -9.516  -1.919  1.00 17.94 ? 102 GLU A CB  1 
ATOM   804  C CG  . GLU A 1 104 ? 1.031   -10.627 -2.627  1.00 19.77 ? 102 GLU A CG  1 
ATOM   805  C CD  . GLU A 1 104 ? 0.242   -11.918 -2.816  1.00 21.77 ? 102 GLU A CD  1 
ATOM   806  O OE1 . GLU A 1 104 ? -0.946  -11.978 -2.437  1.00 21.61 ? 102 GLU A OE1 1 
ATOM   807  O OE2 . GLU A 1 104 ? 0.826   -12.882 -3.365  1.00 22.54 ? 102 GLU A OE2 1 
ATOM   808  N N   . LEU A 1 105 ? 2.689   -7.614  -3.535  1.00 16.66 ? 103 LEU A N   1 
ATOM   809  C CA  . LEU A 1 105 ? 3.154   -7.158  -4.843  1.00 17.48 ? 103 LEU A CA  1 
ATOM   810  C C   . LEU A 1 105 ? 3.180   -8.363  -5.775  1.00 18.13 ? 103 LEU A C   1 
ATOM   811  O O   . LEU A 1 105 ? 4.042   -9.235  -5.663  1.00 18.21 ? 103 LEU A O   1 
ATOM   812  C CB  . LEU A 1 105 ? 4.532   -6.491  -4.734  1.00 17.57 ? 103 LEU A CB  1 
ATOM   813  C CG  . LEU A 1 105 ? 5.119   -5.928  -6.037  1.00 18.31 ? 103 LEU A CG  1 
ATOM   814  C CD1 . LEU A 1 105 ? 4.188   -4.916  -6.692  1.00 18.52 ? 103 LEU A CD1 1 
ATOM   815  C CD2 . LEU A 1 105 ? 6.465   -5.299  -5.743  1.00 18.39 ? 103 LEU A CD2 1 
ATOM   816  N N   . LEU A 1 106 ? 2.210   -8.409  -6.677  1.00 18.02 ? 104 LEU A N   1 
ATOM   817  C CA  . LEU A 1 106 ? 1.998   -9.578  -7.534  1.00 19.15 ? 104 LEU A CA  1 
ATOM   818  C C   . LEU A 1 106 ? 2.946   -9.611  -8.726  1.00 20.33 ? 104 LEU A C   1 
ATOM   819  O O   . LEU A 1 106 ? 3.546   -10.656 -9.027  1.00 20.72 ? 104 LEU A O   1 
ATOM   820  C CB  . LEU A 1 106 ? 0.539   -9.616  -8.006  1.00 19.02 ? 104 LEU A CB  1 
ATOM   821  C CG  . LEU A 1 106 ? -0.528  -9.651  -6.904  1.00 18.89 ? 104 LEU A CG  1 
ATOM   822  C CD1 . LEU A 1 106 ? -1.907  -9.305  -7.462  1.00 19.36 ? 104 LEU A CD1 1 
ATOM   823  C CD2 . LEU A 1 106 ? -0.536  -11.008 -6.201  1.00 19.42 ? 104 LEU A CD2 1 
ATOM   824  N N   . LYS A 1 107 ? 3.067   -8.475  -9.408  1.00 21.65 ? 105 LYS A N   1 
ATOM   825  C CA  . LYS A 1 107 ? 3.915   -8.347  -10.590 1.00 24.43 ? 105 LYS A CA  1 
ATOM   826  C C   . LYS A 1 107 ? 4.108   -6.887  -10.961 1.00 25.16 ? 105 LYS A C   1 
ATOM   827  O O   . LYS A 1 107 ? 3.433   -5.995  -10.427 1.00 23.28 ? 105 LYS A O   1 
ATOM   828  C CB  . LYS A 1 107 ? 3.335   -9.109  -11.790 1.00 26.28 ? 105 LYS A CB  1 
ATOM   829  C CG  . LYS A 1 107 ? 1.935   -8.696  -12.193 1.00 28.45 ? 105 LYS A CG  1 
ATOM   830  C CD  . LYS A 1 107 ? 1.527   -9.374  -13.485 1.00 31.02 ? 105 LYS A CD  1 
ATOM   831  C CE  . LYS A 1 107 ? 0.092   -9.042  -13.828 1.00 33.19 ? 105 LYS A CE  1 
ATOM   832  N NZ  . LYS A 1 107 ? -0.451  -9.930  -14.895 1.00 34.89 ? 105 LYS A NZ  1 
ATOM   833  N N   . LEU A 1 108 ? 5.036   -6.661  -11.884 1.00 26.28 ? 106 LEU A N   1 
ATOM   834  C CA  . LEU A 1 108 ? 5.274   -5.344  -12.450 1.00 28.95 ? 106 LEU A CA  1 
ATOM   835  C C   . LEU A 1 108 ? 4.950   -5.341  -13.944 1.00 31.43 ? 106 LEU A C   1 
ATOM   836  O O   . LEU A 1 108 ? 5.183   -6.333  -14.645 1.00 31.62 ? 106 LEU A O   1 
ATOM   837  C CB  . LEU A 1 108 ? 6.718   -4.904  -12.198 1.00 28.56 ? 106 LEU A CB  1 
ATOM   838  C CG  . LEU A 1 108 ? 7.204   -4.913  -10.740 1.00 29.35 ? 106 LEU A CG  1 
ATOM   839  C CD1 . LEU A 1 108 ? 8.689   -4.605  -10.662 1.00 29.80 ? 106 LEU A CD1 1 
ATOM   840  C CD2 . LEU A 1 108 ? 6.412   -3.948  -9.855  1.00 29.15 ? 106 LEU A CD2 1 
ATOM   841  N N   . GLU A 1 109 ? 4.409   -4.221  -14.416 1.00 33.93 ? 107 GLU A N   1 
ATOM   842  C CA  . GLU A 1 109 ? 3.951   -4.072  -15.797 1.00 35.99 ? 107 GLU A CA  1 
ATOM   843  C C   . GLU A 1 109 ? 4.502   -2.796  -16.428 1.00 37.46 ? 107 GLU A C   1 
ATOM   844  O O   . GLU A 1 109 ? 5.180   -1.998  -15.782 1.00 36.69 ? 107 GLU A O   1 
ATOM   845  C CB  . GLU A 1 109 ? 2.421   -4.049  -15.853 1.00 38.01 ? 107 GLU A CB  1 
ATOM   846  C CG  . GLU A 1 109 ? 1.764   -5.404  -15.689 1.00 38.07 ? 107 GLU A CG  1 
ATOM   847  C CD  . GLU A 1 109 ? 0.251   -5.363  -15.810 1.00 38.15 ? 107 GLU A CD  1 
ATOM   848  O OE1 . GLU A 1 109 ? -0.341  -4.261  -15.865 1.00 37.27 ? 107 GLU A OE1 1 
ATOM   849  O OE2 . GLU A 1 109 ? -0.353  -6.454  -15.844 1.00 39.02 ? 107 GLU A OE2 1 
ATOM   850  O OXT . GLU A 1 109 ? 4.281   -2.531  -17.612 1.00 39.79 ? 107 GLU A OXT 1 
HETATM 851  C C1  . 818 B 2 .   ? -4.617  5.574   -2.396  1.00 17.19 ? 201 818 A C1  1 
HETATM 852  C C2  . 818 B 2 .   ? -4.617  4.403   -1.439  1.00 16.81 ? 201 818 A C2  1 
HETATM 853  C C3  . 818 B 2 .   ? -3.434  3.438   -1.745  1.00 16.53 ? 201 818 A C3  1 
HETATM 854  C C4  . 818 B 2 .   ? -3.714  2.552   -2.985  1.00 16.21 ? 201 818 A C4  1 
HETATM 855  C C5  . 818 B 2 .   ? -5.048  1.786   -2.790  1.00 16.09 ? 201 818 A C5  1 
HETATM 856  C C6  . 818 B 2 .   ? -6.218  2.760   -2.517  1.00 16.05 ? 201 818 A C6  1 
HETATM 857  C C8  . 818 B 2 .   ? -6.683  3.718   -0.302  1.00 18.33 ? 201 818 A C8  1 
HETATM 858  C C9  . 818 B 2 .   ? -7.939  2.971   -0.185  1.00 19.06 ? 201 818 A C9  1 
HETATM 859  C C10 . 818 B 2 .   ? -9.275  3.565   -0.571  1.00 19.76 ? 201 818 A C10 1 
HETATM 860  C C11 . 818 B 2 .   ? -9.406  5.106   -0.339  1.00 19.67 ? 201 818 A C11 1 
HETATM 861  C C12 . 818 B 2 .   ? -10.578 5.725   -1.158  1.00 20.70 ? 201 818 A C12 1 
HETATM 862  C C13 . 818 B 2 .   ? -10.538 5.273   -2.643  1.00 20.70 ? 201 818 A C13 1 
HETATM 863  C C14 . 818 B 2 .   ? -10.522 3.718   -2.636  1.00 20.30 ? 201 818 A C14 1 
HETATM 864  C C15 . 818 B 2 .   ? -10.520 2.983   -4.010  1.00 20.13 ? 201 818 A C15 1 
HETATM 865  C C16 . 818 B 2 .   ? -9.423  3.506   -4.987  1.00 19.50 ? 201 818 A C16 1 
HETATM 866  C C17 . 818 B 2 .   ? -9.341  2.773   -6.363  1.00 19.67 ? 201 818 A C17 1 
HETATM 867  C C18 . 818 B 2 .   ? -10.408 3.283   -7.375  1.00 19.77 ? 201 818 A C18 1 
HETATM 868  C C19 . 818 B 2 .   ? -9.940  4.600   -7.986  1.00 19.28 ? 201 818 A C19 1 
HETATM 869  C C20 . 818 B 2 .   ? -10.441 5.759   -7.513  1.00 18.86 ? 201 818 A C20 1 
HETATM 870  C C21 . 818 B 2 .   ? -10.097 7.161   -7.973  1.00 19.14 ? 201 818 A C21 1 
HETATM 871  C C22 . 818 B 2 .   ? -8.997  7.629   -7.043  1.00 19.43 ? 201 818 A C22 1 
HETATM 872  C C23 . 818 B 2 .   ? -7.580  7.446   -7.518  1.00 19.55 ? 201 818 A C23 1 
HETATM 873  C C24 . 818 B 2 .   ? -6.482  7.565   -6.434  1.00 19.44 ? 201 818 A C24 1 
HETATM 874  C C25 . 818 B 2 .   ? -6.500  6.443   -5.345  1.00 18.69 ? 201 818 A C25 1 
HETATM 875  C C26 . 818 B 2 .   ? -5.651  6.845   -4.102  1.00 17.67 ? 201 818 A C26 1 
HETATM 876  C C27 . 818 B 2 .   ? -6.125  8.141   -3.462  1.00 17.84 ? 201 818 A C27 1 
HETATM 877  C C28 . 818 B 2 .   ? -5.310  9.215   -3.467  1.00 18.76 ? 201 818 A C28 1 
HETATM 878  C C29 . 818 B 2 .   ? -5.595  10.588  -2.897  1.00 20.11 ? 201 818 A C29 1 
HETATM 879  C C30 . 818 B 2 .   ? -4.431  11.038  -1.967  1.00 20.97 ? 201 818 A C30 1 
HETATM 880  C C31 . 818 B 2 .   ? -4.693  12.471  -1.430  1.00 22.09 ? 201 818 A C31 1 
HETATM 881  C C32 . 818 B 2 .   ? -4.921  13.435  -2.623  1.00 21.79 ? 201 818 A C32 1 
HETATM 882  C C33 . 818 B 2 .   ? -6.089  12.973  -3.531  1.00 21.17 ? 201 818 A C33 1 
HETATM 883  C C34 . 818 B 2 .   ? -5.766  11.567  -4.083  1.00 20.43 ? 201 818 A C34 1 
HETATM 884  C C35 . 818 B 2 .   ? -9.559  5.507   1.159   1.00 20.31 ? 201 818 A C35 1 
HETATM 885  C C36 . 818 B 2 .   ? -9.377  1.226   -6.184  1.00 19.64 ? 201 818 A C36 1 
HETATM 886  C C37 . 818 B 2 .   ? -8.905  4.517   -9.089  1.00 19.50 ? 201 818 A C37 1 
HETATM 887  C C38 . 818 B 2 .   ? -11.361 8.063   -7.923  1.00 19.27 ? 201 818 A C38 1 
HETATM 888  C C39 . 818 B 2 .   ? -11.055 9.522   -8.359  1.00 19.57 ? 201 818 A C39 1 
HETATM 889  C C41 . 818 B 2 .   ? -5.982  5.078   -5.871  1.00 18.74 ? 201 818 A C41 1 
HETATM 890  C C42 . 818 B 2 .   ? -7.515  8.117   -2.856  1.00 18.12 ? 201 818 A C42 1 
HETATM 891  C C43 . 818 B 2 .   ? -11.618 7.130   -3.774  1.00 22.59 ? 201 818 A C43 1 
HETATM 892  C C44 . 818 B 2 .   ? -12.811 2.185   -3.996  1.00 20.90 ? 201 818 A C44 1 
HETATM 893  C C45 . 818 B 2 .   ? -3.640  12.708  0.738   1.00 22.94 ? 201 818 A C45 1 
HETATM 894  N N7  . 818 B 2 .   ? -5.875  3.642   -1.393  1.00 16.68 ? 201 818 A N7  1 
HETATM 895  O O1  . 818 B 2 .   ? -5.716  5.765   -3.146  1.00 17.17 ? 201 818 A O1  1 
HETATM 896  O O2  . 818 B 2 .   ? -3.633  6.295   -2.454  1.00 17.18 ? 201 818 A O2  1 
HETATM 897  O O3  . 818 B 2 .   ? -6.442  4.420   0.668   1.00 19.50 ? 201 818 A O3  1 
HETATM 898  O O4  . 818 B 2 .   ? -7.857  1.827   0.242   1.00 19.23 ? 201 818 A O4  1 
HETATM 899  O O5  . 818 B 2 .   ? -9.326  3.252   -1.976  1.00 20.47 ? 201 818 A O5  1 
HETATM 900  O O6  . 818 B 2 .   ? -10.314 2.842   0.108   1.00 20.01 ? 201 818 A O6  1 
HETATM 901  O O7  . 818 B 2 .   ? -11.676 5.743   -3.402  1.00 22.91 ? 201 818 A O7  1 
HETATM 902  O O8  . 818 B 2 .   ? -11.810 2.985   -4.663  1.00 19.54 ? 201 818 A O8  1 
HETATM 903  O O9  . 818 B 2 .   ? -9.259  8.122   -5.951  1.00 19.39 ? 201 818 A O9  1 
HETATM 904  O O10 . 818 B 2 .   ? -5.200  7.633   -7.076  1.00 20.93 ? 201 818 A O10 1 
HETATM 905  O O11 . 818 B 2 .   ? -3.571  12.983  -0.669  1.00 23.23 ? 201 818 A O11 1 
HETATM 906  O O12 . 818 B 2 .   ? -5.261  14.742  -2.124  1.00 22.65 ? 201 818 A O12 1 
HETATM 907  O O13 . 818 B 2 .   ? -10.682 2.307   -8.406  1.00 21.53 ? 201 818 A O13 1 
HETATM 908  S S   . SO4 C 3 .   ? -3.645  17.770  5.891   1.00 35.31 ? 202 SO4 A S   1 
HETATM 909  O O1  . SO4 C 3 .   ? -3.097  17.218  7.133   1.00 35.37 ? 202 SO4 A O1  1 
HETATM 910  O O2  . SO4 C 3 .   ? -4.256  19.072  6.155   1.00 36.94 ? 202 SO4 A O2  1 
HETATM 911  O O3  . SO4 C 3 .   ? -4.661  16.856  5.355   1.00 34.60 ? 202 SO4 A O3  1 
HETATM 912  O O4  . SO4 C 3 .   ? -2.570  17.943  4.923   1.00 36.30 ? 202 SO4 A O4  1 
HETATM 913  O O   . HOH D 4 .   ? -14.813 10.024  0.481   1.00 31.46 ? 301 HOH A O   1 
HETATM 914  O O   . HOH D 4 .   ? 0.795   -1.566  12.846  1.00 42.19 ? 302 HOH A O   1 
HETATM 915  O O   . HOH D 4 .   ? 5.177   13.555  7.052   1.00 38.97 ? 303 HOH A O   1 
HETATM 916  O O   . HOH D 4 .   ? -0.880  5.374   17.290  1.00 39.67 ? 304 HOH A O   1 
HETATM 917  O O   . HOH D 4 .   ? 12.068  -3.231  -11.575 1.00 46.10 ? 305 HOH A O   1 
HETATM 918  O O   . HOH D 4 .   ? 5.666   -14.697 -0.624  1.00 43.25 ? 306 HOH A O   1 
HETATM 919  O O   . HOH D 4 .   ? -8.143  9.424   13.519  1.00 35.48 ? 307 HOH A O   1 
HETATM 920  O O   . HOH D 4 .   ? -16.071 -10.291 -2.261  1.00 38.08 ? 308 HOH A O   1 
HETATM 921  O O   . HOH D 4 .   ? -12.527 14.217  5.013   1.00 39.80 ? 309 HOH A O   1 
HETATM 922  O O   . HOH D 4 .   ? 10.240  2.415   5.757   1.00 39.51 ? 310 HOH A O   1 
HETATM 923  O O   . HOH D 4 .   ? -0.112  2.082   14.599  1.00 57.35 ? 311 HOH A O   1 
HETATM 924  O O   . HOH D 4 .   ? -4.820  6.347   -9.347  1.00 49.04 ? 312 HOH A O   1 
HETATM 925  O O   . HOH D 4 .   ? 12.206  0.371   -5.541  1.00 32.08 ? 313 HOH A O   1 
HETATM 926  O O   . HOH D 4 .   ? 2.324   8.934   -5.042  1.00 39.87 ? 314 HOH A O   1 
HETATM 927  O O   . HOH D 4 .   ? 3.778   -2.344  9.664   1.00 24.41 ? 315 HOH A O   1 
HETATM 928  O O   . HOH D 4 .   ? 4.100   13.272  4.222   1.00 53.17 ? 316 HOH A O   1 
HETATM 929  O O   . HOH D 4 .   ? -14.259 3.608   7.492   1.00 39.88 ? 317 HOH A O   1 
HETATM 930  O O   . HOH D 4 .   ? 15.154  -14.513 -5.964  1.00 25.41 ? 318 HOH A O   1 
HETATM 931  O O   . HOH D 4 .   ? -11.987 -0.015  -8.281  1.00 55.08 ? 319 HOH A O   1 
HETATM 932  O O   . HOH D 4 .   ? 3.638   -12.856 -7.517  1.00 26.11 ? 320 HOH A O   1 
HETATM 933  O O   . HOH D 4 .   ? -7.128  19.432  2.540   1.00 39.89 ? 321 HOH A O   1 
HETATM 934  O O   . HOH D 4 .   ? -4.874  -8.431  1.773   1.00 30.50 ? 322 HOH A O   1 
HETATM 935  O O   . HOH D 4 .   ? -3.347  8.302   14.459  1.00 26.57 ? 323 HOH A O   1 
HETATM 936  O O   . HOH D 4 .   ? -8.859  1.125   -9.987  1.00 30.55 ? 324 HOH A O   1 
HETATM 937  O O   . HOH D 4 .   ? -2.077  13.613  3.817   1.00 31.50 ? 325 HOH A O   1 
HETATM 938  O O   . HOH D 4 .   ? 2.879   -13.518 -4.986  1.00 38.59 ? 326 HOH A O   1 
HETATM 939  O O   . HOH D 4 .   ? -15.793 -5.720  1.403   1.00 33.12 ? 327 HOH A O   1 
HETATM 940  O O   . HOH D 4 .   ? 10.079  -13.148 -9.046  1.00 28.50 ? 328 HOH A O   1 
HETATM 941  O O   . HOH D 4 .   ? 2.202   7.074   -7.961  1.00 34.79 ? 329 HOH A O   1 
HETATM 942  O O   . HOH D 4 .   ? -1.810  -11.568 5.815   1.00 35.52 ? 330 HOH A O   1 
HETATM 943  O O   . HOH D 4 .   ? 3.526   1.823   14.755  1.00 33.68 ? 331 HOH A O   1 
HETATM 944  O O   . HOH D 4 .   ? -11.973 -11.517 -0.627  1.00 40.57 ? 332 HOH A O   1 
HETATM 945  O O   . HOH D 4 .   ? -13.582 11.512  6.901   1.00 27.50 ? 333 HOH A O   1 
HETATM 946  O O   . HOH D 4 .   ? -9.238  18.445  10.184  1.00 43.59 ? 334 HOH A O   1 
HETATM 947  O O   . HOH D 4 .   ? 11.963  -7.733  -0.593  1.00 23.78 ? 335 HOH A O   1 
HETATM 948  O O   . HOH D 4 .   ? -0.914  -14.408 -4.784  1.00 36.13 ? 336 HOH A O   1 
HETATM 949  O O   . HOH D 4 .   ? -5.156  16.705  -4.001  1.00 35.13 ? 337 HOH A O   1 
HETATM 950  O O   . HOH D 4 .   ? 5.843   4.255   -18.049 1.00 47.24 ? 338 HOH A O   1 
HETATM 951  O O   . HOH D 4 .   ? -0.099  10.945  1.731   1.00 21.77 ? 339 HOH A O   1 
HETATM 952  O O   . HOH D 4 .   ? 14.651  -8.900  -11.477 1.00 33.84 ? 340 HOH A O   1 
HETATM 953  O O   . HOH D 4 .   ? 11.507  -9.028  3.542   1.00 33.14 ? 341 HOH A O   1 
HETATM 954  O O   . HOH D 4 .   ? -13.261 2.418   -9.294  1.00 36.59 ? 342 HOH A O   1 
HETATM 955  O O   . HOH D 4 .   ? 8.795   -6.050  12.404  1.00 50.23 ? 343 HOH A O   1 
HETATM 956  O O   . HOH D 4 .   ? -14.452 0.893   7.672   1.00 56.24 ? 344 HOH A O   1 
HETATM 957  O O   . HOH D 4 .   ? -6.702  10.927  7.942   1.00 20.72 ? 345 HOH A O   1 
HETATM 958  O O   . HOH D 4 .   ? 9.861   5.382   3.434   1.00 60.21 ? 346 HOH A O   1 
HETATM 959  O O   . HOH D 4 .   ? -10.549 11.934  14.089  1.00 37.52 ? 347 HOH A O   1 
HETATM 960  O O   . HOH D 4 .   ? -14.213 5.964   -2.359  1.00 32.46 ? 348 HOH A O   1 
HETATM 961  O O   . HOH D 4 .   ? 0.165   14.856  4.897   1.00 42.96 ? 349 HOH A O   1 
HETATM 962  O O   . HOH D 4 .   ? -2.576  -8.380  0.517   1.00 25.63 ? 350 HOH A O   1 
HETATM 963  O O   . HOH D 4 .   ? 13.710  -2.669  0.265   1.00 34.11 ? 351 HOH A O   1 
HETATM 964  O O   . HOH D 4 .   ? -3.497  4.168   -10.021 1.00 46.05 ? 352 HOH A O   1 
HETATM 965  O O   . HOH D 4 .   ? 7.737   -14.702 -3.213  1.00 32.31 ? 353 HOH A O   1 
HETATM 966  O O   . HOH D 4 .   ? -9.610  11.110  -3.033  1.00 50.25 ? 354 HOH A O   1 
HETATM 967  O O   . HOH D 4 .   ? 4.801   -12.313 -10.879 1.00 27.70 ? 355 HOH A O   1 
HETATM 968  O O   . HOH D 4 .   ? -6.838  -5.526  -12.377 1.00 38.77 ? 356 HOH A O   1 
HETATM 969  O O   . HOH D 4 .   ? 10.815  -4.875  2.120   1.00 30.89 ? 357 HOH A O   1 
HETATM 970  O O   . HOH D 4 .   ? -5.022  8.879   7.199   1.00 24.19 ? 358 HOH A O   1 
HETATM 971  O O   . HOH D 4 .   ? -8.635  18.461  13.547  1.00 50.67 ? 359 HOH A O   1 
HETATM 972  O O   . HOH D 4 .   ? 11.174  4.005   -0.085  1.00 39.27 ? 360 HOH A O   1 
HETATM 973  O O   . HOH D 4 .   ? 10.125  2.738   -15.824 1.00 50.35 ? 361 HOH A O   1 
HETATM 974  O O   . HOH D 4 .   ? -1.741  11.030  -4.531  1.00 54.43 ? 362 HOH A O   1 
HETATM 975  O O   . HOH D 4 .   ? -3.238  -13.167 -4.082  1.00 41.49 ? 363 HOH A O   1 
HETATM 976  O O   . HOH D 4 .   ? -1.096  -1.707  -16.775 1.00 51.66 ? 364 HOH A O   1 
HETATM 977  O O   . HOH D 4 .   ? -16.602 -9.055  -5.856  1.00 30.55 ? 365 HOH A O   1 
HETATM 978  O O   . HOH D 4 .   ? 1.715   12.821  2.277   1.00 44.27 ? 366 HOH A O   1 
HETATM 979  O O   . HOH D 4 .   ? 13.312  -11.966 -0.058  1.00 31.03 ? 367 HOH A O   1 
HETATM 980  O O   . HOH D 4 .   ? -15.900 -5.698  -8.232  1.00 38.16 ? 368 HOH A O   1 
HETATM 981  O O   . HOH D 4 .   ? -4.002  15.361  3.050   1.00 29.64 ? 369 HOH A O   1 
HETATM 982  O O   . HOH D 4 .   ? -8.835  -2.964  -7.295  1.00 21.16 ? 370 HOH A O   1 
HETATM 983  O O   . HOH D 4 .   ? -0.475  16.134  7.192   1.00 38.14 ? 371 HOH A O   1 
HETATM 984  O O   . HOH D 4 .   ? 5.026   10.082  -7.183  1.00 47.46 ? 372 HOH A O   1 
HETATM 985  O O   . HOH D 4 .   ? -6.978  5.248   12.314  1.00 40.40 ? 373 HOH A O   1 
HETATM 986  O O   . HOH D 4 .   ? -10.114 -9.071  2.255   1.00 54.49 ? 374 HOH A O   1 
HETATM 987  O O   . HOH D 4 .   ? -0.783  9.507   -13.122 1.00 64.15 ? 375 HOH A O   1 
HETATM 988  O O   . HOH D 4 .   ? 4.219   -13.764 8.768   1.00 43.39 ? 376 HOH A O   1 
HETATM 989  O O   . HOH D 4 .   ? 10.072  -0.252  7.871   1.00 35.40 ? 377 HOH A O   1 
HETATM 990  O O   . HOH D 4 .   ? 9.193   5.706   -4.198  1.00 40.51 ? 378 HOH A O   1 
HETATM 991  O O   . HOH D 4 .   ? 8.486   -13.548 -6.887  1.00 28.05 ? 379 HOH A O   1 
HETATM 992  O O   . HOH D 4 .   ? 9.048   6.051   5.903   1.00 38.18 ? 380 HOH A O   1 
HETATM 993  O O   . HOH D 4 .   ? 6.464   -16.058 6.103   1.00 48.37 ? 381 HOH A O   1 
HETATM 994  O O   . HOH D 4 .   ? -7.971  20.017  6.145   1.00 57.04 ? 382 HOH A O   1 
HETATM 995  O O   . HOH D 4 .   ? -0.794  12.115  -0.603  1.00 43.47 ? 383 HOH A O   1 
HETATM 996  O O   . HOH D 4 .   ? -18.106 8.499   2.008   1.00 27.23 ? 384 HOH A O   1 
HETATM 997  O O   . HOH D 4 .   ? 1.005   6.381   14.004  1.00 30.57 ? 385 HOH A O   1 
HETATM 998  O O   . HOH D 4 .   ? -5.840  6.155   14.283  1.00 35.13 ? 386 HOH A O   1 
HETATM 999  O O   . HOH D 4 .   ? -6.673  13.941  2.555   1.00 22.56 ? 387 HOH A O   1 
HETATM 1000 O O   . HOH D 4 .   ? -6.382  15.647  0.445   1.00 27.05 ? 388 HOH A O   1 
HETATM 1001 O O   . HOH D 4 .   ? -13.699 -12.156 -3.136  1.00 55.01 ? 389 HOH A O   1 
HETATM 1002 O O   . HOH D 4 .   ? 4.365   4.421   10.692  1.00 25.96 ? 390 HOH A O   1 
HETATM 1003 O O   . HOH D 4 .   ? -0.099  -14.475 0.266   1.00 49.31 ? 391 HOH A O   1 
HETATM 1004 O O   . HOH D 4 .   ? 6.271   9.977   11.391  1.00 17.61 ? 392 HOH A O   1 
HETATM 1005 O O   . HOH D 4 .   ? -5.304  -9.266  4.529   1.00 48.42 ? 393 HOH A O   1 
HETATM 1006 O O   . HOH D 4 .   ? -1.988  18.986  9.260   1.00 43.09 ? 394 HOH A O   1 
HETATM 1007 O O   . HOH D 4 .   ? 9.071   12.296  6.705   1.00 47.56 ? 395 HOH A O   1 
HETATM 1008 O O   . HOH D 4 .   ? -7.466  -12.741 -3.098  1.00 38.14 ? 396 HOH A O   1 
HETATM 1009 O O   . HOH D 4 .   ? -6.538  -1.641  -11.072 1.00 43.10 ? 397 HOH A O   1 
HETATM 1010 O O   . HOH D 4 .   ? 6.911   -8.910  -12.559 1.00 28.53 ? 398 HOH A O   1 
HETATM 1011 O O   . HOH D 4 .   ? 13.048  -14.127 -12.263 1.00 46.07 ? 399 HOH A O   1 
HETATM 1012 O O   . HOH D 4 .   ? -6.446  8.766   15.666  1.00 42.85 ? 400 HOH A O   1 
HETATM 1013 O O   . HOH D 4 .   ? 13.232  4.430   -9.882  1.00 44.55 ? 401 HOH A O   1 
HETATM 1014 O O   . HOH D 4 .   ? 10.169  -7.215  8.103   1.00 42.48 ? 402 HOH A O   1 
HETATM 1015 O O   . HOH D 4 .   ? 14.718  -11.887 -13.191 1.00 46.32 ? 403 HOH A O   1 
HETATM 1016 O O   . HOH D 4 .   ? 11.249  -9.937  0.789   1.00 26.88 ? 404 HOH A O   1 
HETATM 1017 O O   . HOH D 4 .   ? -3.127  15.897  0.095   1.00 40.87 ? 405 HOH A O   1 
HETATM 1018 O O   . HOH D 4 .   ? -15.151 6.629   8.645   1.00 49.40 ? 406 HOH A O   1 
HETATM 1019 O O   . HOH D 4 .   ? -17.583 -11.468 -6.508  1.00 61.58 ? 407 HOH A O   1 
HETATM 1020 O O   . HOH D 4 .   ? -3.679  10.922  -6.880  1.00 35.86 ? 408 HOH A O   1 
HETATM 1021 O O   . HOH D 4 .   ? -3.474  17.126  12.696  1.00 34.36 ? 409 HOH A O   1 
HETATM 1022 O O   . HOH D 4 .   ? 11.507  -5.133  -13.314 1.00 36.21 ? 410 HOH A O   1 
HETATM 1023 O O   . HOH D 4 .   ? -13.618 1.196   14.347  1.00 61.07 ? 411 HOH A O   1 
HETATM 1024 O O   . HOH D 4 .   ? 16.453  -6.931  -10.978 1.00 46.75 ? 412 HOH A O   1 
HETATM 1025 O O   . HOH D 4 .   ? 11.965  3.145   -6.643  1.00 53.21 ? 413 HOH A O   1 
HETATM 1026 O O   . HOH D 4 .   ? -8.202  4.045   14.360  1.00 46.62 ? 414 HOH A O   1 
HETATM 1027 O O   . HOH D 4 .   ? -9.334  -11.807 -4.870  1.00 48.23 ? 415 HOH A O   1 
HETATM 1028 O O   . HOH D 4 .   ? -3.063  13.943  11.623  1.00 30.06 ? 416 HOH A O   1 
HETATM 1029 O O   . HOH D 4 .   ? -0.867  2.038   -13.728 1.00 52.28 ? 417 HOH A O   1 
HETATM 1030 O O   . HOH D 4 .   ? -3.393  4.493   -12.824 1.00 44.01 ? 418 HOH A O   1 
HETATM 1031 O O   . HOH D 4 .   ? 1.820   -8.464  -16.960 1.00 42.93 ? 419 HOH A O   1 
HETATM 1032 O O   . HOH D 4 .   ? 9.424   4.130   9.332   1.00 34.17 ? 420 HOH A O   1 
HETATM 1033 O O   . HOH D 4 .   ? 1.403   -14.623 3.129   1.00 40.22 ? 421 HOH A O   1 
HETATM 1034 O O   . HOH D 4 .   ? 13.475  -16.022 -7.412  1.00 33.61 ? 422 HOH A O   1 
HETATM 1035 O O   . HOH D 4 .   ? 0.177   11.876  -2.955  1.00 52.11 ? 423 HOH A O   1 
HETATM 1036 O O   . HOH D 4 .   ? -5.253  -4.498  6.674   1.00 24.51 ? 424 HOH A O   1 
HETATM 1037 O O   . HOH D 4 .   ? -8.966  -11.312 -7.469  1.00 36.53 ? 425 HOH A O   1 
HETATM 1038 O O   . HOH D 4 .   ? -3.112  11.619  -9.183  1.00 46.26 ? 426 HOH A O   1 
HETATM 1039 O O   . HOH D 4 .   ? 11.284  -3.157  4.331   1.00 43.21 ? 427 HOH A O   1 
HETATM 1040 O O   . HOH D 4 .   ? -5.526  -13.891 1.919   1.00 38.82 ? 428 HOH A O   1 
HETATM 1041 O O   . HOH D 4 .   ? -3.981  -0.460  17.761  1.00 45.31 ? 429 HOH A O   1 
HETATM 1042 O O   . HOH D 4 .   ? 6.188   -18.088 3.556   1.00 61.14 ? 430 HOH A O   1 
HETATM 1043 O O   . HOH D 4 .   ? 8.514   -13.479 6.325   1.00 33.50 ? 431 HOH A O   1 
HETATM 1044 O O   . HOH D 4 .   ? -3.148  -8.401  -13.473 1.00 49.34 ? 432 HOH A O   1 
HETATM 1045 O O   . HOH D 4 .   ? 9.439   15.750  3.928   1.00 50.89 ? 433 HOH A O   1 
HETATM 1046 O O   . HOH D 4 .   ? -2.150  14.163  -7.742  0.50 52.92 ? 434 HOH A O   1 
HETATM 1047 O O   . HOH D 4 .   ? -6.820  -2.286  -13.617 1.00 47.61 ? 435 HOH A O   1 
HETATM 1048 O O   . HOH D 4 .   ? -1.436  -6.775  7.651   1.00 43.24 ? 436 HOH A O   1 
HETATM 1049 O O   . HOH D 4 .   ? -19.914 7.960   3.865   1.00 34.13 ? 437 HOH A O   1 
HETATM 1050 O O   . HOH D 4 .   ? 3.162   6.128   12.402  1.00 34.11 ? 438 HOH A O   1 
HETATM 1051 O O   . HOH D 4 .   ? 11.075  -15.662 -9.210  1.00 42.24 ? 439 HOH A O   1 
HETATM 1052 O O   . HOH D 4 .   ? -8.658  -1.511  -9.540  1.00 28.82 ? 440 HOH A O   1 
HETATM 1053 O O   . HOH D 4 .   ? 6.373   8.030   -14.170 1.00 48.02 ? 441 HOH A O   1 
HETATM 1054 O O   . HOH D 4 .   ? -10.240 19.769  4.239   1.00 53.96 ? 442 HOH A O   1 
HETATM 1055 O O   . HOH D 4 .   ? -3.436  -9.816  -17.189 1.00 47.66 ? 443 HOH A O   1 
HETATM 1056 O O   . HOH D 4 .   ? -4.591  10.978  16.710  1.00 40.24 ? 444 HOH A O   1 
HETATM 1057 O O   . HOH D 4 .   ? -4.317  18.439  -1.975  1.00 45.94 ? 445 HOH A O   1 
HETATM 1058 O O   . HOH D 4 .   ? 17.234  -10.713 -0.628  1.00 37.68 ? 446 HOH A O   1 
HETATM 1059 O O   . HOH D 4 .   ? -15.191 8.826   -1.772  0.50 35.65 ? 447 HOH A O   1 
HETATM 1060 O O   . HOH D 4 .   ? -1.717  -13.606 -14.520 1.00 35.10 ? 448 HOH A O   1 
HETATM 1061 O O   . HOH D 4 .   ? -11.275 14.523  14.384  1.00 56.08 ? 449 HOH A O   1 
HETATM 1062 O O   . HOH D 4 .   ? 8.515   14.894  6.288   1.00 65.14 ? 450 HOH A O   1 
HETATM 1063 O O   . HOH D 4 .   ? 12.751  -6.743  2.876   1.00 38.00 ? 451 HOH A O   1 
HETATM 1064 O O   . HOH D 4 .   ? 1.564   -11.541 -18.129 1.00 49.10 ? 452 HOH A O   1 
HETATM 1065 O O   . HOH D 4 .   ? 0.181   -12.383 -10.723 1.00 45.85 ? 453 HOH A O   1 
HETATM 1066 O O   . HOH D 4 .   ? -8.850  11.813  16.357  1.00 39.19 ? 454 HOH A O   1 
HETATM 1067 O O   . HOH D 4 .   ? 1.472   -14.273 -9.031  1.00 27.16 ? 455 HOH A O   1 
HETATM 1068 O O   . HOH D 4 .   ? -14.177 14.031  7.487   1.00 40.36 ? 456 HOH A O   1 
HETATM 1069 O O   . HOH D 4 .   ? -13.358 -3.145  -10.207 1.00 51.60 ? 457 HOH A O   1 
HETATM 1070 O O   . HOH D 4 .   ? 9.418   -12.172 -11.444 1.00 39.50 ? 458 HOH A O   1 
HETATM 1071 O O   . HOH D 4 .   ? 5.927   -14.412 -7.391  1.00 27.00 ? 459 HOH A O   1 
HETATM 1072 O O   . HOH D 4 .   ? 14.625  3.981   -12.157 1.00 61.00 ? 460 HOH A O   1 
HETATM 1073 O O   . HOH D 4 .   ? -6.259  18.337  0.200   1.00 34.86 ? 461 HOH A O   1 
HETATM 1074 O O   . HOH D 4 .   ? 9.281   -7.581  -13.505 1.00 33.51 ? 462 HOH A O   1 
HETATM 1075 O O   . HOH D 4 .   ? 12.338  -11.332 4.693   1.00 41.88 ? 463 HOH A O   1 
HETATM 1076 O O   . HOH D 4 .   ? 4.543   10.683  -2.745  1.00 47.31 ? 464 HOH A O   1 
HETATM 1077 O O   . HOH D 4 .   ? 2.135   -16.711 -5.558  1.00 36.18 ? 465 HOH A O   1 
HETATM 1078 O O   . HOH D 4 .   ? -9.076  6.797   12.712  1.00 37.18 ? 466 HOH A O   1 
HETATM 1079 O O   . HOH D 4 .   ? -13.866 13.734  12.559  1.00 51.14 ? 467 HOH A O   1 
HETATM 1080 O O   . HOH D 4 .   ? 3.842   -11.718 -15.605 1.00 39.89 ? 468 HOH A O   1 
HETATM 1081 O O   . HOH D 4 .   ? 5.355   -14.886 -10.023 0.50 31.83 ? 469 HOH A O   1 
HETATM 1082 O O   . HOH D 4 .   ? 14.450  -6.833  0.292   1.00 37.42 ? 470 HOH A O   1 
HETATM 1083 O O   . HOH D 4 .   ? 6.931   -11.490 -12.351 1.00 35.50 ? 471 HOH A O   1 
# 
